data_7DSX
#
_entry.id   7DSX
#
_cell.length_a   1.00
_cell.length_b   1.00
_cell.length_c   1.00
_cell.angle_alpha   90.00
_cell.angle_beta   90.00
_cell.angle_gamma   90.00
#
_symmetry.space_group_name_H-M   'P 1'
#
loop_
_entity.id
_entity.type
_entity.pdbx_description
1 polymer 'Calcineurin B homologous protein 1'
2 polymer 'Sodium/hydrogen exchanger 1'
3 non-polymer '(1S)-2-{[{[(2R)-2,3-DIHYDROXYPROPYL]OXY}(HYDROXY)PHOSPHORYL]OXY}-1-[(PALMITOYLOXY)METHYL]ETHYL STEARATE'
4 non-polymer N-[bis(azanyl)methylidene]-3-methylsulfonyl-4-propan-2-yl-benzamide
#
loop_
_entity_poly.entity_id
_entity_poly.type
_entity_poly.pdbx_seq_one_letter_code
_entity_poly.pdbx_strand_id
1 'polypeptide(L)'
;DEELEEIKKETGFSHSQITRLYSRFTSLDKGENGTLSREDFQRIPELAINPLGDRIINAFFPEGEDQVNFRGFMRTLAHF
RPIEDNEKSKDVNGPEPLNSRSNKLHFAFRLYDLDKDEKISRDELLQVLRMMVGVNISDEQLGSIADRTIQEADQDGDSA
ASFTEFVKVLEKVDVEQKMSIRFLH
;
D,C
2 'polypeptide(L)'
;PRKAFPVLGIDYTHVRTPFEISLWILLACLMKIGFHVIPTISSIVPESCLLIVVGLLVGGLIKGVGETPPFLQSDVFFLF
LLPPIILDAGYFLPLRQFTENLGTILIFAVVGTLWNAFFLGGLMYAVCLVGGEQINNIGLLDNLLFGSIISAVDPVAVLA
VFEEIHINELLHILVFGESLLNDAVTVVLYHLFEEFANYEHVGIVDIFLGFLSFFVVALGGVLVGVVYGVIAAFTSRFTS
HIRVIEPLFVFLYSYMAYLSAELFHLSGIMALIASGVVMRPYVEANISHKSHTTIKYFLKMWSSVSETLIFIFLGVSTVA
GSHHWNWTFVISTLLFCLIARVLGVLGLTWFINKFRIVKLTPKDQFIIAYGGLRGAIAFSLGYLLDKKHFPMCDLFLTAI
ITVIFFTVFVQGMTIRPLVDLLAVKKKQETKRSINEEIHTQFLDHLLTGIEDICGHYGHHHWKDKLNRFNKKYVKKCLIA
GERSKEPQLIAFYHKMEMKQAIELVESGG
;
B,A
#
loop_
_chem_comp.id
_chem_comp.type
_chem_comp.name
_chem_comp.formula
HG0 non-polymer N-[bis(azanyl)methylidene]-3-methylsulfonyl-4-propan-2-yl-benzamide 'C12 H17 N3 O3 S'
PGT non-polymer '(1S)-2-{[{[(2R)-2,3-DIHYDROXYPROPYL]OXY}(HYDROXY)PHOSPHORYL]OXY}-1-[(PALMITOYLOXY)METHYL]ETHYL STEARATE' 'C40 H79 O10 P'
#
# COMPACT_ATOMS: atom_id res chain seq x y z
N ASP A 1 46.96 46.48 18.76
CA ASP A 1 46.44 45.14 18.96
C ASP A 1 46.57 44.72 20.41
N GLU A 2 45.48 44.24 20.98
CA GLU A 2 45.46 43.81 22.38
C GLU A 2 46.19 42.47 22.50
N GLU A 3 46.27 41.95 23.71
CA GLU A 3 46.89 40.65 23.95
C GLU A 3 45.90 39.56 23.56
N LEU A 4 46.22 38.81 22.50
CA LEU A 4 45.33 37.77 22.01
C LEU A 4 46.04 36.47 21.65
N GLU A 5 47.38 36.43 21.63
CA GLU A 5 48.07 35.22 21.23
C GLU A 5 47.93 34.10 22.25
N GLU A 6 47.96 34.45 23.55
CA GLU A 6 47.84 33.42 24.58
C GLU A 6 46.45 32.80 24.55
N ILE A 7 45.42 33.61 24.30
CA ILE A 7 44.09 33.07 24.08
C ILE A 7 44.08 32.18 22.85
N LYS A 8 44.73 32.63 21.77
CA LYS A 8 44.81 31.87 20.53
C LYS A 8 45.45 30.51 20.72
N LYS A 9 46.43 30.38 21.62
CA LYS A 9 47.00 29.09 21.95
C LYS A 9 46.10 28.30 22.89
N GLU A 10 45.59 28.94 23.95
CA GLU A 10 44.79 28.24 24.95
C GLU A 10 43.49 27.74 24.34
N THR A 11 42.85 28.57 23.52
CA THR A 11 41.59 28.18 22.90
C THR A 11 41.82 27.36 21.64
N GLY A 12 42.48 27.95 20.65
CA GLY A 12 42.67 27.32 19.36
C GLY A 12 42.00 28.02 18.20
N PHE A 13 41.41 29.19 18.41
CA PHE A 13 40.84 29.99 17.33
C PHE A 13 41.92 30.54 16.42
N SER A 14 41.47 31.15 15.32
CA SER A 14 42.31 32.03 14.54
C SER A 14 42.29 33.42 15.17
N HIS A 15 42.75 34.41 14.43
CA HIS A 15 42.81 35.75 15.01
C HIS A 15 41.53 36.53 14.73
N SER A 16 40.98 36.41 13.52
CA SER A 16 39.77 37.15 13.20
C SER A 16 38.57 36.60 13.96
N GLN A 17 38.54 35.30 14.22
CA GLN A 17 37.46 34.74 15.04
C GLN A 17 37.45 35.40 16.41
N ILE A 18 38.63 35.52 17.02
CA ILE A 18 38.71 36.16 18.33
C ILE A 18 38.30 37.63 18.22
N THR A 19 38.69 38.30 17.15
CA THR A 19 38.32 39.71 17.00
C THR A 19 36.80 39.87 16.92
N ARG A 20 36.15 39.02 16.12
CA ARG A 20 34.69 39.11 15.98
C ARG A 20 33.99 38.75 17.29
N LEU A 21 34.49 37.74 18.00
CA LEU A 21 33.90 37.39 19.28
C LEU A 21 34.04 38.53 20.27
N TYR A 22 35.20 39.19 20.30
CA TYR A 22 35.36 40.34 21.18
C TYR A 22 34.45 41.49 20.76
N SER A 23 34.18 41.61 19.46
CA SER A 23 33.21 42.61 19.01
C SER A 23 31.84 42.33 19.61
N ARG A 24 31.39 41.08 19.51
CA ARG A 24 30.11 40.71 20.13
C ARG A 24 30.16 40.90 21.64
N PHE A 25 31.31 40.63 22.25
CA PHE A 25 31.51 40.83 23.68
C PHE A 25 31.26 42.28 24.06
N THR A 26 31.89 43.20 23.33
CA THR A 26 31.70 44.62 23.59
C THR A 26 30.26 45.04 23.37
N SER A 27 29.62 44.49 22.34
CA SER A 27 28.22 44.84 22.08
C SER A 27 27.32 44.37 23.21
N LEU A 28 27.55 43.18 23.74
CA LEU A 28 26.69 42.60 24.75
C LEU A 28 27.13 42.94 26.17
N ASP A 29 28.23 43.66 26.34
CA ASP A 29 28.71 44.00 27.68
C ASP A 29 27.72 44.90 28.40
N LYS A 30 27.19 45.91 27.71
CA LYS A 30 26.28 46.88 28.28
C LYS A 30 26.90 47.52 29.53
N GLY A 31 28.19 47.78 29.48
CA GLY A 31 28.92 48.28 30.63
C GLY A 31 30.22 47.54 30.86
N GLU A 32 31.31 48.29 30.98
CA GLU A 32 32.62 47.65 31.14
C GLU A 32 32.72 46.89 32.45
N ASN A 33 32.21 47.45 33.54
CA ASN A 33 32.38 46.82 34.84
C ASN A 33 31.70 45.46 34.90
N GLY A 34 30.48 45.36 34.37
CA GLY A 34 29.81 44.09 34.30
C GLY A 34 30.09 43.38 32.98
N THR A 35 31.33 42.92 32.80
CA THR A 35 31.72 42.29 31.54
C THR A 35 30.74 41.20 31.13
N LEU A 36 30.65 40.14 31.94
CA LEU A 36 29.60 39.14 31.77
C LEU A 36 29.19 38.57 33.11
N SER A 37 27.90 38.70 33.43
CA SER A 37 27.31 38.12 34.61
C SER A 37 26.11 37.28 34.16
N ARG A 38 25.32 36.82 35.12
CA ARG A 38 24.10 36.11 34.78
C ARG A 38 23.07 37.06 34.17
N GLU A 39 22.97 38.28 34.72
CA GLU A 39 21.97 39.23 34.24
C GLU A 39 22.24 39.62 32.79
N ASP A 40 23.51 39.78 32.43
CA ASP A 40 23.85 40.17 31.07
C ASP A 40 23.43 39.09 30.06
N PHE A 41 23.64 37.82 30.42
CA PHE A 41 23.26 36.73 29.53
C PHE A 41 21.74 36.57 29.46
N GLN A 42 21.05 36.72 30.59
CA GLN A 42 19.63 36.41 30.64
C GLN A 42 18.82 37.33 29.73
N ARG A 43 19.31 38.55 29.51
CA ARG A 43 18.57 39.52 28.69
C ARG A 43 18.86 39.39 27.20
N ILE A 44 19.65 38.41 26.80
CA ILE A 44 19.74 38.08 25.37
C ILE A 44 18.38 37.62 24.88
N PRO A 45 17.89 38.12 23.74
CA PRO A 45 16.47 37.94 23.40
C PRO A 45 16.00 36.51 23.33
N GLU A 46 16.77 35.61 22.71
CA GLU A 46 16.23 34.25 22.39
C GLU A 46 16.61 33.08 23.29
N LEU A 47 17.81 33.05 23.83
CA LEU A 47 18.19 31.84 24.57
C LEU A 47 17.30 31.64 25.79
N ALA A 48 16.81 32.72 26.40
CA ALA A 48 15.92 32.56 27.55
C ALA A 48 14.67 31.79 27.18
N ILE A 49 14.18 31.96 25.94
CA ILE A 49 13.07 31.15 25.46
C ILE A 49 13.50 29.70 25.33
N ASN A 50 14.75 29.46 24.94
CA ASN A 50 15.24 28.10 24.83
C ASN A 50 15.16 27.42 26.19
N PRO A 51 14.75 26.15 26.24
CA PRO A 51 14.62 25.48 27.55
C PRO A 51 15.93 25.44 28.33
N LEU A 52 17.06 25.30 27.64
CA LEU A 52 18.34 25.18 28.31
C LEU A 52 19.02 26.51 28.56
N GLY A 53 18.26 27.61 28.62
CA GLY A 53 18.88 28.91 28.80
C GLY A 53 19.63 29.03 30.11
N ASP A 54 18.97 28.73 31.22
CA ASP A 54 19.61 28.91 32.52
C ASP A 54 20.78 27.94 32.69
N ARG A 55 20.64 26.72 32.16
CA ARG A 55 21.74 25.77 32.25
C ARG A 55 22.97 26.30 31.53
N ILE A 56 22.80 26.88 30.34
CA ILE A 56 23.94 27.41 29.61
C ILE A 56 24.55 28.59 30.36
N ILE A 57 23.70 29.52 30.81
CA ILE A 57 24.21 30.70 31.50
C ILE A 57 25.01 30.31 32.73
N ASN A 58 24.54 29.32 33.47
CA ASN A 58 25.28 28.80 34.62
C ASN A 58 26.35 27.80 34.20
N ALA A 59 26.45 27.49 32.90
CA ALA A 59 27.41 26.51 32.42
C ALA A 59 28.71 27.14 31.97
N PHE A 60 28.68 28.35 31.41
CA PHE A 60 29.95 29.00 31.12
C PHE A 60 30.82 29.16 32.36
N PHE A 61 30.22 29.50 33.49
CA PHE A 61 31.00 29.96 34.62
C PHE A 61 31.88 28.84 35.17
N PRO A 62 33.12 29.14 35.55
CA PRO A 62 33.96 28.11 36.18
C PRO A 62 33.38 27.65 37.50
N GLU A 63 33.20 28.61 38.42
CA GLU A 63 32.72 28.33 39.76
C GLU A 63 31.61 29.29 40.14
N GLY A 64 31.23 29.30 41.43
CA GLY A 64 30.09 30.07 41.91
C GLY A 64 30.16 31.56 41.65
N GLU A 65 31.28 32.06 41.14
CA GLU A 65 31.37 33.48 40.83
C GLU A 65 30.36 33.85 39.76
N ASP A 66 29.89 35.10 39.81
CA ASP A 66 28.98 35.63 38.81
C ASP A 66 29.64 36.69 37.92
N GLN A 67 30.95 36.58 37.69
CA GLN A 67 31.62 37.30 36.62
C GLN A 67 32.12 36.31 35.57
N VAL A 68 32.05 36.73 34.31
CA VAL A 68 32.80 36.09 33.23
C VAL A 68 33.59 37.17 32.52
N ASN A 69 34.89 36.94 32.38
CA ASN A 69 35.74 37.83 31.61
C ASN A 69 35.81 37.36 30.17
N PHE A 70 36.42 38.17 29.33
CA PHE A 70 36.41 37.78 27.90
C PHE A 70 37.21 36.50 27.73
N ARG A 71 38.33 36.37 28.44
CA ARG A 71 39.20 35.21 28.17
C ARG A 71 38.41 33.94 28.49
N GLY A 72 37.51 34.02 29.46
CA GLY A 72 36.76 32.82 29.86
C GLY A 72 35.70 32.50 28.84
N PHE A 73 34.94 33.52 28.47
CA PHE A 73 34.00 33.24 27.38
C PHE A 73 34.83 32.49 26.37
N MET A 74 36.10 32.85 26.18
CA MET A 74 36.73 32.09 25.10
C MET A 74 37.04 30.66 25.55
N ARG A 75 37.47 30.48 26.80
CA ARG A 75 37.77 29.13 27.28
C ARG A 75 36.53 28.25 27.25
N THR A 76 35.40 28.76 27.72
CA THR A 76 34.19 27.97 27.73
C THR A 76 33.58 27.84 26.35
N LEU A 77 33.93 28.71 25.39
CA LEU A 77 33.27 28.65 24.04
C LEU A 77 34.10 27.78 23.12
N ALA A 78 35.39 27.75 23.34
CA ALA A 78 36.19 26.99 22.40
C ALA A 78 35.71 25.54 22.32
N HIS A 79 35.07 25.04 23.38
CA HIS A 79 34.61 23.65 23.40
C HIS A 79 33.78 23.30 22.18
N PHE A 80 33.27 24.30 21.47
CA PHE A 80 32.51 24.04 20.27
C PHE A 80 33.34 24.16 19.00
N ARG A 81 34.59 24.57 19.09
CA ARG A 81 35.40 24.81 17.90
C ARG A 81 35.49 23.53 17.09
N PRO A 82 35.25 23.57 15.79
CA PRO A 82 35.21 22.33 15.00
C PRO A 82 36.56 21.62 15.05
N ILE A 83 36.51 20.30 15.17
CA ILE A 83 37.72 19.51 15.24
C ILE A 83 38.35 19.42 13.85
N GLU A 84 39.63 19.72 13.77
CA GLU A 84 40.35 19.77 12.49
C GLU A 84 41.33 18.61 12.43
N ASP A 85 41.17 17.78 11.40
CA ASP A 85 41.86 16.48 11.31
C ASP A 85 43.38 16.63 11.21
N ASN A 86 43.84 17.44 10.26
CA ASN A 86 45.29 17.60 10.07
C ASN A 86 45.93 18.23 11.30
N GLU A 87 45.29 19.25 11.87
CA GLU A 87 45.87 19.96 13.00
C GLU A 87 45.73 19.21 14.32
N LYS A 88 44.95 18.13 14.37
CA LYS A 88 44.92 17.26 15.53
C LYS A 88 45.81 16.04 15.36
N SER A 89 46.07 15.60 14.13
CA SER A 89 46.96 14.49 13.87
C SER A 89 48.38 14.91 13.60
N LYS A 90 48.64 16.21 13.52
CA LYS A 90 49.97 16.73 13.25
C LYS A 90 50.94 16.34 14.36
N ASP A 91 50.68 16.82 15.58
CA ASP A 91 51.48 16.47 16.75
C ASP A 91 50.58 15.88 17.81
N VAL A 92 50.93 14.70 18.30
CA VAL A 92 50.15 14.00 19.32
C VAL A 92 51.02 13.91 20.57
N ASN A 93 50.83 14.86 21.48
CA ASN A 93 51.58 14.87 22.73
C ASN A 93 50.65 14.80 23.93
N GLY A 94 49.61 15.64 23.93
CA GLY A 94 48.66 15.66 25.02
C GLY A 94 47.33 16.26 24.60
N PRO A 95 46.30 16.06 25.42
CA PRO A 95 44.96 16.61 25.10
C PRO A 95 44.87 18.10 25.39
N GLU A 96 45.84 18.84 24.85
CA GLU A 96 45.80 20.30 24.94
C GLU A 96 44.54 20.92 24.33
N PRO A 97 44.09 20.55 23.12
CA PRO A 97 42.94 21.27 22.54
C PRO A 97 41.69 21.10 23.37
N LEU A 98 40.97 22.20 23.54
CA LEU A 98 39.74 22.24 24.31
C LEU A 98 38.53 21.78 23.51
N ASN A 99 38.72 21.40 22.25
CA ASN A 99 37.64 20.88 21.44
C ASN A 99 37.82 19.42 21.08
N SER A 100 38.64 18.69 21.83
CA SER A 100 38.75 17.26 21.60
C SER A 100 37.44 16.58 21.97
N ARG A 101 37.13 15.50 21.26
CA ARG A 101 35.84 14.86 21.40
C ARG A 101 35.53 14.47 22.84
N SER A 102 36.55 14.16 23.64
CA SER A 102 36.31 13.88 25.04
C SER A 102 35.69 15.08 25.74
N ASN A 103 36.24 16.26 25.48
CA ASN A 103 35.72 17.47 26.11
C ASN A 103 34.35 17.84 25.55
N LYS A 104 34.09 17.51 24.29
CA LYS A 104 32.79 17.81 23.71
C LYS A 104 31.70 16.91 24.30
N LEU A 105 32.07 15.84 24.98
CA LEU A 105 31.06 15.10 25.69
C LEU A 105 31.07 15.41 27.18
N HIS A 106 32.24 15.71 27.73
CA HIS A 106 32.29 16.15 29.11
C HIS A 106 31.47 17.42 29.31
N PHE A 107 31.41 18.27 28.29
CA PHE A 107 30.54 19.43 28.38
C PHE A 107 29.09 19.02 28.54
N ALA A 108 28.64 18.03 27.76
CA ALA A 108 27.27 17.58 27.90
C ALA A 108 27.01 17.00 29.28
N PHE A 109 27.91 16.15 29.74
CA PHE A 109 27.63 15.50 31.04
C PHE A 109 27.68 16.58 32.11
N ARG A 110 28.44 17.68 31.92
CA ARG A 110 28.42 18.74 32.91
C ARG A 110 27.17 19.60 32.79
N LEU A 111 26.53 19.60 31.64
CA LEU A 111 25.25 20.29 31.52
C LEU A 111 24.14 19.50 32.20
N TYR A 112 24.17 18.18 32.06
CA TYR A 112 23.15 17.34 32.72
C TYR A 112 23.21 17.50 34.22
N ASP A 113 24.40 17.41 34.80
CA ASP A 113 24.54 17.22 36.24
C ASP A 113 24.09 18.45 37.01
N LEU A 114 23.41 18.20 38.13
CA LEU A 114 23.00 19.27 39.02
C LEU A 114 24.23 20.03 39.52
N ASP A 115 25.10 19.36 40.25
CA ASP A 115 26.40 19.88 40.62
C ASP A 115 27.46 19.00 39.95
N LYS A 116 28.70 19.48 39.97
CA LYS A 116 29.77 18.78 39.27
C LYS A 116 30.24 17.56 40.07
N ASP A 117 29.30 16.67 40.39
CA ASP A 117 29.60 15.44 41.11
C ASP A 117 29.69 14.23 40.19
N GLU A 118 29.69 14.44 38.88
CA GLU A 118 29.72 13.37 37.90
C GLU A 118 28.58 12.38 38.09
N LYS A 119 27.38 12.86 38.41
CA LYS A 119 26.26 11.98 38.75
C LYS A 119 25.03 12.37 37.95
N ILE A 120 24.90 11.80 36.75
CA ILE A 120 23.61 11.77 36.09
C ILE A 120 22.69 10.87 36.89
N SER A 121 21.44 11.26 37.04
CA SER A 121 20.50 10.48 37.83
C SER A 121 19.10 10.70 37.30
N ARG A 122 18.18 9.82 37.71
CA ARG A 122 16.80 9.95 37.28
C ARG A 122 16.25 11.33 37.59
N ASP A 123 16.68 11.94 38.69
CA ASP A 123 16.30 13.32 38.94
C ASP A 123 16.83 14.24 37.85
N GLU A 124 18.09 14.05 37.46
CA GLU A 124 18.70 14.91 36.45
C GLU A 124 18.03 14.73 35.09
N LEU A 125 17.87 13.47 34.65
CA LEU A 125 17.20 13.22 33.39
C LEU A 125 15.78 13.75 33.41
N LEU A 126 15.05 13.53 34.50
CA LEU A 126 13.68 13.98 34.56
C LEU A 126 13.60 15.49 34.49
N GLN A 127 14.51 16.19 35.17
CA GLN A 127 14.52 17.64 35.12
C GLN A 127 14.81 18.14 33.71
N VAL A 128 15.82 17.58 33.06
CA VAL A 128 16.18 18.08 31.73
C VAL A 128 15.09 17.75 30.72
N LEU A 129 14.49 16.56 30.81
CA LEU A 129 13.41 16.22 29.90
C LEU A 129 12.21 17.13 30.11
N ARG A 130 11.83 17.40 31.36
CA ARG A 130 10.73 18.31 31.60
C ARG A 130 11.10 19.73 31.18
N MET A 131 12.40 20.01 31.04
CA MET A 131 12.79 21.28 30.45
C MET A 131 12.57 21.29 28.95
N MET A 132 13.15 20.32 28.23
CA MET A 132 13.01 20.29 26.77
C MET A 132 11.56 20.09 26.36
N VAL A 133 10.91 19.08 26.92
CA VAL A 133 9.48 18.90 26.71
C VAL A 133 8.70 19.99 27.45
N GLY A 134 7.47 20.21 27.04
CA GLY A 134 6.61 21.17 27.71
C GLY A 134 6.19 20.66 29.07
N VAL A 135 5.39 21.48 29.75
CA VAL A 135 4.88 21.11 31.08
C VAL A 135 3.60 20.31 31.01
N ASN A 136 2.94 20.25 29.85
CA ASN A 136 1.63 19.60 29.76
C ASN A 136 1.76 18.08 29.74
N ILE A 137 2.89 17.54 29.30
CA ILE A 137 3.00 16.12 29.08
C ILE A 137 3.06 15.36 30.40
N SER A 138 2.58 14.12 30.39
CA SER A 138 2.44 13.32 31.60
C SER A 138 3.79 13.09 32.28
N ASP A 139 3.76 13.16 33.61
CA ASP A 139 4.97 13.17 34.42
C ASP A 139 5.59 11.79 34.53
N GLU A 140 4.80 10.76 34.80
CA GLU A 140 5.36 9.42 34.90
C GLU A 140 5.58 8.83 33.53
N GLN A 141 5.04 9.47 32.50
CA GLN A 141 5.47 9.19 31.13
C GLN A 141 6.90 9.66 30.91
N LEU A 142 7.20 10.90 31.32
CA LEU A 142 8.58 11.37 31.33
C LEU A 142 9.45 10.42 32.14
N GLY A 143 8.93 9.96 33.27
CA GLY A 143 9.65 8.96 34.05
C GLY A 143 9.90 7.70 33.26
N SER A 144 8.92 7.28 32.45
CA SER A 144 9.10 6.08 31.64
C SER A 144 10.24 6.28 30.65
N ILE A 145 10.24 7.40 29.93
CA ILE A 145 11.33 7.67 28.98
C ILE A 145 12.67 7.69 29.71
N ALA A 146 12.71 8.42 30.83
CA ALA A 146 13.96 8.60 31.56
C ALA A 146 14.49 7.27 32.09
N ASP A 147 13.62 6.45 32.66
CA ASP A 147 14.08 5.19 33.23
C ASP A 147 14.39 4.17 32.14
N ARG A 148 13.71 4.26 30.99
CA ARG A 148 14.11 3.43 29.86
C ARG A 148 15.52 3.78 29.41
N THR A 149 15.82 5.08 29.31
CA THR A 149 17.18 5.50 28.96
C THR A 149 18.17 5.07 30.03
N ILE A 150 17.78 5.20 31.31
CA ILE A 150 18.66 4.79 32.40
C ILE A 150 19.00 3.31 32.29
N GLN A 151 17.97 2.48 32.07
CA GLN A 151 18.18 1.05 32.02
C GLN A 151 19.05 0.66 30.83
N GLU A 152 18.73 1.19 29.65
CA GLU A 152 19.51 0.82 28.47
C GLU A 152 20.94 1.34 28.56
N ALA A 153 21.13 2.51 29.17
CA ALA A 153 22.47 3.10 29.25
C ALA A 153 23.29 2.44 30.35
N ASP A 154 22.76 2.40 31.56
CA ASP A 154 23.53 2.01 32.73
C ASP A 154 23.96 0.55 32.61
N GLN A 155 25.24 0.33 32.36
CA GLN A 155 25.86 -0.97 32.57
C GLN A 155 26.56 -1.05 33.93
N ASP A 156 26.54 0.05 34.69
CA ASP A 156 27.19 0.11 36.03
C ASP A 156 26.39 -0.67 37.06
N GLY A 157 25.08 -0.75 36.89
CA GLY A 157 24.22 -1.43 37.83
C GLY A 157 23.65 -0.54 38.91
N ASP A 158 24.22 0.65 39.12
CA ASP A 158 23.71 1.61 40.08
C ASP A 158 22.67 2.54 39.47
N SER A 159 22.25 2.25 38.24
CA SER A 159 21.38 3.08 37.40
C SER A 159 22.06 4.34 36.91
N ALA A 160 23.29 4.62 37.34
CA ALA A 160 23.93 5.87 36.94
C ALA A 160 24.85 5.71 35.72
N ALA A 161 25.94 4.96 35.89
CA ALA A 161 26.96 4.79 34.84
C ALA A 161 27.20 6.10 34.09
N SER A 162 27.63 7.11 34.84
CA SER A 162 27.48 8.50 34.42
C SER A 162 28.23 8.90 33.14
N PHE A 163 29.50 8.51 32.99
CA PHE A 163 30.26 9.07 31.88
C PHE A 163 30.84 8.00 30.96
N THR A 164 31.40 6.94 31.54
CA THR A 164 32.18 5.99 30.75
C THR A 164 31.32 5.34 29.68
N GLU A 165 30.11 4.92 30.03
CA GLU A 165 29.22 4.37 29.00
C GLU A 165 28.43 5.46 28.31
N PHE A 166 28.34 6.65 28.92
CA PHE A 166 27.80 7.81 28.22
C PHE A 166 28.50 7.99 26.88
N VAL A 167 29.83 7.93 26.91
CA VAL A 167 30.61 7.97 25.68
C VAL A 167 30.26 6.79 24.79
N LYS A 168 30.05 5.62 25.39
CA LYS A 168 29.85 4.42 24.59
C LYS A 168 28.55 4.47 23.79
N VAL A 169 27.48 4.99 24.40
CA VAL A 169 26.25 5.13 23.62
C VAL A 169 26.31 6.36 22.70
N LEU A 170 27.16 7.34 22.99
CA LEU A 170 27.29 8.46 22.07
C LEU A 170 28.21 8.18 20.88
N GLU A 171 29.03 7.14 20.92
CA GLU A 171 29.99 6.95 19.84
C GLU A 171 29.27 6.72 18.52
N LYS A 172 28.08 6.11 18.57
CA LYS A 172 27.27 5.94 17.36
C LYS A 172 26.76 7.29 16.85
N VAL A 173 26.83 8.33 17.67
CA VAL A 173 26.41 9.68 17.28
C VAL A 173 27.66 10.46 16.97
N ASP A 174 27.83 10.85 15.72
CA ASP A 174 28.99 11.66 15.35
C ASP A 174 28.85 13.04 15.97
N VAL A 175 29.59 13.28 17.05
CA VAL A 175 29.53 14.56 17.74
C VAL A 175 30.44 15.60 17.08
N GLU A 176 31.41 15.13 16.29
CA GLU A 176 32.32 16.06 15.59
C GLU A 176 31.50 16.96 14.68
N GLN A 177 30.54 16.41 13.94
CA GLN A 177 29.62 17.22 13.15
C GLN A 177 28.57 17.87 14.03
N LYS A 178 28.09 17.16 15.04
CA LYS A 178 26.84 17.55 15.69
C LYS A 178 26.95 18.81 16.52
N MET A 179 27.96 18.93 17.40
CA MET A 179 27.85 19.90 18.48
C MET A 179 28.89 21.00 18.34
N SER A 180 29.38 21.23 17.12
CA SER A 180 30.44 22.20 16.87
C SER A 180 29.95 23.33 16.00
N ILE A 181 30.63 24.48 16.12
CA ILE A 181 30.17 25.74 15.53
C ILE A 181 31.33 26.40 14.79
N ARG A 182 31.08 26.83 13.57
CA ARG A 182 32.05 27.61 12.80
C ARG A 182 31.80 29.10 13.03
N PHE A 183 32.73 29.78 13.67
CA PHE A 183 32.56 31.17 14.06
C PHE A 183 33.09 32.05 12.94
N LEU A 184 32.19 32.76 12.27
CA LEU A 184 32.55 33.50 11.07
C LEU A 184 33.45 34.68 11.40
N HIS A 185 34.46 34.89 10.55
CA HIS A 185 35.48 35.91 10.77
C HIS A 185 34.89 37.31 10.76
N PRO B 1 -18.95 -17.19 -39.10
CA PRO B 1 -17.58 -17.61 -38.79
C PRO B 1 -17.40 -18.04 -37.34
N ARG B 2 -16.20 -18.47 -36.96
CA ARG B 2 -15.91 -19.06 -35.66
C ARG B 2 -16.93 -20.14 -35.33
N LYS B 3 -16.93 -21.18 -36.16
CA LYS B 3 -17.91 -22.26 -35.99
C LYS B 3 -17.85 -22.84 -34.59
N ALA B 4 -16.71 -23.41 -34.21
CA ALA B 4 -16.55 -23.91 -32.86
C ALA B 4 -16.43 -22.75 -31.89
N PHE B 5 -17.01 -22.92 -30.70
CA PHE B 5 -16.91 -21.96 -29.61
C PHE B 5 -17.31 -20.58 -30.07
N PRO B 6 -18.60 -20.31 -30.26
CA PRO B 6 -19.02 -19.03 -30.83
C PRO B 6 -18.51 -17.80 -30.09
N VAL B 7 -18.51 -17.81 -28.75
CA VAL B 7 -18.08 -16.64 -28.01
C VAL B 7 -16.58 -16.49 -28.04
N LEU B 8 -15.86 -17.59 -27.83
CA LEU B 8 -14.42 -17.53 -27.56
C LEU B 8 -13.66 -16.94 -28.74
N GLY B 9 -13.19 -15.72 -28.57
CA GLY B 9 -12.43 -15.06 -29.62
C GLY B 9 -11.37 -14.17 -29.04
N ILE B 10 -10.25 -14.07 -29.76
CA ILE B 10 -9.06 -13.40 -29.28
C ILE B 10 -9.24 -11.91 -29.47
N ASP B 11 -9.33 -11.17 -28.36
CA ASP B 11 -9.43 -9.72 -28.40
C ASP B 11 -8.16 -9.16 -27.78
N TYR B 12 -7.10 -9.05 -28.58
CA TYR B 12 -5.83 -8.53 -28.13
C TYR B 12 -5.60 -7.10 -28.56
N THR B 13 -6.66 -6.37 -28.90
CA THR B 13 -6.51 -4.99 -29.34
C THR B 13 -6.90 -3.95 -28.30
N HIS B 14 -7.72 -4.31 -27.31
CA HIS B 14 -7.96 -3.42 -26.18
C HIS B 14 -7.09 -3.73 -24.98
N VAL B 15 -6.68 -4.99 -24.80
CA VAL B 15 -5.87 -5.35 -23.66
C VAL B 15 -4.38 -5.17 -23.90
N ARG B 16 -3.96 -4.97 -25.14
CA ARG B 16 -2.54 -5.00 -25.44
C ARG B 16 -1.79 -3.90 -24.72
N THR B 17 -2.36 -2.69 -24.67
CA THR B 17 -1.68 -1.61 -23.97
C THR B 17 -1.48 -1.91 -22.49
N PRO B 18 -2.47 -2.37 -21.72
CA PRO B 18 -2.18 -2.77 -20.34
C PRO B 18 -1.50 -4.13 -20.21
N PHE B 19 -1.68 -5.04 -21.17
CA PHE B 19 -1.05 -6.35 -21.01
C PHE B 19 0.45 -6.29 -21.23
N GLU B 20 0.91 -5.53 -22.22
CA GLU B 20 2.35 -5.36 -22.40
C GLU B 20 2.97 -4.70 -21.18
N ILE B 21 2.30 -3.69 -20.63
CA ILE B 21 2.82 -3.01 -19.45
C ILE B 21 2.91 -3.96 -18.28
N SER B 22 1.87 -4.78 -18.08
CA SER B 22 1.92 -5.74 -16.99
C SER B 22 3.03 -6.75 -17.20
N LEU B 23 3.27 -7.17 -18.44
CA LEU B 23 4.39 -8.08 -18.69
C LEU B 23 5.72 -7.42 -18.39
N TRP B 24 5.88 -6.14 -18.73
CA TRP B 24 7.13 -5.47 -18.42
C TRP B 24 7.35 -5.36 -16.92
N ILE B 25 6.30 -5.02 -16.18
CA ILE B 25 6.46 -4.92 -14.73
C ILE B 25 6.76 -6.29 -14.14
N LEU B 26 6.17 -7.34 -14.69
CA LEU B 26 6.48 -8.68 -14.24
C LEU B 26 7.92 -9.03 -14.52
N LEU B 27 8.44 -8.63 -15.69
CA LEU B 27 9.85 -8.88 -15.99
C LEU B 27 10.74 -8.18 -14.99
N ALA B 28 10.39 -6.94 -14.65
CA ALA B 28 11.14 -6.23 -13.62
C ALA B 28 11.15 -7.01 -12.31
N CYS B 29 9.99 -7.46 -11.86
CA CYS B 29 9.91 -8.18 -10.59
C CYS B 29 10.71 -9.47 -10.63
N LEU B 30 10.56 -10.25 -11.71
CA LEU B 30 11.27 -11.52 -11.80
C LEU B 30 12.78 -11.32 -11.85
N MET B 31 13.28 -10.35 -12.60
CA MET B 31 14.72 -10.11 -12.57
C MET B 31 15.17 -9.67 -11.19
N LYS B 32 14.37 -8.82 -10.52
CA LYS B 32 14.78 -8.34 -9.21
C LYS B 32 14.91 -9.48 -8.22
N ILE B 33 13.96 -10.43 -8.23
CA ILE B 33 14.13 -11.58 -7.35
C ILE B 33 15.26 -12.47 -7.85
N GLY B 34 15.48 -12.53 -9.17
CA GLY B 34 16.45 -13.44 -9.71
C GLY B 34 17.86 -13.13 -9.27
N PHE B 35 18.29 -11.87 -9.44
CA PHE B 35 19.68 -11.60 -9.06
C PHE B 35 19.84 -11.29 -7.58
N HIS B 36 18.78 -11.41 -6.79
CA HIS B 36 18.97 -11.53 -5.34
C HIS B 36 19.11 -12.98 -4.93
N VAL B 37 18.40 -13.89 -5.61
CA VAL B 37 18.48 -15.30 -5.22
C VAL B 37 19.84 -15.88 -5.58
N ILE B 38 20.34 -15.59 -6.78
CA ILE B 38 21.60 -16.22 -7.21
C ILE B 38 22.74 -15.75 -6.32
N PRO B 39 23.51 -16.65 -5.72
CA PRO B 39 24.47 -16.26 -4.70
C PRO B 39 25.64 -15.46 -5.27
N THR B 40 26.17 -14.56 -4.42
CA THR B 40 27.45 -13.88 -4.62
C THR B 40 27.46 -12.93 -5.81
N ILE B 41 26.38 -12.89 -6.58
CA ILE B 41 26.35 -11.97 -7.71
C ILE B 41 26.26 -10.54 -7.22
N SER B 42 25.63 -10.32 -6.07
CA SER B 42 25.45 -8.96 -5.57
C SER B 42 26.76 -8.27 -5.26
N SER B 43 27.83 -9.03 -5.03
CA SER B 43 29.12 -8.43 -4.77
C SER B 43 29.81 -8.00 -6.06
N ILE B 44 29.90 -8.92 -7.03
CA ILE B 44 30.68 -8.65 -8.24
C ILE B 44 30.06 -7.51 -9.03
N VAL B 45 28.75 -7.53 -9.22
CA VAL B 45 28.08 -6.54 -10.06
C VAL B 45 27.29 -5.58 -9.19
N PRO B 46 27.03 -4.35 -9.66
CA PRO B 46 26.30 -3.38 -8.84
C PRO B 46 24.80 -3.55 -8.87
N GLU B 47 24.31 -4.73 -9.28
CA GLU B 47 22.90 -5.14 -9.32
C GLU B 47 22.07 -4.19 -10.17
N SER B 48 22.71 -3.16 -10.73
CA SER B 48 22.07 -2.26 -11.66
C SER B 48 22.76 -2.25 -13.02
N CYS B 49 23.91 -2.90 -13.13
CA CYS B 49 24.45 -3.21 -14.46
C CYS B 49 23.68 -4.36 -15.09
N LEU B 50 23.29 -5.35 -14.28
CA LEU B 50 22.52 -6.47 -14.83
C LEU B 50 21.16 -6.04 -15.31
N LEU B 51 20.57 -5.01 -14.72
CA LEU B 51 19.30 -4.54 -15.24
C LEU B 51 19.46 -3.99 -16.65
N ILE B 52 20.53 -3.23 -16.90
CA ILE B 52 20.76 -2.73 -18.25
C ILE B 52 21.14 -3.86 -19.20
N VAL B 53 21.91 -4.84 -18.72
CA VAL B 53 22.29 -5.97 -19.57
C VAL B 53 21.05 -6.76 -19.98
N VAL B 54 20.13 -7.00 -19.04
CA VAL B 54 18.89 -7.69 -19.38
C VAL B 54 18.04 -6.82 -20.29
N GLY B 55 18.05 -5.50 -20.08
CA GLY B 55 17.30 -4.63 -20.96
C GLY B 55 17.77 -4.75 -22.40
N LEU B 56 19.07 -4.69 -22.63
CA LEU B 56 19.55 -4.81 -24.00
C LEU B 56 19.49 -6.24 -24.51
N LEU B 57 19.53 -7.25 -23.64
CA LEU B 57 19.36 -8.61 -24.11
C LEU B 57 17.94 -8.84 -24.62
N VAL B 58 16.93 -8.44 -23.84
CA VAL B 58 15.58 -8.59 -24.34
C VAL B 58 15.30 -7.61 -25.47
N GLY B 59 16.09 -6.54 -25.59
CA GLY B 59 15.96 -5.68 -26.74
C GLY B 59 16.57 -6.27 -27.99
N GLY B 60 17.56 -7.14 -27.83
CA GLY B 60 18.11 -7.88 -28.94
C GLY B 60 17.37 -9.14 -29.27
N LEU B 61 16.50 -9.59 -28.37
CA LEU B 61 15.56 -10.66 -28.70
C LEU B 61 14.28 -10.12 -29.31
N ILE B 62 13.75 -9.01 -28.78
CA ILE B 62 12.59 -8.40 -29.40
C ILE B 62 12.93 -7.93 -30.81
N LYS B 63 14.02 -7.19 -30.95
CA LYS B 63 14.60 -6.97 -32.26
C LYS B 63 15.31 -8.24 -32.71
N GLY B 64 15.64 -8.31 -33.99
CA GLY B 64 16.19 -9.52 -34.56
C GLY B 64 15.22 -10.66 -34.68
N VAL B 65 14.06 -10.58 -34.02
CA VAL B 65 12.98 -11.53 -34.18
C VAL B 65 11.75 -10.75 -34.64
N GLY B 66 11.99 -9.71 -35.44
CA GLY B 66 10.91 -9.03 -36.12
C GLY B 66 9.94 -8.26 -35.26
N GLU B 67 10.47 -7.39 -34.40
CA GLU B 67 9.64 -6.48 -33.62
C GLU B 67 10.51 -5.35 -33.12
N THR B 68 10.08 -4.12 -33.37
CA THR B 68 10.83 -2.97 -32.93
C THR B 68 10.74 -2.86 -31.41
N PRO B 69 11.86 -2.90 -30.69
CA PRO B 69 11.81 -2.76 -29.24
C PRO B 69 11.22 -1.42 -28.85
N PRO B 70 10.45 -1.37 -27.79
CA PRO B 70 9.82 -0.10 -27.41
C PRO B 70 10.82 0.87 -26.81
N PHE B 71 11.10 1.96 -27.52
CA PHE B 71 12.07 2.97 -27.03
C PHE B 71 11.45 3.64 -25.83
N LEU B 72 11.85 3.33 -24.60
CA LEU B 72 11.38 4.02 -23.38
C LEU B 72 11.16 5.45 -23.83
N GLN B 73 9.93 5.92 -23.79
CA GLN B 73 9.70 7.26 -24.37
C GLN B 73 10.19 8.30 -23.40
N SER B 74 9.84 9.52 -23.67
CA SER B 74 10.31 10.57 -22.79
C SER B 74 9.23 10.92 -21.80
N ASP B 75 7.99 10.97 -22.22
CA ASP B 75 6.99 11.42 -21.28
C ASP B 75 6.20 10.26 -20.73
N VAL B 76 6.61 9.02 -21.02
CA VAL B 76 5.97 7.97 -20.23
C VAL B 76 6.99 7.88 -19.10
N PHE B 77 7.96 8.79 -19.07
CA PHE B 77 9.04 8.73 -18.11
C PHE B 77 8.95 9.88 -17.12
N PHE B 78 8.97 11.13 -17.59
CA PHE B 78 8.89 12.24 -16.66
C PHE B 78 7.65 12.08 -15.81
N LEU B 79 6.53 11.66 -16.41
CA LEU B 79 5.35 11.47 -15.58
C LEU B 79 5.02 10.19 -14.85
N PHE B 80 5.54 9.05 -15.28
CA PHE B 80 5.08 7.78 -14.74
C PHE B 80 6.16 6.96 -14.07
N LEU B 81 7.41 7.07 -14.51
CA LEU B 81 8.50 6.30 -13.93
C LEU B 81 9.34 7.11 -12.95
N LEU B 82 9.42 8.42 -13.14
CA LEU B 82 10.22 9.26 -12.26
C LEU B 82 9.53 9.68 -10.96
N PRO B 83 8.26 10.08 -10.97
CA PRO B 83 7.64 10.58 -9.74
C PRO B 83 7.70 9.59 -8.59
N PRO B 84 7.52 8.29 -8.82
CA PRO B 84 7.70 7.36 -7.69
C PRO B 84 9.08 7.42 -7.09
N ILE B 85 10.12 7.43 -7.92
CA ILE B 85 11.48 7.43 -7.39
C ILE B 85 11.77 8.73 -6.66
N ILE B 86 11.33 9.85 -7.21
CA ILE B 86 11.59 11.13 -6.57
C ILE B 86 10.81 11.26 -5.26
N LEU B 87 9.56 10.80 -5.24
CA LEU B 87 8.78 10.88 -4.01
C LEU B 87 9.36 9.96 -2.95
N ASP B 88 9.84 8.78 -3.34
CA ASP B 88 10.53 7.92 -2.40
C ASP B 88 11.73 8.65 -1.81
N ALA B 89 12.57 9.22 -2.67
CA ALA B 89 13.77 9.88 -2.18
C ALA B 89 13.45 11.04 -1.27
N GLY B 90 12.41 11.81 -1.60
CA GLY B 90 12.11 13.01 -0.84
C GLY B 90 11.13 12.82 0.29
N TYR B 91 10.60 11.62 0.43
CA TYR B 91 9.75 11.31 1.57
C TYR B 91 10.56 10.75 2.71
N PHE B 92 11.35 9.71 2.44
CA PHE B 92 12.20 9.10 3.46
C PHE B 92 13.48 9.90 3.57
N LEU B 93 13.36 11.21 3.71
CA LEU B 93 14.50 12.09 3.60
C LEU B 93 15.17 12.26 4.95
N PRO B 94 16.45 11.97 5.09
CA PRO B 94 17.12 12.22 6.37
C PRO B 94 17.30 13.71 6.58
N LEU B 95 16.24 14.37 7.06
CA LEU B 95 16.16 15.82 6.96
C LEU B 95 17.26 16.51 7.75
N ARG B 96 17.75 15.89 8.83
CA ARG B 96 18.81 16.54 9.59
C ARG B 96 20.07 16.71 8.74
N GLN B 97 20.33 15.74 7.86
CA GLN B 97 21.51 15.84 6.99
C GLN B 97 21.39 17.02 6.04
N PHE B 98 20.25 17.19 5.37
CA PHE B 98 20.07 18.39 4.56
C PHE B 98 20.19 19.65 5.40
N THR B 99 19.56 19.67 6.57
CA THR B 99 19.57 20.91 7.32
C THR B 99 20.98 21.31 7.74
N GLU B 100 21.86 20.33 7.99
CA GLU B 100 23.23 20.71 8.28
C GLU B 100 24.08 20.79 7.02
N ASN B 101 23.93 19.84 6.10
CA ASN B 101 24.69 19.86 4.85
C ASN B 101 23.88 20.52 3.74
N LEU B 102 23.46 21.76 3.96
CA LEU B 102 22.69 22.42 2.92
C LEU B 102 23.56 23.25 2.00
N GLY B 103 24.60 23.86 2.52
CA GLY B 103 25.47 24.67 1.67
C GLY B 103 26.07 23.87 0.55
N THR B 104 26.64 22.71 0.86
CA THR B 104 27.26 21.89 -0.17
C THR B 104 26.23 21.31 -1.12
N ILE B 105 25.12 20.82 -0.62
CA ILE B 105 24.10 20.25 -1.49
C ILE B 105 23.48 21.31 -2.39
N LEU B 106 23.48 22.57 -1.96
CA LEU B 106 22.96 23.64 -2.79
C LEU B 106 24.05 24.37 -3.56
N ILE B 107 25.31 23.94 -3.42
CA ILE B 107 26.38 24.49 -4.24
C ILE B 107 27.08 23.41 -5.07
N PHE B 108 26.89 22.14 -4.77
CA PHE B 108 27.24 21.08 -5.69
C PHE B 108 26.16 20.86 -6.73
N ALA B 109 25.05 21.58 -6.65
CA ALA B 109 23.99 21.44 -7.62
C ALA B 109 23.78 22.72 -8.43
N VAL B 110 23.64 23.86 -7.77
CA VAL B 110 23.36 25.10 -8.49
C VAL B 110 24.59 25.56 -9.27
N VAL B 111 25.76 25.48 -8.67
CA VAL B 111 26.97 25.97 -9.33
C VAL B 111 27.95 24.80 -9.47
N GLY B 112 27.42 23.60 -9.58
CA GLY B 112 28.25 22.43 -9.80
C GLY B 112 27.79 21.66 -11.00
N THR B 113 26.66 22.09 -11.54
CA THR B 113 26.16 21.69 -12.85
C THR B 113 26.23 22.82 -13.86
N LEU B 114 25.83 24.02 -13.43
CA LEU B 114 26.04 25.23 -14.21
C LEU B 114 27.50 25.45 -14.58
N TRP B 115 28.41 24.70 -13.98
CA TRP B 115 29.81 24.68 -14.36
C TRP B 115 30.14 23.52 -15.29
N ASN B 116 29.79 22.29 -14.92
CA ASN B 116 30.05 21.17 -15.80
C ASN B 116 29.34 21.34 -17.12
N ALA B 117 28.11 21.85 -17.10
CA ALA B 117 27.40 22.13 -18.35
C ALA B 117 28.24 23.02 -19.26
N PHE B 118 28.73 24.14 -18.72
CA PHE B 118 29.52 25.04 -19.53
C PHE B 118 30.91 24.50 -19.82
N PHE B 119 31.48 23.69 -18.92
CA PHE B 119 32.78 23.10 -19.21
C PHE B 119 32.69 22.17 -20.41
N LEU B 120 31.71 21.26 -20.40
CA LEU B 120 31.54 20.40 -21.57
C LEU B 120 31.18 21.22 -22.79
N GLY B 121 30.30 22.20 -22.65
CA GLY B 121 29.99 23.04 -23.78
C GLY B 121 31.23 23.61 -24.43
N GLY B 122 32.08 24.26 -23.63
CA GLY B 122 33.27 24.88 -24.18
C GLY B 122 34.22 23.88 -24.81
N LEU B 123 34.59 22.84 -24.06
CA LEU B 123 35.66 21.99 -24.56
C LEU B 123 35.18 21.07 -25.68
N MET B 124 33.93 20.66 -25.65
CA MET B 124 33.40 19.92 -26.78
C MET B 124 33.13 20.80 -27.98
N TYR B 125 32.85 22.09 -27.78
CA TYR B 125 32.91 23.03 -28.90
C TYR B 125 34.30 23.01 -29.51
N ALA B 126 35.33 23.07 -28.67
CA ALA B 126 36.69 23.06 -29.17
C ALA B 126 36.98 21.81 -29.97
N VAL B 127 36.60 20.64 -29.45
CA VAL B 127 36.93 19.41 -30.16
C VAL B 127 36.11 19.32 -31.44
N CYS B 128 34.86 19.77 -31.41
CA CYS B 128 34.03 19.71 -32.60
C CYS B 128 34.63 20.53 -33.72
N LEU B 129 35.10 21.74 -33.41
CA LEU B 129 35.66 22.59 -34.46
C LEU B 129 36.87 21.93 -35.12
N VAL B 130 37.75 21.32 -34.32
CA VAL B 130 38.99 20.79 -34.85
C VAL B 130 38.85 19.30 -35.13
N GLY B 131 37.61 18.80 -35.09
CA GLY B 131 37.40 17.37 -35.21
C GLY B 131 37.45 16.83 -36.62
N GLY B 132 36.54 17.26 -37.46
CA GLY B 132 36.40 16.71 -38.80
C GLY B 132 35.04 17.12 -39.35
N GLU B 133 34.80 16.72 -40.60
CA GLU B 133 33.59 17.18 -41.28
C GLU B 133 32.33 16.75 -40.53
N GLN B 134 32.27 15.50 -40.10
CA GLN B 134 31.02 14.98 -39.53
C GLN B 134 30.73 15.62 -38.18
N ILE B 135 31.73 15.65 -37.29
CA ILE B 135 31.54 16.27 -35.99
C ILE B 135 31.29 17.76 -36.11
N ASN B 136 31.91 18.42 -37.08
CA ASN B 136 31.82 19.86 -37.21
C ASN B 136 30.38 20.27 -37.49
N ASN B 137 30.14 21.58 -37.44
CA ASN B 137 28.88 22.24 -37.72
C ASN B 137 27.90 22.12 -36.57
N ILE B 138 28.32 21.64 -35.40
CA ILE B 138 27.40 21.61 -34.27
C ILE B 138 27.14 23.02 -33.75
N GLY B 139 28.19 23.82 -33.58
CA GLY B 139 27.98 25.17 -33.08
C GLY B 139 27.68 25.20 -31.60
N LEU B 140 27.97 26.36 -31.00
CA LEU B 140 28.03 26.47 -29.54
C LEU B 140 26.74 26.02 -28.87
N LEU B 141 25.61 26.58 -29.30
CA LEU B 141 24.36 26.34 -28.57
C LEU B 141 23.90 24.90 -28.71
N ASP B 142 24.15 24.28 -29.86
CA ASP B 142 23.91 22.85 -29.98
C ASP B 142 24.89 22.02 -29.16
N ASN B 143 25.97 22.62 -28.66
CA ASN B 143 26.83 21.93 -27.70
C ASN B 143 26.50 22.27 -26.27
N LEU B 144 26.04 23.48 -25.99
CA LEU B 144 25.58 23.76 -24.63
C LEU B 144 24.34 22.93 -24.31
N LEU B 145 23.46 22.73 -25.29
CA LEU B 145 22.36 21.79 -25.11
C LEU B 145 22.78 20.35 -25.12
N PHE B 146 24.06 20.05 -25.23
CA PHE B 146 24.53 18.71 -24.94
C PHE B 146 25.21 18.62 -23.59
N GLY B 147 25.99 19.64 -23.25
CA GLY B 147 26.53 19.71 -21.90
C GLY B 147 25.43 19.67 -20.86
N SER B 148 24.35 20.40 -21.09
CA SER B 148 23.28 20.50 -20.11
C SER B 148 22.41 19.26 -20.04
N ILE B 149 22.47 18.36 -21.03
CA ILE B 149 21.70 17.12 -20.94
C ILE B 149 22.56 15.95 -20.50
N ILE B 150 23.87 16.02 -20.67
CA ILE B 150 24.75 14.92 -20.29
C ILE B 150 25.24 15.17 -18.88
N SER B 151 25.38 16.43 -18.50
CA SER B 151 25.83 16.77 -17.15
C SER B 151 24.63 17.09 -16.27
N ALA B 152 23.80 16.07 -16.11
CA ALA B 152 22.68 16.10 -15.17
C ALA B 152 22.61 14.71 -14.56
N VAL B 153 23.30 14.53 -13.43
CA VAL B 153 23.34 13.23 -12.79
C VAL B 153 21.93 12.82 -12.42
N ASP B 154 21.68 11.53 -12.50
CA ASP B 154 20.31 11.03 -12.40
C ASP B 154 19.95 10.82 -10.94
N PRO B 155 18.89 11.45 -10.45
CA PRO B 155 18.35 11.08 -9.13
C PRO B 155 17.98 9.62 -9.05
N VAL B 156 17.97 8.93 -10.19
CA VAL B 156 17.67 7.51 -10.21
C VAL B 156 18.92 6.68 -9.99
N ALA B 157 19.87 6.76 -10.91
CA ALA B 157 21.01 5.85 -10.90
C ALA B 157 21.90 6.04 -9.70
N VAL B 158 22.10 7.28 -9.26
CA VAL B 158 22.97 7.50 -8.11
C VAL B 158 22.41 6.79 -6.88
N LEU B 159 21.10 6.90 -6.65
CA LEU B 159 20.51 6.24 -5.50
C LEU B 159 20.44 4.74 -5.69
N ALA B 160 20.12 4.30 -6.90
CA ALA B 160 19.99 2.88 -7.15
C ALA B 160 21.33 2.15 -7.10
N VAL B 161 22.44 2.89 -7.18
CA VAL B 161 23.74 2.23 -7.12
C VAL B 161 24.40 2.53 -5.78
N PHE B 162 23.95 3.56 -5.08
CA PHE B 162 24.50 3.82 -3.76
C PHE B 162 23.65 3.25 -2.64
N GLU B 163 22.52 2.61 -2.95
CA GLU B 163 21.76 1.92 -1.92
C GLU B 163 22.53 0.72 -1.39
N GLU B 164 23.23 -0.01 -2.27
CA GLU B 164 23.84 -1.27 -1.86
C GLU B 164 25.16 -1.06 -1.13
N ILE B 165 25.84 0.05 -1.39
CA ILE B 165 27.18 0.19 -0.83
C ILE B 165 27.13 0.67 0.62
N HIS B 166 26.06 1.38 1.00
CA HIS B 166 25.90 1.91 2.36
C HIS B 166 27.08 2.83 2.72
N ILE B 167 27.17 3.95 2.01
CA ILE B 167 28.26 4.89 2.25
C ILE B 167 27.93 5.74 3.47
N ASN B 168 28.96 6.35 4.06
CA ASN B 168 28.77 7.31 5.15
C ASN B 168 27.57 8.20 4.87
N GLU B 169 26.76 8.42 5.92
CA GLU B 169 25.51 9.16 5.75
C GLU B 169 25.76 10.55 5.18
N LEU B 170 26.89 11.16 5.52
CA LEU B 170 27.20 12.47 4.95
C LEU B 170 27.45 12.37 3.45
N LEU B 171 28.31 11.44 3.04
CA LEU B 171 28.59 11.30 1.62
C LEU B 171 27.34 10.88 0.85
N HIS B 172 26.56 9.98 1.42
CA HIS B 172 25.33 9.58 0.77
C HIS B 172 24.37 10.73 0.64
N ILE B 173 24.24 11.55 1.68
CA ILE B 173 23.33 12.67 1.54
C ILE B 173 23.88 13.68 0.56
N LEU B 174 25.20 13.73 0.37
CA LEU B 174 25.75 14.62 -0.63
C LEU B 174 25.36 14.19 -2.03
N VAL B 175 25.42 12.90 -2.32
CA VAL B 175 24.98 12.48 -3.65
C VAL B 175 23.45 12.59 -3.78
N PHE B 176 22.70 12.25 -2.73
CA PHE B 176 21.27 12.57 -2.69
C PHE B 176 21.01 14.00 -3.16
N GLY B 177 21.62 14.94 -2.45
CA GLY B 177 21.32 16.33 -2.69
C GLY B 177 21.76 16.79 -4.06
N GLU B 178 22.98 16.39 -4.47
CA GLU B 178 23.40 16.69 -5.83
C GLU B 178 22.32 16.31 -6.83
N SER B 179 21.89 15.05 -6.78
CA SER B 179 20.99 14.57 -7.83
C SER B 179 19.61 15.20 -7.72
N LEU B 180 19.05 15.27 -6.52
CA LEU B 180 17.70 15.81 -6.39
C LEU B 180 17.66 17.28 -6.76
N LEU B 181 18.65 18.06 -6.35
CA LEU B 181 18.63 19.48 -6.67
C LEU B 181 19.21 19.79 -8.03
N ASN B 182 19.75 18.79 -8.75
CA ASN B 182 20.33 19.07 -10.05
C ASN B 182 19.29 19.52 -11.06
N ASP B 183 18.10 18.91 -11.04
CA ASP B 183 17.12 19.22 -12.07
C ASP B 183 16.67 20.67 -12.03
N ALA B 184 16.80 21.35 -10.90
CA ALA B 184 16.48 22.77 -10.86
C ALA B 184 17.37 23.60 -11.77
N VAL B 185 18.55 23.09 -12.12
CA VAL B 185 19.45 23.76 -13.04
C VAL B 185 19.74 22.91 -14.26
N THR B 186 19.04 21.81 -14.44
CA THR B 186 19.02 21.19 -15.74
C THR B 186 17.81 21.60 -16.57
N VAL B 187 16.66 21.87 -15.94
CA VAL B 187 15.47 22.27 -16.67
C VAL B 187 15.42 23.79 -16.85
N VAL B 188 16.51 24.49 -16.52
CA VAL B 188 16.66 25.88 -16.88
C VAL B 188 17.91 26.10 -17.73
N LEU B 189 18.64 25.03 -18.01
CA LEU B 189 19.67 25.03 -19.03
C LEU B 189 19.32 24.09 -20.17
N TYR B 190 18.08 23.60 -20.20
CA TYR B 190 17.58 22.83 -21.31
C TYR B 190 16.42 23.50 -22.02
N HIS B 191 15.58 24.23 -21.29
CA HIS B 191 14.56 25.08 -21.88
C HIS B 191 15.04 26.50 -22.11
N LEU B 192 16.29 26.79 -21.78
CA LEU B 192 16.81 28.13 -21.98
C LEU B 192 17.69 28.23 -23.22
N PHE B 193 18.55 27.25 -23.45
CA PHE B 193 19.34 27.27 -24.66
C PHE B 193 18.54 26.83 -25.88
N GLU B 194 17.51 26.01 -25.69
CA GLU B 194 16.58 25.75 -26.79
C GLU B 194 15.95 27.04 -27.28
N GLU B 195 15.59 27.93 -26.36
CA GLU B 195 15.13 29.26 -26.73
C GLU B 195 16.28 30.23 -26.94
N PHE B 196 17.50 29.86 -26.59
CA PHE B 196 18.68 30.61 -26.98
C PHE B 196 19.32 30.03 -28.24
N ALA B 197 18.68 29.04 -28.86
CA ALA B 197 19.17 28.50 -30.11
C ALA B 197 18.61 29.26 -31.30
N ASN B 198 17.28 29.38 -31.38
CA ASN B 198 16.64 30.06 -32.48
C ASN B 198 16.48 31.54 -32.24
N TYR B 199 16.75 32.03 -31.04
CA TYR B 199 16.70 33.45 -30.79
C TYR B 199 17.88 34.18 -31.41
N GLU B 200 17.71 34.74 -32.61
CA GLU B 200 18.79 35.03 -33.56
C GLU B 200 19.97 35.68 -32.84
N HIS B 201 19.83 36.87 -32.28
CA HIS B 201 20.94 37.44 -31.54
C HIS B 201 20.67 37.40 -30.04
N VAL B 202 21.63 36.88 -29.30
CA VAL B 202 21.42 36.59 -27.89
C VAL B 202 21.20 37.86 -27.08
N GLY B 203 21.99 38.89 -27.34
CA GLY B 203 21.98 40.04 -26.46
C GLY B 203 22.63 39.70 -25.14
N ILE B 204 22.39 40.54 -24.14
CA ILE B 204 22.91 40.26 -22.81
C ILE B 204 21.80 40.37 -21.78
N VAL B 205 20.75 41.12 -22.11
CA VAL B 205 19.62 41.22 -21.21
C VAL B 205 18.92 39.88 -21.09
N ASP B 206 18.88 39.11 -22.18
CA ASP B 206 18.22 37.82 -22.15
C ASP B 206 18.92 36.88 -21.18
N ILE B 207 20.22 37.03 -20.98
CA ILE B 207 20.92 36.22 -19.99
C ILE B 207 20.49 36.59 -18.57
N PHE B 208 20.30 37.88 -18.31
CA PHE B 208 19.75 38.30 -17.03
C PHE B 208 18.36 37.70 -16.82
N LEU B 209 17.53 37.71 -17.85
CA LEU B 209 16.25 37.03 -17.76
C LEU B 209 16.44 35.54 -17.52
N GLY B 210 17.55 34.98 -17.99
CA GLY B 210 17.84 33.59 -17.67
C GLY B 210 18.13 33.37 -16.19
N PHE B 211 18.87 34.28 -15.58
CA PHE B 211 19.11 34.16 -14.14
C PHE B 211 17.82 34.30 -13.35
N LEU B 212 16.99 35.27 -13.71
CA LEU B 212 15.69 35.40 -13.05
C LEU B 212 14.83 34.17 -13.29
N SER B 213 14.97 33.56 -14.47
CA SER B 213 14.28 32.31 -14.74
C SER B 213 14.74 31.21 -13.81
N PHE B 214 16.04 31.15 -13.53
CA PHE B 214 16.51 30.13 -12.61
C PHE B 214 15.95 30.35 -11.21
N PHE B 215 15.97 31.60 -10.74
CA PHE B 215 15.38 31.88 -9.44
C PHE B 215 13.92 31.46 -9.39
N VAL B 216 13.16 31.75 -10.45
CA VAL B 216 11.77 31.33 -10.46
C VAL B 216 11.65 29.81 -10.46
N VAL B 217 12.37 29.14 -11.37
CA VAL B 217 12.25 27.68 -11.49
C VAL B 217 12.60 26.98 -10.19
N ALA B 218 13.51 27.55 -9.41
CA ALA B 218 13.84 26.91 -8.14
C ALA B 218 12.86 27.31 -7.04
N LEU B 219 12.76 28.61 -6.75
CA LEU B 219 11.95 29.06 -5.62
C LEU B 219 10.48 28.76 -5.84
N GLY B 220 9.92 29.09 -7.00
CA GLY B 220 8.55 28.76 -7.28
C GLY B 220 8.28 27.28 -7.31
N GLY B 221 9.26 26.48 -7.75
CA GLY B 221 9.10 25.04 -7.66
C GLY B 221 8.93 24.58 -6.23
N VAL B 222 9.82 25.03 -5.34
CA VAL B 222 9.67 24.67 -3.94
C VAL B 222 8.39 25.24 -3.37
N LEU B 223 7.97 26.43 -3.81
CA LEU B 223 6.79 27.06 -3.24
C LEU B 223 5.53 26.32 -3.65
N VAL B 224 5.45 25.85 -4.89
CA VAL B 224 4.33 25.01 -5.29
C VAL B 224 4.37 23.69 -4.55
N GLY B 225 5.56 23.12 -4.35
CA GLY B 225 5.66 21.91 -3.54
C GLY B 225 5.14 22.13 -2.13
N VAL B 226 5.40 23.30 -1.57
CA VAL B 226 4.89 23.60 -0.24
C VAL B 226 3.37 23.79 -0.27
N VAL B 227 2.85 24.49 -1.27
CA VAL B 227 1.43 24.81 -1.29
C VAL B 227 0.58 23.55 -1.43
N TYR B 228 1.02 22.55 -2.19
CA TYR B 228 0.36 21.26 -2.14
C TYR B 228 0.98 20.36 -1.08
N GLY B 229 1.57 20.96 -0.05
CA GLY B 229 2.02 20.23 1.11
C GLY B 229 1.27 20.72 2.33
N VAL B 230 0.86 21.99 2.31
CA VAL B 230 0.02 22.51 3.36
C VAL B 230 -1.44 22.27 2.98
N ILE B 231 -1.67 21.51 1.92
CA ILE B 231 -3.00 21.04 1.59
C ILE B 231 -3.15 19.54 1.72
N ALA B 232 -2.09 18.75 1.53
CA ALA B 232 -2.16 17.34 1.89
C ALA B 232 -1.93 17.13 3.37
N ALA B 233 -1.50 18.15 4.09
CA ALA B 233 -1.51 18.14 5.53
C ALA B 233 -2.81 18.63 6.11
N PHE B 234 -3.44 19.62 5.46
CA PHE B 234 -4.72 20.13 5.91
C PHE B 234 -5.88 19.23 5.51
N THR B 235 -5.69 18.34 4.54
CA THR B 235 -6.72 17.38 4.17
C THR B 235 -6.61 16.08 4.94
N SER B 236 -5.43 15.72 5.42
CA SER B 236 -5.32 14.59 6.33
C SER B 236 -5.63 14.99 7.76
N ARG B 237 -5.97 16.25 8.00
CA ARG B 237 -6.56 16.63 9.28
C ARG B 237 -7.98 16.11 9.39
N PHE B 238 -8.75 16.22 8.31
CA PHE B 238 -10.18 15.95 8.29
C PHE B 238 -10.53 14.49 8.13
N THR B 239 -9.53 13.62 7.98
CA THR B 239 -9.74 12.24 7.60
C THR B 239 -9.69 11.29 8.79
N SER B 240 -10.14 11.75 9.96
CA SER B 240 -10.31 10.84 11.08
C SER B 240 -11.38 9.80 10.78
N HIS B 241 -12.47 10.22 10.16
CA HIS B 241 -13.60 9.34 9.91
C HIS B 241 -13.33 8.36 8.77
N ILE B 242 -12.66 8.82 7.73
CA ILE B 242 -12.55 8.07 6.47
C ILE B 242 -11.16 7.43 6.48
N ARG B 243 -11.10 6.20 6.96
CA ARG B 243 -9.81 5.57 7.22
C ARG B 243 -9.21 4.90 5.99
N VAL B 244 -9.98 4.69 4.92
CA VAL B 244 -9.51 3.90 3.78
C VAL B 244 -9.01 4.78 2.64
N ILE B 245 -9.00 6.09 2.81
CA ILE B 245 -8.48 7.02 1.81
C ILE B 245 -7.18 7.65 2.27
N GLU B 246 -6.56 7.13 3.31
CA GLU B 246 -5.30 7.69 3.77
C GLU B 246 -4.16 7.46 2.78
N PRO B 247 -3.95 6.25 2.24
CA PRO B 247 -2.78 6.05 1.38
C PRO B 247 -2.83 6.83 0.09
N LEU B 248 -3.86 7.65 -0.09
CA LEU B 248 -4.07 8.36 -1.35
C LEU B 248 -3.85 9.85 -1.24
N PHE B 249 -4.11 10.46 -0.09
CA PHE B 249 -3.88 11.89 0.04
C PHE B 249 -2.41 12.25 0.00
N VAL B 250 -1.52 11.26 0.05
CA VAL B 250 -0.10 11.54 -0.09
C VAL B 250 0.32 11.48 -1.54
N PHE B 251 -0.43 10.75 -2.37
CA PHE B 251 -0.01 10.60 -3.76
C PHE B 251 -0.67 11.63 -4.67
N LEU B 252 -1.99 11.67 -4.74
CA LEU B 252 -2.63 12.63 -5.63
C LEU B 252 -2.48 14.06 -5.15
N TYR B 253 -1.78 14.29 -4.05
CA TYR B 253 -1.48 15.64 -3.61
C TYR B 253 -0.02 16.00 -3.79
N SER B 254 0.83 15.03 -4.09
CA SER B 254 2.18 15.30 -4.56
C SER B 254 2.32 15.07 -6.06
N TYR B 255 1.77 13.97 -6.57
CA TYR B 255 1.72 13.77 -8.00
C TYR B 255 0.80 14.75 -8.69
N MET B 256 0.14 15.63 -7.95
CA MET B 256 -0.54 16.78 -8.53
C MET B 256 0.22 18.06 -8.21
N ALA B 257 1.26 17.97 -7.37
CA ALA B 257 2.24 19.03 -7.24
C ALA B 257 3.38 18.87 -8.22
N TYR B 258 3.64 17.64 -8.66
CA TYR B 258 4.63 17.40 -9.68
C TYR B 258 4.12 17.65 -11.08
N LEU B 259 2.80 17.73 -11.25
CA LEU B 259 2.21 18.03 -12.55
C LEU B 259 1.70 19.45 -12.66
N SER B 260 1.39 20.11 -11.55
CA SER B 260 1.10 21.53 -11.56
C SER B 260 2.37 22.35 -11.48
N ALA B 261 3.53 21.70 -11.38
CA ALA B 261 4.80 22.38 -11.44
C ALA B 261 5.67 21.89 -12.59
N GLU B 262 5.25 20.86 -13.32
CA GLU B 262 5.91 20.50 -14.58
C GLU B 262 5.05 21.12 -15.66
N LEU B 263 3.80 21.48 -15.34
CA LEU B 263 2.98 22.21 -16.28
C LEU B 263 3.60 23.56 -16.59
N PHE B 264 3.76 24.40 -15.58
CA PHE B 264 4.37 25.71 -15.71
C PHE B 264 5.78 25.64 -16.25
N HIS B 265 6.37 24.45 -16.34
CA HIS B 265 7.76 24.27 -16.75
C HIS B 265 8.68 24.71 -15.63
N LEU B 266 8.21 24.62 -14.39
CA LEU B 266 9.10 24.66 -13.24
C LEU B 266 9.80 23.31 -13.15
N SER B 267 10.64 23.13 -12.13
CA SER B 267 11.29 21.85 -11.90
C SER B 267 10.40 20.94 -11.07
N GLY B 268 9.85 19.91 -11.69
CA GLY B 268 9.03 18.98 -10.93
C GLY B 268 9.83 18.17 -9.93
N ILE B 269 11.06 17.79 -10.29
CA ILE B 269 11.85 16.89 -9.46
C ILE B 269 12.13 17.49 -8.09
N MET B 270 12.17 18.81 -7.98
CA MET B 270 12.41 19.44 -6.69
C MET B 270 11.13 19.93 -6.01
N ALA B 271 10.09 20.28 -6.78
CA ALA B 271 8.80 20.58 -6.17
C ALA B 271 8.20 19.35 -5.51
N LEU B 272 8.41 18.18 -6.12
CA LEU B 272 7.98 16.93 -5.51
C LEU B 272 8.72 16.67 -4.21
N ILE B 273 10.01 17.00 -4.15
CA ILE B 273 10.76 16.88 -2.90
C ILE B 273 10.18 17.82 -1.85
N ALA B 274 10.02 19.09 -2.20
CA ALA B 274 9.51 20.04 -1.24
C ALA B 274 8.10 19.70 -0.77
N SER B 275 7.32 18.98 -1.58
CA SER B 275 6.05 18.45 -1.13
C SER B 275 6.18 17.09 -0.49
N GLY B 276 7.36 16.51 -0.46
CA GLY B 276 7.61 15.31 0.31
C GLY B 276 8.31 15.55 1.61
N VAL B 277 8.55 16.81 1.98
CA VAL B 277 9.17 17.15 3.25
C VAL B 277 8.30 18.07 4.08
N VAL B 278 7.21 18.58 3.51
CA VAL B 278 6.24 19.36 4.25
C VAL B 278 5.01 18.53 4.60
N MET B 279 4.85 17.38 3.98
CA MET B 279 3.79 16.43 4.31
C MET B 279 4.18 15.48 5.43
N ARG B 280 5.36 14.89 5.40
CA ARG B 280 5.72 13.90 6.40
C ARG B 280 5.56 14.37 7.83
N PRO B 281 5.98 15.57 8.23
CA PRO B 281 5.70 16.00 9.61
C PRO B 281 4.22 16.05 9.95
N TYR B 282 3.36 16.42 9.01
CA TYR B 282 1.94 16.58 9.28
C TYR B 282 1.07 15.54 8.61
N VAL B 283 1.65 14.44 8.13
CA VAL B 283 0.90 13.30 7.65
C VAL B 283 1.37 12.01 8.30
N GLU B 284 2.56 12.03 8.89
CA GLU B 284 2.96 10.98 9.80
C GLU B 284 2.23 11.08 11.13
N ALA B 285 1.68 12.24 11.45
CA ALA B 285 1.07 12.44 12.75
C ALA B 285 -0.39 12.04 12.78
N ASN B 286 -1.24 12.70 11.99
CA ASN B 286 -2.67 12.60 12.21
C ASN B 286 -3.37 11.45 11.49
N ILE B 287 -2.68 10.72 10.61
CA ILE B 287 -3.27 9.49 10.09
C ILE B 287 -2.89 8.35 11.02
N SER B 288 -3.53 7.20 10.85
CA SER B 288 -3.33 6.06 11.75
C SER B 288 -1.95 5.46 11.51
N HIS B 289 -1.69 4.32 12.15
CA HIS B 289 -0.39 3.67 12.05
C HIS B 289 -0.35 2.57 11.00
N LYS B 290 -1.50 2.06 10.56
CA LYS B 290 -1.48 1.07 9.51
C LYS B 290 -1.55 1.72 8.14
N SER B 291 -2.26 2.84 8.01
CA SER B 291 -2.19 3.60 6.78
C SER B 291 -0.77 4.07 6.51
N HIS B 292 -0.01 4.36 7.58
CA HIS B 292 1.36 4.81 7.37
C HIS B 292 2.27 3.68 6.97
N THR B 293 2.11 2.51 7.58
CA THR B 293 2.85 1.35 7.11
C THR B 293 2.39 0.91 5.73
N THR B 294 1.25 1.42 5.25
CA THR B 294 0.90 1.23 3.85
C THR B 294 1.61 2.23 2.96
N ILE B 295 1.58 3.51 3.33
CA ILE B 295 2.23 4.52 2.51
C ILE B 295 3.71 4.21 2.36
N LYS B 296 4.37 3.89 3.47
CA LYS B 296 5.81 3.67 3.44
C LYS B 296 6.15 2.42 2.64
N TYR B 297 5.51 1.30 2.95
CA TYR B 297 5.81 0.05 2.28
C TYR B 297 5.24 -0.03 0.88
N PHE B 298 4.48 0.97 0.46
CA PHE B 298 4.10 1.06 -0.94
C PHE B 298 4.98 2.00 -1.73
N LEU B 299 5.42 3.10 -1.13
CA LEU B 299 6.38 3.95 -1.81
C LEU B 299 7.67 3.19 -2.06
N LYS B 300 8.09 2.37 -1.11
CA LYS B 300 9.29 1.56 -1.35
C LYS B 300 9.10 0.65 -2.55
N MET B 301 7.92 0.04 -2.69
CA MET B 301 7.72 -0.86 -3.82
C MET B 301 7.63 -0.08 -5.12
N TRP B 302 6.88 1.02 -5.14
CA TRP B 302 6.90 1.94 -6.26
C TRP B 302 8.30 2.20 -6.73
N SER B 303 9.14 2.74 -5.86
CA SER B 303 10.45 3.19 -6.31
C SER B 303 11.32 2.03 -6.74
N SER B 304 11.27 0.91 -6.02
CA SER B 304 12.09 -0.23 -6.44
C SER B 304 11.70 -0.69 -7.84
N VAL B 305 10.40 -0.80 -8.10
CA VAL B 305 9.96 -1.25 -9.41
C VAL B 305 10.23 -0.20 -10.48
N SER B 306 10.09 1.08 -10.15
CA SER B 306 10.33 2.10 -11.16
C SER B 306 11.80 2.18 -11.53
N GLU B 307 12.70 2.10 -10.56
CA GLU B 307 14.12 2.11 -10.91
C GLU B 307 14.48 0.89 -11.73
N THR B 308 13.93 -0.28 -11.36
CA THR B 308 14.22 -1.46 -12.17
C THR B 308 13.70 -1.30 -13.58
N LEU B 309 12.51 -0.74 -13.74
CA LEU B 309 11.95 -0.54 -15.07
C LEU B 309 12.79 0.42 -15.89
N ILE B 310 13.21 1.55 -15.32
CA ILE B 310 13.88 2.47 -16.22
C ILE B 310 15.31 2.04 -16.49
N PHE B 311 15.89 1.17 -15.65
CA PHE B 311 17.16 0.59 -16.06
C PHE B 311 16.97 -0.47 -17.14
N ILE B 312 15.92 -1.30 -17.02
CA ILE B 312 15.62 -2.21 -18.11
C ILE B 312 15.32 -1.43 -19.39
N PHE B 313 14.81 -0.22 -19.26
CA PHE B 313 14.44 0.54 -20.45
C PHE B 313 15.62 1.27 -21.06
N LEU B 314 16.57 1.75 -20.26
CA LEU B 314 17.82 2.19 -20.86
C LEU B 314 18.54 1.02 -21.50
N GLY B 315 18.29 -0.19 -21.01
CA GLY B 315 18.85 -1.36 -21.67
C GLY B 315 18.17 -1.66 -23.00
N VAL B 316 16.84 -1.59 -23.04
CA VAL B 316 16.12 -1.97 -24.26
C VAL B 316 16.05 -0.83 -25.26
N SER B 317 16.39 0.39 -24.87
CA SER B 317 16.47 1.50 -25.79
C SER B 317 17.89 1.83 -26.21
N THR B 318 18.88 1.04 -25.80
CA THR B 318 20.22 1.13 -26.37
C THR B 318 20.44 0.13 -27.47
N VAL B 319 19.49 -0.77 -27.70
CA VAL B 319 19.58 -1.68 -28.83
C VAL B 319 18.80 -1.16 -30.02
N ALA B 320 17.89 -0.21 -29.81
CA ALA B 320 17.15 0.41 -30.90
C ALA B 320 17.20 1.93 -30.87
N GLY B 321 17.94 2.54 -29.95
CA GLY B 321 18.06 3.97 -29.85
C GLY B 321 19.47 4.52 -29.80
N SER B 322 20.48 3.72 -30.15
CA SER B 322 21.87 4.18 -30.21
C SER B 322 22.43 3.85 -31.58
N HIS B 323 22.96 4.86 -32.25
CA HIS B 323 23.44 4.73 -33.62
C HIS B 323 24.20 6.01 -33.96
N HIS B 324 24.78 6.02 -35.16
CA HIS B 324 25.60 7.14 -35.64
C HIS B 324 26.82 7.36 -34.73
N TRP B 325 27.70 6.36 -34.74
CA TRP B 325 28.90 6.42 -33.91
C TRP B 325 29.93 7.35 -34.55
N ASN B 326 30.48 8.25 -33.74
CA ASN B 326 31.52 9.19 -34.17
C ASN B 326 32.61 9.18 -33.11
N TRP B 327 33.76 8.58 -33.44
CA TRP B 327 34.79 8.34 -32.43
C TRP B 327 35.23 9.61 -31.73
N THR B 328 35.61 10.64 -32.48
CA THR B 328 36.19 11.81 -31.84
C THR B 328 35.22 12.41 -30.84
N PHE B 329 33.94 12.52 -31.20
CA PHE B 329 32.98 13.13 -30.30
C PHE B 329 32.68 12.25 -29.09
N VAL B 330 32.54 10.94 -29.28
CA VAL B 330 32.23 10.07 -28.15
C VAL B 330 33.38 10.06 -27.16
N ILE B 331 34.60 9.83 -27.63
CA ILE B 331 35.74 9.81 -26.72
C ILE B 331 35.92 11.17 -26.08
N SER B 332 35.67 12.24 -26.84
CA SER B 332 35.80 13.57 -26.29
C SER B 332 34.78 13.81 -25.18
N THR B 333 33.54 13.35 -25.35
CA THR B 333 32.56 13.62 -24.31
C THR B 333 32.83 12.78 -23.07
N LEU B 334 33.30 11.54 -23.25
CA LEU B 334 33.74 10.77 -22.08
C LEU B 334 34.80 11.53 -21.30
N LEU B 335 35.93 11.80 -21.96
CA LEU B 335 37.03 12.42 -21.25
C LEU B 335 36.63 13.77 -20.68
N PHE B 336 35.79 14.51 -21.38
CA PHE B 336 35.52 15.89 -21.01
C PHE B 336 34.29 16.02 -20.12
N CYS B 337 33.61 14.92 -19.80
CA CYS B 337 32.73 14.94 -18.64
C CYS B 337 33.43 14.39 -17.42
N LEU B 338 34.31 13.39 -17.57
CA LEU B 338 35.02 12.87 -16.41
C LEU B 338 35.98 13.92 -15.84
N ILE B 339 36.85 14.47 -16.68
CA ILE B 339 37.76 15.51 -16.27
C ILE B 339 37.03 16.77 -15.83
N ALA B 340 35.86 17.03 -16.40
CA ALA B 340 35.05 18.14 -15.94
C ALA B 340 34.51 17.90 -14.54
N ARG B 341 33.98 16.70 -14.30
CA ARG B 341 33.38 16.40 -13.02
C ARG B 341 34.42 16.45 -11.91
N VAL B 342 35.55 15.78 -12.10
CA VAL B 342 36.54 15.76 -11.03
C VAL B 342 37.11 17.14 -10.80
N LEU B 343 37.29 17.94 -11.84
CA LEU B 343 37.87 19.25 -11.65
C LEU B 343 36.89 20.16 -10.93
N GLY B 344 35.62 20.11 -11.31
CA GLY B 344 34.62 20.90 -10.61
C GLY B 344 34.52 20.52 -9.15
N VAL B 345 34.58 19.22 -8.87
CA VAL B 345 34.50 18.76 -7.48
C VAL B 345 35.69 19.26 -6.68
N LEU B 346 36.90 19.12 -7.23
CA LEU B 346 38.07 19.60 -6.49
C LEU B 346 37.97 21.08 -6.22
N GLY B 347 37.60 21.87 -7.23
CA GLY B 347 37.48 23.30 -7.02
C GLY B 347 36.45 23.65 -5.98
N LEU B 348 35.26 23.06 -6.07
CA LEU B 348 34.20 23.47 -5.15
C LEU B 348 34.44 22.94 -3.74
N THR B 349 35.15 21.83 -3.58
CA THR B 349 35.48 21.42 -2.23
C THR B 349 36.56 22.30 -1.63
N TRP B 350 37.50 22.79 -2.45
CA TRP B 350 38.42 23.80 -1.91
C TRP B 350 37.67 25.03 -1.48
N PHE B 351 36.64 25.40 -2.23
CA PHE B 351 35.85 26.57 -1.86
C PHE B 351 35.11 26.30 -0.55
N ILE B 352 34.38 25.18 -0.49
CA ILE B 352 33.53 24.90 0.64
C ILE B 352 34.32 24.72 1.92
N ASN B 353 35.38 23.92 1.89
CA ASN B 353 36.07 23.56 3.13
C ASN B 353 36.62 24.78 3.86
N LYS B 354 36.49 25.97 3.26
CA LYS B 354 36.76 27.18 4.01
C LYS B 354 35.52 27.62 4.79
N PHE B 355 34.45 26.83 4.76
CA PHE B 355 33.23 27.22 5.45
C PHE B 355 32.60 26.11 6.29
N ARG B 356 32.74 24.84 5.90
CA ARG B 356 31.99 23.81 6.60
C ARG B 356 32.71 23.31 7.84
N ILE B 357 31.98 22.52 8.63
CA ILE B 357 32.48 22.02 9.90
C ILE B 357 33.35 20.79 9.70
N VAL B 358 32.76 19.72 9.20
CA VAL B 358 33.50 18.50 8.89
C VAL B 358 34.03 18.61 7.46
N LYS B 359 35.33 18.79 7.33
CA LYS B 359 35.93 19.05 6.03
C LYS B 359 35.77 17.83 5.13
N LEU B 360 35.70 18.09 3.83
CA LEU B 360 35.50 17.03 2.84
C LEU B 360 36.84 16.34 2.62
N THR B 361 37.05 15.24 3.32
CA THR B 361 38.25 14.44 3.16
C THR B 361 38.39 14.02 1.70
N PRO B 362 39.61 14.02 1.14
CA PRO B 362 39.76 13.66 -0.28
C PRO B 362 39.13 12.32 -0.66
N LYS B 363 38.91 11.44 0.31
CA LYS B 363 38.06 10.28 0.04
C LYS B 363 36.66 10.73 -0.33
N ASP B 364 36.11 11.69 0.41
CA ASP B 364 34.79 12.21 0.09
C ASP B 364 34.77 12.83 -1.30
N GLN B 365 35.78 13.64 -1.60
CA GLN B 365 35.80 14.29 -2.90
C GLN B 365 35.89 13.28 -4.03
N PHE B 366 36.69 12.22 -3.85
CA PHE B 366 36.83 11.28 -4.95
C PHE B 366 35.60 10.41 -5.10
N ILE B 367 34.89 10.10 -4.01
CA ILE B 367 33.69 9.28 -4.17
C ILE B 367 32.52 10.14 -4.63
N ILE B 368 32.58 11.46 -4.42
CA ILE B 368 31.58 12.33 -5.01
C ILE B 368 31.82 12.46 -6.50
N ALA B 369 33.03 12.87 -6.89
CA ALA B 369 33.32 13.10 -8.29
C ALA B 369 33.22 11.82 -9.11
N TYR B 370 33.77 10.73 -8.60
CA TYR B 370 33.72 9.47 -9.31
C TYR B 370 32.38 8.77 -9.20
N GLY B 371 31.57 9.15 -8.23
CA GLY B 371 30.30 8.47 -7.99
C GLY B 371 29.09 9.26 -8.44
N GLY B 372 29.30 10.30 -9.24
CA GLY B 372 28.16 10.99 -9.80
C GLY B 372 27.74 10.33 -11.09
N LEU B 373 26.75 9.47 -11.03
CA LEU B 373 26.35 8.63 -12.15
C LEU B 373 25.38 9.39 -13.05
N ARG B 374 25.46 9.07 -14.34
CA ARG B 374 24.50 9.60 -15.30
C ARG B 374 23.44 8.54 -15.56
N GLY B 375 22.20 8.97 -15.67
CA GLY B 375 21.12 8.02 -15.87
C GLY B 375 20.08 8.50 -16.85
N ALA B 376 18.86 8.01 -16.71
CA ALA B 376 17.86 8.14 -17.75
C ALA B 376 17.41 9.57 -18.00
N ILE B 377 17.65 10.50 -17.07
CA ILE B 377 17.37 11.90 -17.34
C ILE B 377 18.38 12.49 -18.32
N ALA B 378 19.49 11.79 -18.55
CA ALA B 378 20.37 12.13 -19.65
C ALA B 378 19.93 11.48 -20.96
N PHE B 379 19.18 10.39 -20.90
CA PHE B 379 18.72 9.75 -22.12
C PHE B 379 17.37 10.32 -22.55
N SER B 380 16.42 10.41 -21.63
CA SER B 380 15.12 10.96 -21.95
C SER B 380 15.13 12.46 -22.19
N LEU B 381 16.24 13.14 -21.91
CA LEU B 381 16.39 14.52 -22.31
C LEU B 381 17.17 14.68 -23.60
N GLY B 382 17.85 13.63 -24.04
CA GLY B 382 18.53 13.65 -25.33
C GLY B 382 17.62 13.04 -26.36
N TYR B 383 16.40 12.72 -25.96
CA TYR B 383 15.41 12.15 -26.86
C TYR B 383 14.26 13.12 -27.14
N LEU B 384 14.00 14.08 -26.26
CA LEU B 384 13.12 15.21 -26.54
C LEU B 384 13.69 16.19 -27.54
N LEU B 385 14.97 16.10 -27.87
CA LEU B 385 15.58 17.04 -28.80
C LEU B 385 15.16 16.61 -30.21
N ASP B 386 14.28 17.41 -30.83
CA ASP B 386 13.75 17.02 -32.12
C ASP B 386 14.86 17.03 -33.18
N LYS B 387 14.72 16.15 -34.15
CA LYS B 387 15.70 15.99 -35.21
C LYS B 387 15.60 17.09 -36.26
N LYS B 388 14.61 17.97 -36.15
CA LYS B 388 14.40 19.05 -37.10
C LYS B 388 15.04 20.36 -36.66
N HIS B 389 14.85 20.76 -35.41
CA HIS B 389 15.56 21.93 -34.90
C HIS B 389 17.06 21.67 -34.81
N PHE B 390 17.44 20.56 -34.19
CA PHE B 390 18.84 20.18 -34.03
C PHE B 390 19.14 19.01 -34.95
N PRO B 391 19.76 19.22 -36.10
CA PRO B 391 20.00 18.13 -37.04
C PRO B 391 21.12 17.18 -36.63
N MET B 392 21.69 17.35 -35.44
CA MET B 392 22.69 16.42 -34.91
C MET B 392 22.12 15.83 -33.62
N CYS B 393 21.28 14.82 -33.77
CA CYS B 393 20.82 14.02 -32.64
C CYS B 393 20.90 12.54 -32.98
N ASP B 394 21.33 12.22 -34.20
CA ASP B 394 21.84 10.89 -34.47
C ASP B 394 23.05 10.58 -33.61
N LEU B 395 23.83 11.63 -33.30
CA LEU B 395 25.09 11.48 -32.60
C LEU B 395 24.94 11.75 -31.11
N PHE B 396 24.12 12.73 -30.74
CA PHE B 396 23.92 13.02 -29.33
C PHE B 396 23.41 11.80 -28.59
N LEU B 397 22.54 11.02 -29.22
CA LEU B 397 22.07 9.81 -28.55
C LEU B 397 23.19 8.81 -28.33
N THR B 398 24.09 8.63 -29.30
CA THR B 398 25.12 7.62 -29.08
C THR B 398 26.14 8.11 -28.07
N ALA B 399 26.41 9.42 -28.04
CA ALA B 399 27.28 9.94 -27.00
C ALA B 399 26.64 9.78 -25.63
N ILE B 400 25.36 10.11 -25.51
CA ILE B 400 24.66 9.96 -24.25
C ILE B 400 24.62 8.50 -23.83
N ILE B 401 24.42 7.60 -24.79
CA ILE B 401 24.33 6.18 -24.45
C ILE B 401 25.67 5.64 -24.00
N THR B 402 26.75 6.00 -24.69
CA THR B 402 28.06 5.56 -24.20
C THR B 402 28.37 6.16 -22.84
N VAL B 403 27.95 7.40 -22.59
CA VAL B 403 28.22 7.99 -21.29
C VAL B 403 27.37 7.33 -20.20
N ILE B 404 26.11 7.05 -20.48
CA ILE B 404 25.29 6.31 -19.53
C ILE B 404 25.93 4.96 -19.23
N PHE B 405 26.38 4.27 -20.28
CA PHE B 405 26.98 2.96 -20.06
C PHE B 405 28.28 3.06 -19.30
N PHE B 406 29.04 4.12 -19.51
CA PHE B 406 30.31 4.27 -18.82
C PHE B 406 30.10 4.59 -17.35
N THR B 407 29.20 5.52 -17.05
CA THR B 407 28.99 5.89 -15.67
C THR B 407 28.02 4.96 -14.96
N VAL B 408 27.49 3.95 -15.64
CA VAL B 408 26.67 2.98 -14.93
C VAL B 408 27.40 1.65 -14.82
N PHE B 409 28.29 1.36 -15.76
CA PHE B 409 29.07 0.13 -15.68
C PHE B 409 30.42 0.36 -15.01
N VAL B 410 31.27 1.16 -15.63
CA VAL B 410 32.64 1.30 -15.16
C VAL B 410 32.73 2.26 -13.99
N GLN B 411 31.77 3.15 -13.82
CA GLN B 411 31.60 3.83 -12.55
C GLN B 411 30.55 3.16 -11.69
N GLY B 412 30.03 2.02 -12.11
CA GLY B 412 29.11 1.24 -11.31
C GLY B 412 29.68 -0.05 -10.76
N MET B 413 30.42 -0.79 -11.58
CA MET B 413 31.01 -2.02 -11.05
C MET B 413 32.27 -1.74 -10.26
N THR B 414 32.78 -0.52 -10.37
CA THR B 414 34.04 -0.17 -9.73
C THR B 414 33.85 0.68 -8.47
N ILE B 415 32.74 1.40 -8.35
CA ILE B 415 32.47 2.11 -7.11
C ILE B 415 32.37 1.12 -5.95
N ARG B 416 31.98 -0.13 -6.23
CA ARG B 416 31.94 -1.15 -5.17
C ARG B 416 33.33 -1.42 -4.60
N PRO B 417 34.31 -1.91 -5.36
CA PRO B 417 35.63 -2.11 -4.78
C PRO B 417 36.34 -0.81 -4.43
N LEU B 418 35.92 0.31 -4.98
CA LEU B 418 36.65 1.55 -4.78
C LEU B 418 36.56 2.01 -3.33
N VAL B 419 35.37 1.97 -2.74
CA VAL B 419 35.24 2.39 -1.35
C VAL B 419 35.98 1.43 -0.44
N ASP B 420 36.00 0.14 -0.79
CA ASP B 420 36.76 -0.83 -0.01
C ASP B 420 38.25 -0.50 -0.05
N LEU B 421 38.77 -0.18 -1.23
CA LEU B 421 40.19 0.12 -1.34
C LEU B 421 40.54 1.44 -0.65
N LEU B 422 39.72 2.48 -0.86
CA LEU B 422 39.95 3.74 -0.19
C LEU B 422 39.62 3.70 1.29
N ALA B 423 38.90 2.68 1.74
CA ALA B 423 38.53 2.52 3.14
C ALA B 423 37.79 3.75 3.66
N VAL B 424 36.63 3.98 3.09
CA VAL B 424 35.75 5.04 3.52
C VAL B 424 34.78 4.47 4.55
N LYS B 425 34.34 5.32 5.47
CA LYS B 425 33.40 4.89 6.50
C LYS B 425 32.09 4.45 5.87
N LYS B 426 31.60 3.29 6.30
CA LYS B 426 30.46 2.64 5.67
C LYS B 426 29.35 2.48 6.71
N LYS B 427 28.37 3.39 6.67
CA LYS B 427 27.08 3.25 7.36
C LYS B 427 27.24 2.79 8.80
N GLN B 428 27.84 3.66 9.62
CA GLN B 428 27.96 3.36 11.04
C GLN B 428 26.59 3.34 11.72
N GLU B 429 25.60 3.99 11.10
CA GLU B 429 24.31 4.27 11.71
C GLU B 429 23.24 3.23 11.36
N THR B 430 23.61 1.96 11.23
CA THR B 430 22.66 0.93 10.81
C THR B 430 21.43 0.86 11.70
N LYS B 431 21.61 0.91 13.01
CA LYS B 431 20.51 0.74 13.95
C LYS B 431 20.10 2.09 14.56
N ARG B 432 19.17 2.04 15.50
CA ARG B 432 18.62 3.23 16.14
C ARG B 432 18.44 2.97 17.63
N SER B 433 18.58 4.03 18.43
CA SER B 433 18.45 3.93 19.88
C SER B 433 17.55 5.02 20.40
N ILE B 434 17.35 5.00 21.72
CA ILE B 434 16.58 6.06 22.36
C ILE B 434 17.50 7.12 22.95
N ASN B 435 18.60 6.69 23.57
CA ASN B 435 19.53 7.65 24.16
C ASN B 435 20.14 8.54 23.09
N GLU B 436 20.45 7.94 21.93
CA GLU B 436 20.79 8.71 20.74
C GLU B 436 19.84 9.88 20.57
N GLU B 437 18.53 9.60 20.52
CA GLU B 437 17.57 10.63 20.20
C GLU B 437 17.51 11.70 21.29
N ILE B 438 17.45 11.28 22.55
CA ILE B 438 17.30 12.25 23.63
C ILE B 438 18.52 13.16 23.68
N HIS B 439 19.73 12.58 23.69
CA HIS B 439 20.91 13.41 23.79
C HIS B 439 21.12 14.22 22.52
N THR B 440 20.71 13.71 21.35
CA THR B 440 20.81 14.49 20.14
C THR B 440 20.00 15.76 20.25
N GLN B 441 18.77 15.66 20.74
CA GLN B 441 18.02 16.89 20.89
C GLN B 441 18.61 17.78 21.96
N PHE B 442 19.23 17.20 22.98
CA PHE B 442 19.89 18.03 23.98
C PHE B 442 21.00 18.85 23.34
N LEU B 443 21.85 18.21 22.53
CA LEU B 443 22.94 18.94 21.89
C LEU B 443 22.41 19.98 20.92
N ASP B 444 21.32 19.66 20.21
CA ASP B 444 20.73 20.64 19.31
C ASP B 444 20.30 21.88 20.07
N HIS B 445 19.65 21.70 21.22
CA HIS B 445 19.24 22.87 21.99
C HIS B 445 20.44 23.61 22.56
N LEU B 446 21.48 22.86 22.94
CA LEU B 446 22.70 23.49 23.42
C LEU B 446 23.27 24.44 22.37
N LEU B 447 23.45 23.95 21.14
CA LEU B 447 23.99 24.80 20.10
C LEU B 447 23.04 25.94 19.76
N THR B 448 21.74 25.68 19.78
CA THR B 448 20.80 26.76 19.49
C THR B 448 20.95 27.88 20.50
N GLY B 449 21.28 27.56 21.74
CA GLY B 449 21.62 28.60 22.69
C GLY B 449 22.95 29.28 22.38
N ILE B 450 23.98 28.47 22.12
CA ILE B 450 25.33 29.02 21.99
C ILE B 450 25.44 29.95 20.80
N GLU B 451 24.89 29.53 19.65
CA GLU B 451 25.02 30.33 18.44
C GLU B 451 24.38 31.69 18.60
N ASP B 452 23.24 31.76 19.28
CA ASP B 452 22.65 33.06 19.54
C ASP B 452 23.42 33.84 20.60
N ILE B 453 24.09 33.15 21.52
CA ILE B 453 24.97 33.88 22.43
C ILE B 453 26.08 34.58 21.66
N CYS B 454 26.73 33.85 20.75
CA CYS B 454 27.81 34.44 19.97
C CYS B 454 27.30 35.53 19.05
N GLY B 455 26.14 35.32 18.44
CA GLY B 455 25.67 36.12 17.33
C GLY B 455 25.80 35.43 15.99
N HIS B 456 26.43 34.26 15.95
CA HIS B 456 26.63 33.53 14.71
C HIS B 456 25.31 32.91 14.23
N TYR B 457 24.53 33.67 13.49
CA TYR B 457 23.24 33.18 13.02
C TYR B 457 23.48 32.13 11.93
N GLY B 458 23.08 30.91 12.20
CA GLY B 458 23.38 29.82 11.31
C GLY B 458 22.25 28.83 11.23
N HIS B 459 22.61 27.59 10.90
CA HIS B 459 21.60 26.56 10.67
C HIS B 459 20.73 26.35 11.90
N HIS B 460 21.35 26.28 13.08
CA HIS B 460 20.58 25.98 14.28
C HIS B 460 19.60 27.10 14.61
N HIS B 461 20.01 28.35 14.42
CA HIS B 461 19.10 29.44 14.72
C HIS B 461 17.88 29.45 13.80
N TRP B 462 18.09 29.15 12.51
CA TRP B 462 16.95 29.08 11.61
C TRP B 462 16.08 27.88 11.92
N LYS B 463 16.68 26.74 12.27
CA LYS B 463 15.86 25.62 12.73
C LYS B 463 15.05 26.01 13.95
N ASP B 464 15.62 26.80 14.85
CA ASP B 464 14.89 27.26 16.02
C ASP B 464 13.70 28.11 15.64
N LYS B 465 13.91 29.12 14.79
CA LYS B 465 12.80 29.97 14.41
C LYS B 465 11.72 29.19 13.68
N LEU B 466 12.12 28.32 12.75
CA LEU B 466 11.15 27.52 12.02
C LEU B 466 10.38 26.58 12.95
N ASN B 467 11.06 25.95 13.90
CA ASN B 467 10.40 24.99 14.78
C ASN B 467 9.47 25.70 15.74
N ARG B 468 9.88 26.84 16.29
CA ARG B 468 8.94 27.60 17.10
C ARG B 468 7.76 28.06 16.28
N PHE B 469 8.00 28.45 15.02
CA PHE B 469 6.90 28.91 14.19
C PHE B 469 5.88 27.80 13.95
N ASN B 470 6.32 26.63 13.49
CA ASN B 470 5.37 25.54 13.27
C ASN B 470 5.15 24.73 14.53
N LYS B 471 5.46 25.27 15.69
CA LYS B 471 4.91 24.77 16.94
C LYS B 471 3.91 25.74 17.55
N LYS B 472 3.87 26.99 17.08
CA LYS B 472 2.84 27.93 17.51
C LYS B 472 1.73 28.06 16.47
N TYR B 473 2.08 28.48 15.25
CA TYR B 473 1.07 28.87 14.28
C TYR B 473 0.62 27.70 13.40
N VAL B 474 1.51 26.76 13.13
CA VAL B 474 1.16 25.52 12.46
C VAL B 474 1.18 24.45 13.54
N LYS B 475 0.77 23.23 13.18
CA LYS B 475 0.79 22.07 14.07
C LYS B 475 -0.30 22.22 15.13
N LYS B 476 -0.96 23.37 15.17
CA LYS B 476 -2.24 23.49 15.86
C LYS B 476 -3.38 23.77 14.89
N CYS B 477 -3.08 24.35 13.74
CA CYS B 477 -4.05 24.55 12.66
C CYS B 477 -3.80 23.61 11.49
N LEU B 478 -2.99 22.57 11.68
CA LEU B 478 -2.72 21.66 10.58
C LEU B 478 -2.70 20.18 10.95
N ILE B 479 -2.47 19.81 12.21
CA ILE B 479 -2.43 18.39 12.58
C ILE B 479 -3.73 17.97 13.23
N ALA B 480 -4.10 18.63 14.32
CA ALA B 480 -5.38 18.42 15.00
C ALA B 480 -5.79 16.95 15.10
N GLY B 481 -4.82 16.07 15.29
CA GLY B 481 -5.10 14.67 15.55
C GLY B 481 -4.77 14.35 17.00
N GLU B 482 -5.03 15.32 17.87
CA GLU B 482 -4.74 15.27 19.30
C GLU B 482 -3.24 15.39 19.54
N ARG B 483 -2.46 15.31 18.46
CA ARG B 483 -1.01 15.42 18.55
C ARG B 483 -0.52 16.83 18.23
N SER B 484 -1.31 17.85 18.57
CA SER B 484 -0.93 19.22 18.29
C SER B 484 0.22 19.71 19.16
N LYS B 485 0.60 18.95 20.18
CA LYS B 485 1.59 19.45 21.14
C LYS B 485 2.58 18.40 21.59
N GLU B 486 2.51 17.18 21.09
CA GLU B 486 3.40 16.11 21.56
C GLU B 486 4.75 16.23 20.90
N PRO B 487 5.83 16.46 21.65
CA PRO B 487 7.14 16.65 21.03
C PRO B 487 7.64 15.36 20.39
N GLN B 488 8.76 15.50 19.68
CA GLN B 488 9.32 14.34 18.98
C GLN B 488 9.85 13.29 19.94
N LEU B 489 10.16 13.65 21.18
CA LEU B 489 10.56 12.63 22.14
C LEU B 489 9.47 11.61 22.33
N ILE B 490 8.25 12.09 22.61
CA ILE B 490 7.13 11.20 22.87
C ILE B 490 6.80 10.37 21.65
N ALA B 491 6.79 10.99 20.47
CA ALA B 491 6.46 10.27 19.25
C ALA B 491 7.51 9.21 18.96
N PHE B 492 8.78 9.53 19.13
CA PHE B 492 9.83 8.54 18.91
C PHE B 492 9.73 7.40 19.91
N TYR B 493 9.43 7.71 21.17
CA TYR B 493 9.26 6.65 22.16
C TYR B 493 8.13 5.72 21.72
N HIS B 494 7.00 6.29 21.29
CA HIS B 494 5.89 5.45 20.87
C HIS B 494 6.24 4.61 19.65
N LYS B 495 6.95 5.19 18.69
CA LYS B 495 7.34 4.42 17.52
C LYS B 495 8.23 3.25 17.91
N MET B 496 9.26 3.52 18.71
CA MET B 496 10.17 2.44 19.12
C MET B 496 9.44 1.39 19.95
N GLU B 497 8.57 1.83 20.85
CA GLU B 497 7.83 0.89 21.69
C GLU B 497 6.94 -0.02 20.85
N MET B 498 6.23 0.58 19.90
CA MET B 498 5.38 -0.21 19.00
C MET B 498 6.23 -1.23 18.24
N LYS B 499 7.38 -0.80 17.73
CA LYS B 499 8.21 -1.69 16.95
C LYS B 499 8.72 -2.87 17.78
N GLN B 500 9.25 -2.59 18.97
CA GLN B 500 9.80 -3.68 19.76
C GLN B 500 8.69 -4.62 20.24
N ALA B 501 7.51 -4.06 20.56
CA ALA B 501 6.41 -4.91 20.97
C ALA B 501 5.96 -5.83 19.84
N ILE B 502 5.86 -5.28 18.62
CA ILE B 502 5.49 -6.12 17.48
C ILE B 502 6.52 -7.21 17.27
N GLU B 503 7.80 -6.87 17.36
CA GLU B 503 8.83 -7.88 17.15
C GLU B 503 8.79 -8.95 18.24
N LEU B 504 8.55 -8.55 19.49
CA LEU B 504 8.45 -9.52 20.57
C LEU B 504 7.27 -10.46 20.36
N VAL B 505 6.12 -9.91 19.95
CA VAL B 505 4.95 -10.74 19.75
C VAL B 505 5.15 -11.69 18.58
N GLU B 506 5.82 -11.23 17.51
CA GLU B 506 6.13 -12.12 16.40
C GLU B 506 7.00 -13.28 16.85
N SER B 507 7.96 -13.02 17.75
CA SER B 507 8.84 -14.07 18.24
C SER B 507 8.11 -14.95 19.25
N GLY B 508 7.02 -15.58 18.82
CA GLY B 508 6.31 -16.51 19.70
C GLY B 508 7.12 -17.75 19.99
N GLY B 509 7.89 -18.23 19.02
CA GLY B 509 8.69 -19.43 19.20
C GLY B 509 8.73 -20.29 17.95
N ASP C 1 -43.84 -52.73 4.24
CA ASP C 1 -43.20 -51.62 4.94
C ASP C 1 -42.95 -51.97 6.40
N GLU C 2 -41.72 -51.77 6.85
CA GLU C 2 -41.35 -52.08 8.22
C GLU C 2 -41.93 -51.02 9.15
N GLU C 3 -41.68 -51.16 10.46
CA GLU C 3 -42.14 -50.20 11.44
C GLU C 3 -41.21 -48.99 11.40
N LEU C 4 -41.74 -47.84 10.97
CA LEU C 4 -40.93 -46.64 10.84
C LEU C 4 -41.62 -45.38 11.36
N GLU C 5 -42.91 -45.42 11.68
CA GLU C 5 -43.61 -44.22 12.10
C GLU C 5 -43.16 -43.75 13.48
N GLU C 6 -42.89 -44.68 14.40
CA GLU C 6 -42.46 -44.28 15.73
C GLU C 6 -41.08 -43.64 15.69
N ILE C 7 -40.20 -44.15 14.83
CA ILE C 7 -38.92 -43.48 14.60
C ILE C 7 -39.16 -42.11 14.00
N LYS C 8 -40.08 -42.02 13.02
CA LYS C 8 -40.41 -40.75 12.38
C LYS C 8 -40.90 -39.70 13.36
N LYS C 9 -41.62 -40.10 14.41
CA LYS C 9 -42.02 -39.18 15.47
C LYS C 9 -40.87 -38.89 16.42
N GLU C 10 -40.17 -39.93 16.88
CA GLU C 10 -39.10 -39.76 17.86
C GLU C 10 -37.96 -38.94 17.27
N THR C 11 -37.58 -39.22 16.03
CA THR C 11 -36.49 -38.50 15.39
C THR C 11 -36.97 -37.18 14.80
N GLY C 12 -37.88 -37.24 13.84
CA GLY C 12 -38.34 -36.08 13.12
C GLY C 12 -38.02 -36.08 11.64
N PHE C 13 -37.46 -37.16 11.10
CA PHE C 13 -37.22 -37.28 9.67
C PHE C 13 -38.53 -37.39 8.90
N SER C 14 -38.40 -37.35 7.57
CA SER C 14 -39.45 -37.79 6.68
C SER C 14 -39.37 -39.30 6.53
N HIS C 15 -40.05 -39.84 5.52
CA HIS C 15 -40.06 -41.29 5.37
C HIS C 15 -38.93 -41.74 4.45
N SER C 16 -38.70 -41.01 3.37
CA SER C 16 -37.64 -41.41 2.44
C SER C 16 -36.26 -41.23 3.04
N GLN C 17 -36.08 -40.21 3.91
CA GLN C 17 -34.81 -40.07 4.60
C GLN C 17 -34.51 -41.31 5.42
N ILE C 18 -35.50 -41.80 6.16
CA ILE C 18 -35.31 -43.00 6.96
C ILE C 18 -35.02 -44.20 6.06
N THR C 19 -35.71 -44.28 4.92
CA THR C 19 -35.47 -45.40 4.01
C THR C 19 -34.04 -45.40 3.50
N ARG C 20 -33.54 -44.24 3.10
CA ARG C 20 -32.17 -44.14 2.59
C ARG C 20 -31.15 -44.42 3.69
N LEU C 21 -31.40 -43.93 4.90
CA LEU C 21 -30.50 -44.22 5.99
C LEU C 21 -30.47 -45.70 6.30
N TYR C 22 -31.63 -46.36 6.27
CA TYR C 22 -31.63 -47.80 6.48
C TYR C 22 -30.93 -48.53 5.35
N SER C 23 -30.98 -47.99 4.14
CA SER C 23 -30.22 -48.57 3.05
C SER C 23 -28.73 -48.54 3.35
N ARG C 24 -28.23 -47.37 3.77
CA ARG C 24 -26.83 -47.26 4.16
C ARG C 24 -26.52 -48.18 5.35
N PHE C 25 -27.47 -48.31 6.28
CA PHE C 25 -27.33 -49.21 7.42
C PHE C 25 -27.10 -50.64 6.97
N THR C 26 -27.94 -51.12 6.04
CA THR C 26 -27.78 -52.47 5.53
C THR C 26 -26.45 -52.62 4.80
N SER C 27 -26.05 -51.61 4.04
CA SER C 27 -24.79 -51.68 3.31
C SER C 27 -23.60 -51.78 4.27
N LEU C 28 -23.64 -51.02 5.35
CA LEU C 28 -22.52 -50.95 6.30
C LEU C 28 -22.62 -51.97 7.42
N ASP C 29 -23.69 -52.75 7.46
CA ASP C 29 -23.85 -53.73 8.54
C ASP C 29 -22.77 -54.80 8.47
N LYS C 30 -22.49 -55.30 7.25
CA LYS C 30 -21.54 -56.37 7.04
C LYS C 30 -21.86 -57.57 7.92
N GLY C 31 -23.15 -57.86 8.07
CA GLY C 31 -23.60 -58.91 8.95
C GLY C 31 -24.76 -58.46 9.82
N GLU C 32 -25.84 -59.25 9.83
CA GLU C 32 -27.03 -58.86 10.58
C GLU C 32 -26.76 -58.84 12.08
N ASN C 33 -26.03 -59.84 12.59
CA ASN C 33 -25.85 -59.94 14.04
C ASN C 33 -25.09 -58.73 14.59
N GLY C 34 -24.04 -58.30 13.90
CA GLY C 34 -23.32 -57.12 14.31
C GLY C 34 -23.86 -55.89 13.61
N THR C 35 -25.08 -55.47 13.99
CA THR C 35 -25.73 -54.33 13.33
C THR C 35 -24.81 -53.12 13.29
N LEU C 36 -24.46 -52.59 14.46
CA LEU C 36 -23.42 -51.58 14.56
C LEU C 36 -22.65 -51.71 15.87
N SER C 37 -21.34 -51.88 15.75
CA SER C 37 -20.44 -51.92 16.89
C SER C 37 -19.34 -50.90 16.63
N ARG C 38 -18.32 -50.92 17.47
CA ARG C 38 -17.18 -50.04 17.24
C ARG C 38 -16.40 -50.51 16.02
N GLU C 39 -16.23 -51.83 15.86
CA GLU C 39 -15.45 -52.35 14.75
C GLU C 39 -16.08 -52.00 13.40
N ASP C 40 -17.41 -52.05 13.33
CA ASP C 40 -18.08 -51.74 12.08
C ASP C 40 -17.85 -50.28 11.67
N PHE C 41 -17.90 -49.36 12.64
CA PHE C 41 -17.66 -47.96 12.34
C PHE C 41 -16.21 -47.69 12.00
N GLN C 42 -15.27 -48.32 12.71
CA GLN C 42 -13.87 -47.98 12.55
C GLN C 42 -13.37 -48.28 11.14
N ARG C 43 -13.96 -49.26 10.47
CA ARG C 43 -13.50 -49.66 9.15
C ARG C 43 -14.15 -48.84 8.03
N ILE C 44 -14.94 -47.84 8.36
CA ILE C 44 -15.35 -46.86 7.35
C ILE C 44 -14.12 -46.13 6.83
N PRO C 45 -13.96 -45.97 5.51
CA PRO C 45 -12.66 -45.56 4.98
C PRO C 45 -12.13 -44.24 5.51
N GLU C 46 -12.97 -43.21 5.62
CA GLU C 46 -12.44 -41.84 5.88
C GLU C 46 -12.52 -41.29 7.30
N LEU C 47 -13.54 -41.61 8.07
CA LEU C 47 -13.66 -40.95 9.36
C LEU C 47 -12.49 -41.31 10.27
N ALA C 48 -11.93 -42.51 10.13
CA ALA C 48 -10.78 -42.88 10.95
C ALA C 48 -9.62 -41.93 10.73
N ILE C 49 -9.45 -41.45 9.50
CA ILE C 49 -8.45 -40.43 9.22
C ILE C 49 -8.79 -39.14 9.92
N ASN C 50 -10.08 -38.82 10.01
CA ASN C 50 -10.51 -37.62 10.71
C ASN C 50 -10.05 -37.69 12.16
N PRO C 51 -9.56 -36.59 12.73
CA PRO C 51 -9.08 -36.64 14.12
C PRO C 51 -10.16 -37.06 15.11
N LEU C 52 -11.41 -36.68 14.87
CA LEU C 52 -12.48 -37.00 15.80
C LEU C 52 -13.16 -38.33 15.51
N GLY C 53 -12.48 -39.25 14.84
CA GLY C 53 -13.12 -40.51 14.51
C GLY C 53 -13.54 -41.31 15.72
N ASP C 54 -12.61 -41.55 16.65
CA ASP C 54 -12.93 -42.38 17.79
C ASP C 54 -13.95 -41.70 18.70
N ARG C 55 -13.87 -40.37 18.83
CA ARG C 55 -14.86 -39.67 19.63
C ARG C 55 -16.26 -39.85 19.06
N ILE C 56 -16.41 -39.76 17.74
CA ILE C 56 -17.73 -39.94 17.14
C ILE C 56 -18.22 -41.37 17.34
N ILE C 57 -17.34 -42.35 17.05
CA ILE C 57 -17.74 -43.75 17.17
C ILE C 57 -18.20 -44.07 18.59
N ASN C 58 -17.49 -43.53 19.59
CA ASN C 58 -17.90 -43.70 20.97
C ASN C 58 -18.98 -42.69 21.37
N ALA C 59 -19.36 -41.79 20.46
CA ALA C 59 -20.35 -40.77 20.77
C ALA C 59 -21.76 -41.18 20.40
N PHE C 60 -21.94 -41.95 19.33
CA PHE C 60 -23.28 -42.47 19.07
C PHE C 60 -23.83 -43.26 20.24
N PHE C 61 -23.01 -44.08 20.87
CA PHE C 61 -23.50 -45.08 21.80
C PHE C 61 -24.16 -44.44 23.01
N PRO C 62 -25.28 -44.96 23.48
CA PRO C 62 -25.88 -44.43 24.72
C PRO C 62 -24.98 -44.65 25.92
N GLU C 63 -24.64 -45.92 26.16
CA GLU C 63 -23.83 -46.30 27.31
C GLU C 63 -22.72 -47.25 26.89
N GLY C 64 -22.06 -47.86 27.87
CA GLY C 64 -20.88 -48.68 27.62
C GLY C 64 -21.10 -49.86 26.69
N GLU C 65 -22.34 -50.12 26.28
CA GLU C 65 -22.59 -51.22 25.35
C GLU C 65 -21.90 -50.95 24.03
N ASP C 66 -21.50 -52.03 23.35
CA ASP C 66 -20.90 -51.92 22.02
C ASP C 66 -21.82 -52.45 20.92
N GLN C 67 -23.13 -52.34 21.10
CA GLN C 67 -24.08 -52.49 20.01
C GLN C 67 -24.75 -51.14 19.74
N VAL C 68 -25.03 -50.89 18.46
CA VAL C 68 -25.97 -49.85 18.05
C VAL C 68 -26.98 -50.49 17.12
N ASN C 69 -28.26 -50.31 17.43
CA ASN C 69 -29.32 -50.77 16.55
C ASN C 69 -29.70 -49.65 15.59
N PHE C 70 -30.55 -49.97 14.63
CA PHE C 70 -30.87 -48.94 13.63
C PHE C 70 -31.60 -47.81 14.31
N ARG C 71 -32.51 -48.11 15.23
CA ARG C 71 -33.34 -47.02 15.80
C ARG C 71 -32.42 -46.02 16.49
N GLY C 72 -31.32 -46.51 17.04
CA GLY C 72 -30.43 -45.62 17.79
C GLY C 72 -29.62 -44.78 16.84
N PHE C 73 -29.04 -45.42 15.85
CA PHE C 73 -28.37 -44.59 14.83
C PHE C 73 -29.37 -43.50 14.56
N MET C 74 -30.68 -43.80 14.54
CA MET C 74 -31.50 -42.65 14.16
C MET C 74 -31.60 -41.65 15.29
N ARG C 75 -31.70 -42.13 16.53
CA ARG C 75 -31.79 -41.21 17.68
C ARG C 75 -30.55 -40.35 17.79
N THR C 76 -29.37 -40.95 17.66
CA THR C 76 -28.14 -40.19 17.77
C THR C 76 -27.87 -39.36 16.52
N LEU C 77 -28.50 -39.66 15.38
CA LEU C 77 -28.18 -38.91 14.12
C LEU C 77 -29.16 -37.76 13.97
N ALA C 78 -30.35 -37.92 14.48
CA ALA C 78 -31.31 -36.85 14.27
C ALA C 78 -30.78 -35.53 14.79
N HIS C 79 -29.86 -35.57 15.76
CA HIS C 79 -29.33 -34.34 16.36
C HIS C 79 -28.80 -33.38 15.31
N PHE C 80 -28.54 -33.87 14.11
CA PHE C 80 -28.07 -32.99 13.04
C PHE C 80 -29.19 -32.54 12.12
N ARG C 81 -30.41 -33.04 12.29
CA ARG C 81 -31.49 -32.70 11.38
C ARG C 81 -31.71 -31.20 11.35
N PRO C 82 -31.78 -30.58 10.18
CA PRO C 82 -31.87 -29.12 10.12
C PRO C 82 -33.11 -28.61 10.83
N ILE C 83 -32.95 -27.52 11.56
CA ILE C 83 -34.06 -26.95 12.31
C ILE C 83 -34.99 -26.23 11.34
N GLU C 84 -36.28 -26.53 11.43
CA GLU C 84 -37.28 -26.01 10.51
C GLU C 84 -38.17 -25.02 11.26
N ASP C 85 -38.21 -23.79 10.78
CA ASP C 85 -38.83 -22.67 11.50
C ASP C 85 -40.32 -22.85 11.71
N ASN C 86 -41.06 -23.11 10.63
CA ASN C 86 -42.51 -23.25 10.74
C ASN C 86 -42.88 -24.45 11.62
N GLU C 87 -42.18 -25.57 11.45
CA GLU C 87 -42.52 -26.78 12.17
C GLU C 87 -42.01 -26.77 13.61
N LYS C 88 -41.17 -25.80 13.98
CA LYS C 88 -40.81 -25.61 15.39
C LYS C 88 -41.63 -24.52 16.06
N SER C 89 -42.16 -23.56 15.31
CA SER C 89 -43.01 -22.52 15.85
C SER C 89 -44.49 -22.85 15.76
N LYS C 90 -44.84 -23.97 15.11
CA LYS C 90 -46.23 -24.37 14.95
C LYS C 90 -46.87 -24.64 16.31
N ASP C 91 -46.36 -25.63 17.03
CA ASP C 91 -46.83 -25.96 18.37
C ASP C 91 -45.65 -25.90 19.33
N VAL C 92 -45.80 -25.15 20.42
CA VAL C 92 -44.76 -24.98 21.42
C VAL C 92 -45.28 -25.57 22.73
N ASN C 93 -44.95 -26.84 22.97
CA ASN C 93 -45.37 -27.49 24.20
C ASN C 93 -44.17 -27.96 25.01
N GLY C 94 -43.23 -28.63 24.35
CA GLY C 94 -42.04 -29.12 25.01
C GLY C 94 -40.89 -29.35 24.06
N PRO C 95 -39.68 -29.50 24.59
CA PRO C 95 -38.49 -29.74 23.73
C PRO C 95 -38.44 -31.17 23.22
N GLU C 96 -39.55 -31.62 22.63
CA GLU C 96 -39.58 -32.92 21.98
C GLU C 96 -38.55 -33.07 20.86
N PRO C 97 -38.38 -32.13 19.93
CA PRO C 97 -37.46 -32.40 18.81
C PRO C 97 -36.03 -32.58 19.29
N LEU C 98 -35.36 -33.58 18.72
CA LEU C 98 -33.98 -33.90 19.05
C LEU C 98 -32.98 -33.03 18.31
N ASN C 99 -33.45 -32.09 17.48
CA ASN C 99 -32.56 -31.18 16.81
C ASN C 99 -32.74 -29.74 17.26
N SER C 100 -33.30 -29.53 18.45
CA SER C 100 -33.37 -28.18 18.98
C SER C 100 -31.97 -27.68 19.31
N ARG C 101 -31.78 -26.38 19.17
CA ARG C 101 -30.45 -25.79 19.29
C ARG C 101 -29.79 -26.14 20.61
N SER C 102 -30.56 -26.33 21.68
CA SER C 102 -29.97 -26.76 22.93
C SER C 102 -29.28 -28.11 22.78
N ASN C 103 -29.95 -29.05 22.12
CA ASN C 103 -29.35 -30.37 21.93
C ASN C 103 -28.19 -30.32 20.95
N LYS C 104 -28.23 -29.40 19.99
CA LYS C 104 -27.13 -29.29 19.05
C LYS C 104 -25.87 -28.73 19.72
N LEU C 105 -26.00 -28.16 20.90
CA LEU C 105 -24.80 -27.79 21.62
C LEU C 105 -24.48 -28.78 22.71
N HIS C 106 -25.49 -29.41 23.31
CA HIS C 106 -25.23 -30.47 24.26
C HIS C 106 -24.46 -31.61 23.61
N PHE C 107 -24.71 -31.85 22.31
CA PHE C 107 -23.92 -32.84 21.62
C PHE C 107 -22.45 -32.46 21.60
N ALA C 108 -22.14 -31.20 21.32
CA ALA C 108 -20.75 -30.78 21.33
C ALA C 108 -20.14 -30.94 22.71
N PHE C 109 -20.84 -30.48 23.73
CA PHE C 109 -20.21 -30.53 25.07
C PHE C 109 -20.07 -32.01 25.44
N ARG C 110 -20.91 -32.91 24.93
CA ARG C 110 -20.72 -34.32 25.24
C ARG C 110 -19.59 -34.93 24.43
N LEU C 111 -19.26 -34.31 23.29
CA LEU C 111 -18.09 -34.78 22.56
C LEU C 111 -16.80 -34.35 23.24
N TYR C 112 -16.77 -33.14 23.79
CA TYR C 112 -15.59 -32.66 24.50
C TYR C 112 -15.28 -33.54 25.69
N ASP C 113 -16.29 -33.82 26.50
CA ASP C 113 -16.07 -34.37 27.83
C ASP C 113 -15.52 -35.80 27.78
N LEU C 114 -14.58 -36.07 28.67
CA LEU C 114 -14.03 -37.42 28.80
C LEU C 114 -15.14 -38.41 29.13
N ASP C 115 -15.76 -38.23 30.28
CA ASP C 115 -16.98 -38.95 30.66
C ASP C 115 -18.11 -37.94 30.77
N LYS C 116 -19.33 -38.44 30.86
CA LYS C 116 -20.49 -37.56 30.87
C LYS C 116 -20.69 -36.93 32.24
N ASP C 117 -19.64 -36.25 32.73
CA ASP C 117 -19.68 -35.56 34.01
C ASP C 117 -19.91 -34.06 33.86
N GLU C 118 -20.24 -33.60 32.66
CA GLU C 118 -20.44 -32.18 32.36
C GLU C 118 -19.23 -31.34 32.74
N LYS C 119 -18.02 -31.84 32.49
CA LYS C 119 -16.80 -31.16 32.92
C LYS C 119 -15.82 -31.03 31.76
N ILE C 120 -15.95 -29.94 31.02
CA ILE C 120 -14.87 -29.50 30.15
C ILE C 120 -13.72 -29.04 31.05
N SER C 121 -12.50 -29.38 30.68
CA SER C 121 -11.35 -29.03 31.50
C SER C 121 -10.13 -28.88 30.61
N ARG C 122 -9.09 -28.24 31.17
CA ARG C 122 -7.87 -28.05 30.41
C ARG C 122 -7.35 -29.37 29.85
N ASP C 123 -7.53 -30.46 30.58
CA ASP C 123 -7.19 -31.77 30.02
C ASP C 123 -8.03 -32.06 28.78
N GLU C 124 -9.33 -31.79 28.85
CA GLU C 124 -10.22 -32.08 27.74
C GLU C 124 -9.89 -31.20 26.53
N LEU C 125 -9.76 -29.90 26.74
CA LEU C 125 -9.40 -29.01 25.65
C LEU C 125 -8.05 -29.38 25.06
N LEU C 126 -7.08 -29.68 25.91
CA LEU C 126 -5.75 -30.01 25.41
C LEU C 126 -5.79 -31.28 24.57
N GLN C 127 -6.55 -32.29 25.03
CA GLN C 127 -6.66 -33.53 24.28
C GLN C 127 -7.31 -33.29 22.93
N VAL C 128 -8.42 -32.55 22.90
CA VAL C 128 -9.11 -32.36 21.63
C VAL C 128 -8.29 -31.51 20.67
N LEU C 129 -7.61 -30.48 21.19
CA LEU C 129 -6.76 -29.66 20.34
C LEU C 129 -5.60 -30.47 19.77
N ARG C 130 -4.95 -31.29 20.60
CA ARG C 130 -3.89 -32.13 20.09
C ARG C 130 -4.44 -33.18 19.13
N MET C 131 -5.74 -33.45 19.18
CA MET C 131 -6.35 -34.29 18.17
C MET C 131 -6.49 -33.54 16.84
N MET C 132 -7.17 -32.39 16.86
CA MET C 132 -7.39 -31.64 15.63
C MET C 132 -6.07 -31.18 15.03
N VAL C 133 -5.24 -30.53 15.83
CA VAL C 133 -3.90 -30.17 15.40
C VAL C 133 -3.04 -31.43 15.31
N GLY C 134 -1.95 -31.33 14.55
CA GLY C 134 -1.03 -32.43 14.45
C GLY C 134 -0.24 -32.63 15.73
N VAL C 135 0.64 -33.63 15.70
CA VAL C 135 1.47 -33.91 16.86
C VAL C 135 2.76 -33.11 16.89
N ASN C 136 3.11 -32.45 15.79
CA ASN C 136 4.39 -31.75 15.72
C ASN C 136 4.37 -30.43 16.50
N ILE C 137 3.19 -29.82 16.65
CA ILE C 137 3.12 -28.47 17.19
C ILE C 137 3.43 -28.48 18.69
N SER C 138 3.97 -27.35 19.17
CA SER C 138 4.45 -27.25 20.54
C SER C 138 3.33 -27.47 21.55
N ASP C 139 3.67 -28.19 22.62
CA ASP C 139 2.69 -28.66 23.58
C ASP C 139 2.20 -27.56 24.50
N GLU C 140 3.12 -26.75 25.05
CA GLU C 140 2.67 -25.67 25.92
C GLU C 140 2.16 -24.50 25.11
N GLN C 141 2.39 -24.52 23.81
CA GLN C 141 1.66 -23.62 22.91
C GLN C 141 0.18 -24.02 22.83
N LEU C 142 -0.07 -25.31 22.65
CA LEU C 142 -1.44 -25.82 22.76
C LEU C 142 -2.02 -25.46 24.10
N GLY C 143 -1.21 -25.57 25.15
CA GLY C 143 -1.66 -25.14 26.46
C GLY C 143 -2.02 -23.66 26.49
N SER C 144 -1.24 -22.84 25.79
CA SER C 144 -1.54 -21.42 25.73
C SER C 144 -2.89 -21.16 25.07
N ILE C 145 -3.13 -21.80 23.93
CA ILE C 145 -4.43 -21.64 23.26
C ILE C 145 -5.55 -22.10 24.19
N ALA C 146 -5.37 -23.28 24.78
CA ALA C 146 -6.41 -23.88 25.60
C ALA C 146 -6.72 -23.03 26.82
N ASP C 147 -5.68 -22.53 27.49
CA ASP C 147 -5.92 -21.74 28.70
C ASP C 147 -6.41 -20.34 28.36
N ARG C 148 -6.04 -19.82 27.20
CA ARG C 148 -6.65 -18.57 26.74
C ARG C 148 -8.15 -18.75 26.54
N THR C 149 -8.54 -19.84 25.89
CA THR C 149 -9.97 -20.14 25.72
C THR C 149 -10.64 -20.36 27.07
N ILE C 150 -9.97 -21.06 27.98
CA ILE C 150 -10.52 -21.30 29.31
C ILE C 150 -10.78 -19.99 30.01
N GLN C 151 -9.80 -19.10 30.00
CA GLN C 151 -9.92 -17.82 30.70
C GLN C 151 -11.02 -16.96 30.11
N GLU C 152 -11.04 -16.83 28.78
CA GLU C 152 -12.06 -15.98 28.16
C GLU C 152 -13.45 -16.57 28.33
N ALA C 153 -13.56 -17.90 28.31
CA ALA C 153 -14.87 -18.54 28.42
C ALA C 153 -15.36 -18.56 29.85
N ASP C 154 -14.55 -19.09 30.76
CA ASP C 154 -14.98 -19.36 32.12
C ASP C 154 -15.34 -18.06 32.84
N GLN C 155 -16.63 -17.84 33.05
CA GLN C 155 -17.09 -16.86 34.01
C GLN C 155 -17.44 -17.49 35.35
N ASP C 156 -17.30 -18.83 35.44
CA ASP C 156 -17.63 -19.57 36.70
C ASP C 156 -16.54 -19.34 37.75
N GLY C 157 -15.31 -19.11 37.34
CA GLY C 157 -14.20 -18.92 38.24
C GLY C 157 -13.45 -20.19 38.58
N ASP C 158 -14.02 -21.36 38.30
CA ASP C 158 -13.36 -22.63 38.51
C ASP C 158 -12.56 -23.07 37.29
N SER C 159 -12.43 -22.20 36.30
CA SER C 159 -11.84 -22.45 34.99
C SER C 159 -12.70 -23.35 34.12
N ALA C 160 -13.81 -23.88 34.64
CA ALA C 160 -14.60 -24.82 33.85
C ALA C 160 -15.76 -24.14 33.13
N ALA C 161 -16.74 -23.64 33.89
CA ALA C 161 -17.97 -23.05 33.36
C ALA C 161 -18.47 -23.83 32.14
N SER C 162 -18.77 -25.11 32.36
CA SER C 162 -18.81 -26.09 31.29
C SER C 162 -19.87 -25.87 30.22
N PHE C 163 -21.11 -25.55 30.58
CA PHE C 163 -22.16 -25.54 29.57
C PHE C 163 -22.88 -24.19 29.46
N THR C 164 -23.21 -23.60 30.60
CA THR C 164 -24.09 -22.43 30.59
C THR C 164 -23.48 -21.28 29.80
N GLU C 165 -22.20 -21.00 30.01
CA GLU C 165 -21.54 -19.97 29.21
C GLU C 165 -21.01 -20.53 27.90
N PHE C 166 -20.86 -21.85 27.81
CA PHE C 166 -20.57 -22.48 26.53
C PHE C 166 -21.59 -22.02 25.49
N VAL C 167 -22.87 -22.08 25.85
CA VAL C 167 -23.91 -21.56 24.99
C VAL C 167 -23.73 -20.08 24.74
N LYS C 168 -23.30 -19.33 25.77
CA LYS C 168 -23.23 -17.88 25.64
C LYS C 168 -22.17 -17.47 24.63
N VAL C 169 -21.02 -18.13 24.62
CA VAL C 169 -20.02 -17.80 23.61
C VAL C 169 -20.39 -18.41 22.26
N LEU C 170 -21.19 -19.46 22.22
CA LEU C 170 -21.61 -19.99 20.93
C LEU C 170 -22.77 -19.24 20.30
N GLU C 171 -23.49 -18.40 21.04
CA GLU C 171 -24.67 -17.77 20.45
C GLU C 171 -24.27 -16.87 19.29
N LYS C 172 -23.07 -16.29 19.35
CA LYS C 172 -22.58 -15.51 18.23
C LYS C 172 -22.29 -16.39 17.01
N VAL C 173 -22.21 -17.69 17.20
CA VAL C 173 -21.99 -18.65 16.11
C VAL C 173 -23.33 -19.27 15.77
N ASP C 174 -23.82 -19.00 14.56
CA ASP C 174 -25.08 -19.60 14.14
C ASP C 174 -24.88 -21.09 13.96
N VAL C 175 -25.36 -21.88 14.93
CA VAL C 175 -25.22 -23.32 14.85
C VAL C 175 -26.32 -23.96 14.02
N GLU C 176 -27.41 -23.23 13.81
CA GLU C 176 -28.53 -23.76 12.98
C GLU C 176 -28.00 -24.04 11.59
N GLN C 177 -27.22 -23.15 11.01
CA GLN C 177 -26.58 -23.40 9.73
C GLN C 177 -25.38 -24.33 9.89
N LYS C 178 -24.63 -24.17 10.98
CA LYS C 178 -23.29 -24.74 11.03
C LYS C 178 -23.28 -26.25 11.13
N MET C 179 -24.04 -26.85 12.05
CA MET C 179 -23.73 -28.22 12.45
C MET C 179 -24.86 -29.18 12.03
N SER C 180 -25.63 -28.81 11.03
CA SER C 180 -26.78 -29.60 10.61
C SER C 180 -26.59 -30.13 9.19
N ILE C 181 -27.28 -31.23 8.89
CA ILE C 181 -27.06 -32.01 7.68
C ILE C 181 -28.40 -32.29 7.02
N ARG C 182 -28.49 -32.05 5.71
CA ARG C 182 -29.66 -32.42 4.92
C ARG C 182 -29.45 -33.81 4.32
N PHE C 183 -30.24 -34.77 4.76
CA PHE C 183 -30.07 -36.16 4.35
C PHE C 183 -30.91 -36.41 3.11
N LEU C 184 -30.25 -36.64 1.99
CA LEU C 184 -30.93 -36.72 0.70
C LEU C 184 -31.80 -37.97 0.62
N HIS C 185 -32.99 -37.80 0.05
CA HIS C 185 -33.99 -38.86 -0.03
C HIS C 185 -33.51 -40.05 -0.87
N PRO D 1 10.06 35.30 -28.92
CA PRO D 1 8.84 35.43 -28.13
C PRO D 1 9.04 35.07 -26.67
N ARG D 2 7.98 35.19 -25.86
CA ARG D 2 8.07 35.04 -24.41
C ARG D 2 9.21 35.88 -23.84
N LYS D 3 9.08 37.20 -24.02
CA LYS D 3 10.13 38.12 -23.59
C LYS D 3 10.46 37.93 -22.12
N ALA D 4 9.49 38.18 -21.25
CA ALA D 4 9.68 37.93 -19.84
C ALA D 4 9.72 36.44 -19.56
N PHE D 5 10.59 36.04 -18.61
CA PHE D 5 10.69 34.67 -18.15
C PHE D 5 10.88 33.72 -19.32
N PRO D 6 12.05 33.66 -19.91
CA PRO D 6 12.25 32.85 -21.12
C PRO D 6 11.85 31.38 -20.98
N VAL D 7 12.17 30.75 -19.86
CA VAL D 7 11.86 29.32 -19.71
C VAL D 7 10.38 29.12 -19.44
N LEU D 8 9.81 29.93 -18.55
CA LEU D 8 8.48 29.66 -18.01
C LEU D 8 7.42 29.67 -19.10
N GLY D 9 6.92 28.49 -19.45
CA GLY D 9 5.89 28.40 -20.46
C GLY D 9 4.94 27.26 -20.17
N ILE D 10 3.68 27.47 -20.54
CA ILE D 10 2.59 26.57 -20.17
C ILE D 10 2.63 25.37 -21.10
N ASP D 11 2.93 24.21 -20.57
CA ASP D 11 2.92 22.97 -21.33
C ASP D 11 1.80 22.09 -20.78
N TYR D 12 0.58 22.33 -21.25
CA TYR D 12 -0.58 21.57 -20.80
C TYR D 12 -0.98 20.52 -21.82
N THR D 13 -0.09 20.12 -22.72
CA THR D 13 -0.44 19.14 -23.73
C THR D 13 0.12 17.75 -23.45
N HIS D 14 1.17 17.62 -22.66
CA HIS D 14 1.62 16.30 -22.20
C HIS D 14 1.08 15.93 -20.83
N VAL D 15 0.82 16.91 -19.97
CA VAL D 15 0.34 16.62 -18.63
C VAL D 15 -1.18 16.48 -18.57
N ARG D 16 -1.90 16.90 -19.60
CA ARG D 16 -3.34 16.99 -19.50
C ARG D 16 -3.98 15.62 -19.25
N THR D 17 -3.49 14.58 -19.94
CA THR D 17 -4.05 13.25 -19.71
C THR D 17 -3.87 12.78 -18.28
N PRO D 18 -2.70 12.87 -17.65
CA PRO D 18 -2.61 12.52 -16.23
C PRO D 18 -3.15 13.59 -15.29
N PHE D 19 -3.14 14.86 -15.69
CA PHE D 19 -3.62 15.89 -14.77
C PHE D 19 -5.14 15.85 -14.61
N GLU D 20 -5.88 15.64 -15.71
CA GLU D 20 -7.32 15.49 -15.60
C GLU D 20 -7.68 14.29 -14.75
N ILE D 21 -6.96 13.17 -14.94
CA ILE D 21 -7.23 11.98 -14.16
C ILE D 21 -6.96 12.22 -12.69
N SER D 22 -5.86 12.90 -12.37
CA SER D 22 -5.57 13.21 -10.98
C SER D 22 -6.64 14.10 -10.39
N LEU D 23 -7.14 15.07 -11.16
CA LEU D 23 -8.22 15.91 -10.66
C LEU D 23 -9.49 15.11 -10.40
N TRP D 24 -9.80 14.15 -11.28
CA TRP D 24 -10.99 13.34 -11.05
C TRP D 24 -10.85 12.50 -9.80
N ILE D 25 -9.67 11.90 -9.59
CA ILE D 25 -9.48 11.10 -8.39
C ILE D 25 -9.54 11.97 -7.15
N LEU D 26 -9.03 13.20 -7.25
CA LEU D 26 -9.14 14.12 -6.12
C LEU D 26 -10.58 14.48 -5.85
N LEU D 27 -11.38 14.67 -6.89
CA LEU D 27 -12.80 14.95 -6.68
C LEU D 27 -13.47 13.78 -5.97
N ALA D 28 -13.13 12.56 -6.37
CA ALA D 28 -13.66 11.38 -5.69
C ALA D 28 -13.31 11.43 -4.21
N CYS D 29 -12.04 11.68 -3.89
CA CYS D 29 -11.61 11.68 -2.50
C CYS D 29 -12.30 12.77 -1.70
N LEU D 30 -12.37 13.98 -2.26
CA LEU D 30 -13.00 15.09 -1.53
C LEU D 30 -14.48 14.85 -1.31
N MET D 31 -15.21 14.34 -2.30
CA MET D 31 -16.62 14.03 -2.04
C MET D 31 -16.74 12.93 -0.99
N LYS D 32 -15.88 11.92 -1.03
CA LYS D 32 -15.98 10.84 -0.08
C LYS D 32 -15.79 11.34 1.34
N ILE D 33 -14.82 12.22 1.56
CA ILE D 33 -14.70 12.79 2.91
C ILE D 33 -15.84 13.73 3.20
N GLY D 34 -16.37 14.41 2.17
CA GLY D 34 -17.39 15.42 2.41
C GLY D 34 -18.67 14.84 2.96
N PHE D 35 -19.20 13.80 2.31
CA PHE D 35 -20.47 13.29 2.83
C PHE D 35 -20.29 12.28 3.95
N HIS D 36 -19.07 12.06 4.42
CA HIS D 36 -18.90 11.46 5.73
C HIS D 36 -18.84 12.51 6.83
N VAL D 37 -18.26 13.67 6.54
CA VAL D 37 -18.15 14.70 7.57
C VAL D 37 -19.51 15.30 7.88
N ILE D 38 -20.30 15.60 6.86
CA ILE D 38 -21.58 16.28 7.11
C ILE D 38 -22.50 15.35 7.90
N PRO D 39 -23.04 15.81 9.03
CA PRO D 39 -23.76 14.90 9.93
C PRO D 39 -25.08 14.42 9.34
N THR D 40 -25.44 13.19 9.73
CA THR D 40 -26.78 12.61 9.55
C THR D 40 -27.13 12.37 8.09
N ILE D 41 -26.27 12.77 7.16
CA ILE D 41 -26.58 12.54 5.76
C ILE D 41 -26.47 11.05 5.44
N SER D 42 -25.60 10.33 6.14
CA SER D 42 -25.39 8.92 5.86
C SER D 42 -26.64 8.09 6.10
N SER D 43 -27.56 8.58 6.92
CA SER D 43 -28.79 7.84 7.16
C SER D 43 -29.80 8.06 6.02
N ILE D 44 -30.06 9.32 5.69
CA ILE D 44 -31.12 9.64 4.73
C ILE D 44 -30.80 9.08 3.36
N VAL D 45 -29.56 9.26 2.90
CA VAL D 45 -29.19 8.86 1.55
C VAL D 45 -28.27 7.65 1.61
N PRO D 46 -28.23 6.83 0.55
CA PRO D 46 -27.39 5.63 0.59
C PRO D 46 -25.92 5.88 0.29
N GLU D 47 -25.47 7.14 0.40
CA GLU D 47 -24.09 7.60 0.23
C GLU D 47 -23.55 7.24 -1.15
N SER D 48 -24.37 6.59 -1.97
CA SER D 48 -24.03 6.30 -3.35
C SER D 48 -25.03 6.91 -4.32
N CYS D 49 -26.13 7.46 -3.82
CA CYS D 49 -26.94 8.34 -4.65
C CYS D 49 -26.29 9.71 -4.79
N LEU D 50 -25.64 10.20 -3.73
CA LEU D 50 -24.96 11.49 -3.82
C LEU D 50 -23.78 11.43 -4.77
N LEU D 51 -23.14 10.29 -4.93
CA LEU D 51 -22.07 10.22 -5.90
C LEU D 51 -22.60 10.42 -7.31
N ILE D 52 -23.74 9.81 -7.64
CA ILE D 52 -24.33 10.02 -8.95
C ILE D 52 -24.84 11.45 -9.10
N VAL D 53 -25.41 12.01 -8.03
CA VAL D 53 -25.90 13.39 -8.10
C VAL D 53 -24.75 14.35 -8.35
N VAL D 54 -23.63 14.16 -7.67
CA VAL D 54 -22.46 15.00 -7.92
C VAL D 54 -21.91 14.74 -9.31
N GLY D 55 -21.97 13.50 -9.78
CA GLY D 55 -21.51 13.22 -11.13
C GLY D 55 -22.28 14.00 -12.16
N LEU D 56 -23.61 13.99 -12.06
CA LEU D 56 -24.40 14.73 -13.03
C LEU D 56 -24.37 16.23 -12.78
N LEU D 57 -24.13 16.67 -11.55
CA LEU D 57 -23.99 18.09 -11.32
C LEU D 57 -22.73 18.63 -11.98
N VAL D 58 -21.59 17.97 -11.76
CA VAL D 58 -20.39 18.43 -12.44
C VAL D 58 -20.45 18.14 -13.92
N GLY D 59 -21.33 17.23 -14.36
CA GLY D 59 -21.52 17.06 -15.78
C GLY D 59 -22.38 18.14 -16.39
N GLY D 60 -23.25 18.75 -15.59
CA GLY D 60 -24.00 19.92 -16.02
C GLY D 60 -23.27 21.22 -15.85
N LEU D 61 -22.18 21.22 -15.10
CA LEU D 61 -21.28 22.37 -15.08
C LEU D 61 -20.22 22.28 -16.16
N ILE D 62 -19.66 21.09 -16.38
CA ILE D 62 -18.72 20.93 -17.49
C ILE D 62 -19.42 21.20 -18.81
N LYS D 63 -20.57 20.55 -19.02
CA LYS D 63 -21.46 20.97 -20.09
C LYS D 63 -22.16 22.26 -19.67
N GLY D 64 -22.78 22.91 -20.65
CA GLY D 64 -23.38 24.21 -20.39
C GLY D 64 -22.39 25.32 -20.16
N VAL D 65 -21.12 24.99 -19.93
CA VAL D 65 -20.04 25.98 -19.86
C VAL D 65 -19.01 25.59 -20.93
N GLY D 66 -19.50 25.06 -22.05
CA GLY D 66 -18.67 24.88 -23.22
C GLY D 66 -17.57 23.85 -23.09
N GLU D 67 -17.94 22.64 -22.68
CA GLU D 67 -17.01 21.52 -22.67
C GLU D 67 -17.81 20.24 -22.60
N THR D 68 -17.54 19.32 -23.52
CA THR D 68 -18.23 18.04 -23.53
C THR D 68 -17.78 17.22 -22.34
N PRO D 69 -18.69 16.84 -21.44
CA PRO D 69 -18.30 16.00 -20.31
C PRO D 69 -17.73 14.69 -20.78
N PRO D 70 -16.74 14.17 -20.10
CA PRO D 70 -16.11 12.92 -20.55
C PRO D 70 -17.00 11.72 -20.29
N PHE D 71 -17.52 11.10 -21.34
CA PHE D 71 -18.41 9.92 -21.20
C PHE D 71 -17.56 8.79 -20.67
N LEU D 72 -17.64 8.43 -19.39
CA LEU D 72 -16.93 7.25 -18.83
C LEU D 72 -16.91 6.25 -19.95
N GLN D 73 -15.74 5.90 -20.45
CA GLN D 73 -15.76 5.04 -21.65
C GLN D 73 -16.06 3.63 -21.23
N SER D 74 -15.87 2.73 -22.13
CA SER D 74 -16.19 1.35 -21.80
C SER D 74 -14.93 0.62 -21.40
N ASP D 75 -13.82 0.86 -22.09
CA ASP D 75 -12.66 0.07 -21.76
C ASP D 75 -11.69 0.87 -20.92
N VAL D 76 -12.07 2.06 -20.46
CA VAL D 76 -11.19 2.61 -19.42
C VAL D 76 -11.90 2.08 -18.20
N PHE D 77 -12.90 1.22 -18.39
CA PHE D 77 -13.70 0.73 -17.29
C PHE D 77 -13.46 -0.76 -17.05
N PHE D 78 -13.67 -1.61 -18.04
CA PHE D 78 -13.45 -3.03 -17.83
C PHE D 78 -12.02 -3.23 -17.34
N LEU D 79 -11.06 -2.50 -17.90
CA LEU D 79 -9.70 -2.66 -17.40
C LEU D 79 -9.12 -1.89 -16.24
N PHE D 80 -9.65 -0.72 -15.91
CA PHE D 80 -8.99 0.15 -14.96
C PHE D 80 -9.82 0.47 -13.73
N LEU D 81 -11.15 0.51 -13.84
CA LEU D 81 -12.01 0.82 -12.72
C LEU D 81 -12.64 -0.41 -12.11
N LEU D 82 -12.85 -1.47 -12.87
CA LEU D 82 -13.47 -2.67 -12.36
C LEU D 82 -12.52 -3.63 -11.64
N PRO D 83 -11.31 -3.90 -12.16
CA PRO D 83 -10.45 -4.90 -11.53
C PRO D 83 -10.16 -4.60 -10.06
N PRO D 84 -9.96 -3.35 -9.65
CA PRO D 84 -9.80 -3.11 -8.21
C PRO D 84 -11.00 -3.54 -7.41
N ILE D 85 -12.20 -3.21 -7.85
CA ILE D 85 -13.40 -3.55 -7.09
C ILE D 85 -13.59 -5.06 -7.03
N ILE D 86 -13.36 -5.74 -8.15
CA ILE D 86 -13.55 -7.19 -8.17
C ILE D 86 -12.49 -7.88 -7.34
N LEU D 87 -11.24 -7.42 -7.40
CA LEU D 87 -10.20 -8.04 -6.59
C LEU D 87 -10.44 -7.80 -5.11
N ASP D 88 -10.92 -6.61 -4.75
CA ASP D 88 -11.32 -6.38 -3.37
C ASP D 88 -12.38 -7.37 -2.94
N ALA D 89 -13.44 -7.49 -3.74
CA ALA D 89 -14.52 -8.38 -3.35
C ALA D 89 -14.06 -9.82 -3.25
N GLY D 90 -13.18 -10.26 -4.15
CA GLY D 90 -12.79 -11.65 -4.18
C GLY D 90 -11.57 -11.99 -3.37
N TYR D 91 -10.93 -10.97 -2.80
CA TYR D 91 -9.81 -11.20 -1.90
C TYR D 91 -10.29 -11.34 -0.47
N PHE D 92 -11.05 -10.35 0.01
CA PHE D 92 -11.58 -10.38 1.37
C PHE D 92 -12.85 -11.21 1.37
N LEU D 93 -12.78 -12.41 0.82
CA LEU D 93 -13.98 -13.18 0.56
C LEU D 93 -14.31 -14.04 1.78
N PRO D 94 -15.51 -13.94 2.35
CA PRO D 94 -15.86 -14.81 3.46
C PRO D 94 -16.07 -16.23 2.95
N LEU D 95 -14.98 -16.96 2.77
CA LEU D 95 -15.02 -18.17 1.96
C LEU D 95 -15.94 -19.23 2.55
N ARG D 96 -16.12 -19.26 3.87
CA ARG D 96 -17.01 -20.26 4.45
C ARG D 96 -18.44 -20.06 3.96
N GLN D 97 -18.85 -18.81 3.75
CA GLN D 97 -20.19 -18.55 3.27
C GLN D 97 -20.39 -19.10 1.85
N PHE D 98 -19.45 -18.84 0.94
CA PHE D 98 -19.56 -19.48 -0.37
C PHE D 98 -19.56 -20.99 -0.25
N THR D 99 -18.67 -21.55 0.57
CA THR D 99 -18.58 -23.00 0.59
C THR D 99 -19.87 -23.63 1.09
N GLU D 100 -20.59 -22.96 1.98
CA GLU D 100 -21.88 -23.53 2.38
C GLU D 100 -23.01 -23.03 1.48
N ASN D 101 -23.03 -21.74 1.15
CA ASN D 101 -24.06 -21.19 0.27
C ASN D 101 -23.58 -21.17 -1.18
N LEU D 102 -23.21 -22.33 -1.70
CA LEU D 102 -22.75 -22.35 -3.09
C LEU D 102 -23.87 -22.67 -4.05
N GLY D 103 -24.80 -23.53 -3.66
CA GLY D 103 -25.90 -23.86 -4.55
C GLY D 103 -26.70 -22.65 -4.96
N THR D 104 -27.10 -21.83 -3.99
CA THR D 104 -27.89 -20.65 -4.30
C THR D 104 -27.08 -19.62 -5.07
N ILE D 105 -25.86 -19.36 -4.66
CA ILE D 105 -25.04 -18.38 -5.37
C ILE D 105 -24.73 -18.83 -6.78
N LEU D 106 -24.71 -20.13 -7.05
CA LEU D 106 -24.47 -20.62 -8.40
C LEU D 106 -25.77 -20.95 -9.12
N ILE D 107 -26.92 -20.71 -8.50
CA ILE D 107 -28.19 -20.86 -9.20
C ILE D 107 -29.00 -19.56 -9.19
N PHE D 108 -28.65 -18.59 -8.36
CA PHE D 108 -29.15 -17.24 -8.54
C PHE D 108 -28.34 -16.46 -9.55
N ALA D 109 -27.31 -17.07 -10.11
CA ALA D 109 -26.49 -16.40 -11.12
C ALA D 109 -26.57 -17.11 -12.47
N VAL D 110 -26.35 -18.41 -12.51
CA VAL D 110 -26.34 -19.12 -13.78
C VAL D 110 -27.73 -19.21 -14.37
N VAL D 111 -28.74 -19.51 -13.54
CA VAL D 111 -30.09 -19.68 -14.05
C VAL D 111 -31.00 -18.66 -13.35
N GLY D 112 -30.43 -17.53 -12.98
CA GLY D 112 -31.21 -16.46 -12.39
C GLY D 112 -31.00 -15.17 -13.13
N THR D 113 -30.06 -15.21 -14.07
CA THR D 113 -29.87 -14.19 -15.09
C THR D 113 -30.25 -14.68 -16.47
N LEU D 114 -29.85 -15.91 -16.80
CA LEU D 114 -30.31 -16.60 -18.00
C LEU D 114 -31.83 -16.69 -18.05
N TRP D 115 -32.52 -16.39 -16.96
CA TRP D 115 -33.97 -16.27 -16.94
C TRP D 115 -34.44 -14.83 -17.07
N ASN D 116 -33.93 -13.93 -16.24
CA ASN D 116 -34.32 -12.53 -16.36
C ASN D 116 -33.95 -11.98 -17.73
N ALA D 117 -32.79 -12.37 -18.26
CA ALA D 117 -32.43 -11.95 -19.60
C ALA D 117 -33.52 -12.34 -20.60
N PHE D 118 -33.93 -13.60 -20.58
CA PHE D 118 -34.96 -14.03 -21.52
C PHE D 118 -36.34 -13.51 -21.14
N PHE D 119 -36.62 -13.29 -19.87
CA PHE D 119 -37.90 -12.71 -19.50
C PHE D 119 -38.05 -11.31 -20.07
N LEU D 120 -37.04 -10.46 -19.85
CA LEU D 120 -37.09 -9.12 -20.45
C LEU D 120 -37.10 -9.22 -21.97
N GLY D 121 -36.27 -10.09 -22.54
CA GLY D 121 -36.30 -10.24 -23.98
C GLY D 121 -37.70 -10.50 -24.49
N GLY D 122 -38.37 -11.51 -23.94
CA GLY D 122 -39.69 -11.85 -24.43
C GLY D 122 -40.70 -10.74 -24.22
N LEU D 123 -40.81 -10.22 -22.99
CA LEU D 123 -41.91 -9.29 -22.75
C LEU D 123 -41.66 -7.92 -23.35
N MET D 124 -40.41 -7.50 -23.43
CA MET D 124 -40.12 -6.27 -24.13
C MET D 124 -40.21 -6.42 -25.64
N TYR D 125 -39.97 -7.63 -26.17
CA TYR D 125 -40.36 -7.90 -27.55
C TYR D 125 -41.85 -7.67 -27.73
N ALA D 126 -42.65 -8.20 -26.79
CA ALA D 126 -44.09 -8.03 -26.88
C ALA D 126 -44.48 -6.57 -26.87
N VAL D 127 -43.91 -5.79 -25.94
CA VAL D 127 -44.32 -4.39 -25.87
C VAL D 127 -43.83 -3.63 -27.09
N CYS D 128 -42.64 -3.96 -27.59
CA CYS D 128 -42.11 -3.27 -28.76
C CYS D 128 -43.02 -3.47 -29.95
N LEU D 129 -43.49 -4.71 -30.17
CA LEU D 129 -44.34 -4.96 -31.32
C LEU D 129 -45.62 -4.15 -31.26
N VAL D 130 -46.24 -4.06 -30.09
CA VAL D 130 -47.54 -3.42 -29.96
C VAL D 130 -47.36 -1.98 -29.51
N GLY D 131 -46.13 -1.49 -29.52
CA GLY D 131 -45.85 -0.17 -28.98
C GLY D 131 -46.21 0.99 -29.87
N GLY D 132 -45.55 1.08 -31.02
CA GLY D 132 -45.70 2.22 -31.90
C GLY D 132 -44.55 2.23 -32.88
N GLU D 133 -44.59 3.20 -33.80
CA GLU D 133 -43.61 3.21 -34.88
C GLU D 133 -42.19 3.29 -34.36
N GLN D 134 -41.94 4.18 -33.39
CA GLN D 134 -40.56 4.43 -32.96
C GLN D 134 -40.00 3.23 -32.22
N ILE D 135 -40.74 2.70 -31.25
CA ILE D 135 -40.30 1.53 -30.50
C ILE D 135 -40.18 0.31 -31.40
N ASN D 136 -41.06 0.18 -32.38
CA ASN D 136 -41.10 -1.00 -33.22
C ASN D 136 -39.80 -1.12 -34.01
N ASN D 137 -39.64 -2.28 -34.65
CA ASN D 137 -38.53 -2.64 -35.53
C ASN D 137 -37.30 -3.04 -34.74
N ILE D 138 -37.40 -3.22 -33.43
CA ILE D 138 -36.23 -3.69 -32.68
C ILE D 138 -35.94 -5.16 -33.00
N GLY D 139 -36.96 -6.00 -32.99
CA GLY D 139 -36.74 -7.40 -33.29
C GLY D 139 -36.10 -8.14 -32.14
N LEU D 140 -36.30 -9.45 -32.14
CA LEU D 140 -36.02 -10.27 -30.97
C LEU D 140 -34.58 -10.14 -30.50
N LEU D 141 -33.62 -10.33 -31.40
CA LEU D 141 -32.23 -10.41 -30.97
C LEU D 141 -31.72 -9.05 -30.49
N ASP D 142 -32.20 -7.96 -31.09
CA ASP D 142 -31.90 -6.65 -30.55
C ASP D 142 -32.60 -6.39 -29.22
N ASN D 143 -33.56 -7.23 -28.83
CA ASN D 143 -34.11 -7.15 -27.48
C ASN D 143 -33.48 -8.13 -26.52
N LEU D 144 -33.04 -9.29 -26.99
CA LEU D 144 -32.28 -10.17 -26.11
C LEU D 144 -30.96 -9.53 -25.74
N LEU D 145 -30.33 -8.82 -26.67
CA LEU D 145 -29.15 -8.03 -26.33
C LEU D 145 -29.46 -6.79 -25.53
N PHE D 146 -30.71 -6.56 -25.15
CA PHE D 146 -31.00 -5.57 -24.14
C PHE D 146 -31.34 -6.20 -22.81
N GLY D 147 -32.08 -7.30 -22.82
CA GLY D 147 -32.28 -8.05 -21.61
C GLY D 147 -30.96 -8.46 -20.98
N SER D 148 -30.01 -8.92 -21.81
CA SER D 148 -28.75 -9.41 -21.28
C SER D 148 -27.81 -8.31 -20.83
N ILE D 149 -28.05 -7.06 -21.20
CA ILE D 149 -27.21 -5.98 -20.71
C ILE D 149 -27.84 -5.23 -19.56
N ILE D 150 -29.16 -5.28 -19.42
CA ILE D 150 -29.85 -4.56 -18.34
C ILE D 150 -29.99 -5.50 -17.17
N SER D 151 -30.13 -6.80 -17.43
CA SER D 151 -30.27 -7.78 -16.37
C SER D 151 -28.90 -8.41 -16.07
N ALA D 152 -28.00 -7.56 -15.63
CA ALA D 152 -26.69 -7.97 -15.14
C ALA D 152 -26.39 -7.06 -13.96
N VAL D 153 -26.76 -7.50 -12.75
CA VAL D 153 -26.56 -6.69 -11.57
C VAL D 153 -25.08 -6.42 -11.40
N ASP D 154 -24.76 -5.25 -10.90
CA ASP D 154 -23.39 -4.78 -10.90
C ASP D 154 -22.67 -5.29 -9.67
N PRO D 155 -21.57 -6.01 -9.82
CA PRO D 155 -20.72 -6.31 -8.66
C PRO D 155 -20.23 -5.05 -7.97
N VAL D 156 -20.45 -3.89 -8.60
CA VAL D 156 -20.07 -2.63 -7.98
C VAL D 156 -21.17 -2.10 -7.08
N ALA D 157 -22.33 -1.78 -7.67
CA ALA D 157 -23.37 -1.05 -6.94
C ALA D 157 -23.95 -1.86 -5.81
N VAL D 158 -24.12 -3.17 -6.00
CA VAL D 158 -24.69 -3.99 -4.94
C VAL D 158 -23.81 -3.92 -3.70
N LEU D 159 -22.49 -4.05 -3.88
CA LEU D 159 -21.60 -4.02 -2.73
C LEU D 159 -21.48 -2.61 -2.17
N ALA D 160 -21.43 -1.61 -3.05
CA ALA D 160 -21.28 -0.24 -2.58
C ALA D 160 -22.51 0.27 -1.87
N VAL D 161 -23.66 -0.39 -2.01
CA VAL D 161 -24.86 0.07 -1.34
C VAL D 161 -25.20 -0.89 -0.20
N PHE D 162 -24.65 -2.10 -0.23
CA PHE D 162 -24.88 -3.01 0.89
C PHE D 162 -23.75 -3.02 1.89
N GLU D 163 -22.70 -2.24 1.67
CA GLU D 163 -21.67 -2.10 2.69
C GLU D 163 -22.21 -1.36 3.91
N GLU D 164 -23.03 -0.34 3.70
CA GLU D 164 -23.45 0.53 4.80
C GLU D 164 -24.57 -0.10 5.63
N ILE D 165 -25.37 -0.98 5.03
CA ILE D 165 -26.54 -1.47 5.76
C ILE D 165 -26.17 -2.59 6.72
N HIS D 166 -25.08 -3.32 6.44
CA HIS D 166 -24.65 -4.45 7.27
C HIS D 166 -25.76 -5.48 7.42
N ILE D 167 -26.08 -6.13 6.30
CA ILE D 167 -27.14 -7.13 6.30
C ILE D 167 -26.59 -8.44 6.83
N ASN D 168 -27.48 -9.33 7.27
CA ASN D 168 -27.11 -10.69 7.66
C ASN D 168 -26.08 -11.26 6.71
N GLU D 169 -25.05 -11.90 7.27
CA GLU D 169 -23.93 -12.38 6.46
C GLU D 169 -24.40 -13.32 5.37
N LEU D 170 -25.45 -14.10 5.63
CA LEU D 170 -25.98 -14.97 4.59
C LEU D 170 -26.57 -14.16 3.45
N LEU D 171 -27.45 -13.21 3.76
CA LEU D 171 -28.05 -12.41 2.70
C LEU D 171 -26.99 -11.59 1.96
N HIS D 172 -26.05 -11.04 2.70
CA HIS D 172 -24.98 -10.29 2.05
C HIS D 172 -24.16 -11.17 1.15
N ILE D 173 -23.84 -12.38 1.58
CA ILE D 173 -23.06 -13.24 0.70
C ILE D 173 -23.90 -13.66 -0.49
N LEU D 174 -25.22 -13.69 -0.34
CA LEU D 174 -26.06 -14.01 -1.50
C LEU D 174 -26.00 -12.93 -2.55
N VAL D 175 -26.03 -11.66 -2.14
CA VAL D 175 -25.90 -10.63 -3.15
C VAL D 175 -24.46 -10.56 -3.69
N PHE D 176 -23.45 -10.73 -2.83
CA PHE D 176 -22.08 -10.93 -3.30
C PHE D 176 -22.04 -11.93 -4.44
N GLY D 177 -22.52 -13.14 -4.17
CA GLY D 177 -22.39 -14.21 -5.12
C GLY D 177 -23.17 -13.96 -6.39
N GLU D 178 -24.42 -13.50 -6.25
CA GLU D 178 -25.18 -13.11 -7.42
C GLU D 178 -24.34 -12.23 -8.33
N SER D 179 -23.83 -11.12 -7.78
CA SER D 179 -23.19 -10.14 -8.65
C SER D 179 -21.87 -10.65 -9.20
N LEU D 180 -21.03 -11.27 -8.36
CA LEU D 180 -19.73 -11.72 -8.84
C LEU D 180 -19.88 -12.82 -9.88
N LEU D 181 -20.80 -13.76 -9.69
CA LEU D 181 -20.94 -14.83 -10.65
C LEU D 181 -21.86 -14.46 -11.81
N ASN D 182 -22.49 -13.29 -11.78
CA ASN D 182 -23.38 -12.91 -12.88
C ASN D 182 -22.64 -12.75 -14.20
N ASP D 183 -21.45 -12.16 -14.16
CA ASP D 183 -20.76 -11.86 -15.42
C ASP D 183 -20.41 -13.11 -16.20
N ALA D 184 -20.32 -14.26 -15.55
CA ALA D 184 -20.09 -15.50 -16.29
C ALA D 184 -21.23 -15.83 -17.25
N VAL D 185 -22.42 -15.28 -17.00
CA VAL D 185 -23.56 -15.49 -17.89
C VAL D 185 -24.08 -14.16 -18.43
N THR D 186 -23.35 -13.07 -18.20
CA THR D 186 -23.61 -11.88 -19.00
C THR D 186 -22.67 -11.76 -20.19
N VAL D 187 -21.43 -12.24 -20.06
CA VAL D 187 -20.48 -12.15 -21.16
C VAL D 187 -20.58 -13.38 -22.07
N VAL D 188 -21.59 -14.21 -21.87
CA VAL D 188 -21.92 -15.27 -22.82
C VAL D 188 -23.34 -15.11 -23.34
N LEU D 189 -24.06 -14.09 -22.87
CA LEU D 189 -25.30 -13.65 -23.48
C LEU D 189 -25.17 -12.26 -24.06
N TYR D 190 -23.95 -11.73 -24.14
CA TYR D 190 -23.67 -10.48 -24.82
C TYR D 190 -22.77 -10.66 -26.02
N HIS D 191 -21.83 -11.59 -25.96
CA HIS D 191 -21.03 -11.99 -27.12
C HIS D 191 -21.66 -13.14 -27.89
N LEU D 192 -22.80 -13.63 -27.45
CA LEU D 192 -23.45 -14.73 -28.15
C LEU D 192 -24.60 -14.25 -29.02
N PHE D 193 -25.43 -13.34 -28.53
CA PHE D 193 -26.48 -12.81 -29.37
C PHE D 193 -25.97 -11.79 -30.37
N GLU D 194 -24.87 -11.10 -30.06
CA GLU D 194 -24.22 -10.28 -31.07
C GLU D 194 -23.82 -11.13 -32.27
N GLU D 195 -23.30 -12.33 -32.01
CA GLU D 195 -23.04 -13.26 -33.09
C GLU D 195 -24.26 -14.08 -33.48
N PHE D 196 -25.34 -14.02 -32.69
CA PHE D 196 -26.63 -14.54 -33.11
C PHE D 196 -27.50 -13.46 -33.72
N ALA D 197 -26.98 -12.26 -33.91
CA ALA D 197 -27.72 -11.20 -34.58
C ALA D 197 -27.51 -11.25 -36.08
N ASN D 198 -26.26 -11.22 -36.52
CA ASN D 198 -25.94 -11.23 -37.93
C ASN D 198 -25.83 -12.63 -38.51
N TYR D 199 -25.83 -13.66 -37.66
CA TYR D 199 -25.81 -15.02 -38.16
C TYR D 199 -27.15 -15.42 -38.76
N GLU D 200 -27.31 -15.31 -40.07
CA GLU D 200 -28.61 -15.16 -40.76
C GLU D 200 -29.62 -16.15 -40.18
N HIS D 201 -29.43 -17.45 -40.32
CA HIS D 201 -30.37 -18.39 -39.73
C HIS D 201 -29.74 -19.07 -38.52
N VAL D 202 -30.46 -19.03 -37.40
CA VAL D 202 -29.89 -19.47 -36.13
C VAL D 202 -29.57 -20.96 -36.13
N GLY D 203 -30.46 -21.78 -36.66
CA GLY D 203 -30.32 -23.20 -36.49
C GLY D 203 -30.61 -23.59 -35.06
N ILE D 204 -30.19 -24.80 -34.69
CA ILE D 204 -30.36 -25.24 -33.32
C ILE D 204 -29.04 -25.77 -32.78
N VAL D 205 -28.16 -26.20 -33.68
CA VAL D 205 -26.84 -26.66 -33.24
C VAL D 205 -26.06 -25.50 -32.65
N ASP D 206 -26.22 -24.30 -33.21
CA ASP D 206 -25.50 -23.15 -32.70
C ASP D 206 -25.87 -22.85 -31.25
N ILE D 207 -27.10 -23.18 -30.84
CA ILE D 207 -27.48 -22.98 -29.45
C ILE D 207 -26.75 -23.98 -28.55
N PHE D 208 -26.59 -25.21 -29.02
CA PHE D 208 -25.77 -26.17 -28.28
C PHE D 208 -24.34 -25.68 -28.14
N LEU D 209 -23.79 -25.12 -29.22
CA LEU D 209 -22.48 -24.49 -29.12
C LEU D 209 -22.50 -23.33 -28.14
N GLY D 210 -23.66 -22.68 -27.99
CA GLY D 210 -23.77 -21.64 -26.98
C GLY D 210 -23.68 -22.19 -25.56
N PHE D 211 -24.31 -23.34 -25.31
CA PHE D 211 -24.18 -23.95 -23.99
C PHE D 211 -22.75 -24.38 -23.71
N LEU D 212 -22.09 -25.00 -24.69
CA LEU D 212 -20.69 -25.35 -24.50
C LEU D 212 -19.84 -24.10 -24.31
N SER D 213 -20.21 -23.01 -24.98
CA SER D 213 -19.52 -21.76 -24.75
C SER D 213 -19.69 -21.29 -23.32
N PHE D 214 -20.86 -21.45 -22.74
CA PHE D 214 -21.02 -21.04 -21.36
C PHE D 214 -20.17 -21.89 -20.43
N PHE D 215 -20.15 -23.20 -20.65
CA PHE D 215 -19.28 -24.04 -19.82
C PHE D 215 -17.83 -23.62 -19.94
N VAL D 216 -17.37 -23.30 -21.15
CA VAL D 216 -16.00 -22.84 -21.30
C VAL D 216 -15.80 -21.51 -20.58
N VAL D 217 -16.66 -20.53 -20.83
CA VAL D 217 -16.47 -19.19 -20.26
C VAL D 217 -16.46 -19.25 -18.75
N ALA D 218 -17.18 -20.19 -18.14
CA ALA D 218 -17.15 -20.27 -16.68
C ALA D 218 -15.97 -21.10 -16.19
N LEU D 219 -15.88 -22.35 -16.62
CA LEU D 219 -14.86 -23.24 -16.09
C LEU D 219 -13.46 -22.79 -16.48
N GLY D 220 -13.23 -22.48 -17.75
CA GLY D 220 -11.94 -21.97 -18.15
C GLY D 220 -11.60 -20.64 -17.51
N GLY D 221 -12.60 -19.80 -17.26
CA GLY D 221 -12.32 -18.58 -16.52
C GLY D 221 -11.79 -18.86 -15.13
N VAL D 222 -12.46 -19.75 -14.39
CA VAL D 222 -11.96 -20.13 -13.08
C VAL D 222 -10.61 -20.81 -13.19
N LEU D 223 -10.40 -21.60 -14.24
CA LEU D 223 -9.16 -22.35 -14.36
C LEU D 223 -7.98 -21.43 -14.65
N VAL D 224 -8.17 -20.41 -15.47
CA VAL D 224 -7.13 -19.42 -15.67
C VAL D 224 -6.91 -18.63 -14.38
N GLY D 225 -7.97 -18.32 -13.66
CA GLY D 225 -7.79 -17.67 -12.37
C GLY D 225 -6.97 -18.51 -11.42
N VAL D 226 -7.14 -19.82 -11.46
CA VAL D 226 -6.35 -20.71 -10.62
C VAL D 226 -4.91 -20.76 -11.09
N VAL D 227 -4.70 -20.85 -12.41
CA VAL D 227 -3.34 -21.02 -12.93
C VAL D 227 -2.48 -19.81 -12.63
N TYR D 228 -3.02 -18.59 -12.67
CA TYR D 228 -2.28 -17.45 -12.15
C TYR D 228 -2.56 -17.23 -10.68
N GLY D 229 -2.93 -18.29 -9.97
CA GLY D 229 -3.04 -18.26 -8.53
C GLY D 229 -2.05 -19.24 -7.93
N VAL D 230 -1.74 -20.30 -8.66
CA VAL D 230 -0.70 -21.23 -8.24
C VAL D 230 0.64 -20.74 -8.80
N ILE D 231 0.65 -19.54 -9.37
CA ILE D 231 1.89 -18.89 -9.73
C ILE D 231 2.16 -17.63 -8.91
N ALA D 232 1.16 -16.92 -8.45
CA ALA D 232 1.39 -15.87 -7.47
C ALA D 232 1.54 -16.42 -6.07
N ALA D 233 1.23 -17.69 -5.87
CA ALA D 233 1.58 -18.39 -4.65
C ALA D 233 2.95 -19.03 -4.73
N PHE D 234 3.34 -19.52 -5.90
CA PHE D 234 4.66 -20.10 -6.10
C PHE D 234 5.74 -19.06 -6.26
N THR D 235 5.38 -17.82 -6.59
CA THR D 235 6.35 -16.74 -6.68
C THR D 235 6.52 -15.99 -5.38
N SER D 236 5.52 -15.99 -4.51
CA SER D 236 5.70 -15.46 -3.18
C SER D 236 6.32 -16.49 -2.24
N ARG D 237 6.62 -17.68 -2.73
CA ARG D 237 7.48 -18.61 -1.99
C ARG D 237 8.92 -18.11 -1.99
N PHE D 238 9.39 -17.63 -3.14
CA PHE D 238 10.79 -17.30 -3.37
C PHE D 238 11.18 -15.92 -2.87
N THR D 239 10.24 -15.17 -2.32
CA THR D 239 10.44 -13.76 -2.02
C THR D 239 10.74 -13.53 -0.54
N SER D 240 11.43 -14.46 0.10
CA SER D 240 11.92 -14.21 1.44
C SER D 240 12.96 -13.09 1.45
N HIS D 241 13.84 -13.09 0.45
CA HIS D 241 14.94 -12.13 0.41
C HIS D 241 14.47 -10.74 -0.01
N ILE D 242 13.54 -10.67 -0.95
CA ILE D 242 13.16 -9.42 -1.60
C ILE D 242 11.88 -8.94 -0.95
N ARG D 243 12.01 -8.11 0.08
CA ARG D 243 10.86 -7.76 0.91
C ARG D 243 10.04 -6.62 0.36
N VAL D 244 10.53 -5.87 -0.62
CA VAL D 244 9.85 -4.66 -1.07
C VAL D 244 9.05 -4.89 -2.34
N ILE D 245 8.99 -6.12 -2.84
CA ILE D 245 8.18 -6.47 -4.00
C ILE D 245 6.98 -7.32 -3.62
N GLU D 246 6.68 -7.41 -2.33
CA GLU D 246 5.52 -8.20 -1.93
C GLU D 246 4.21 -7.59 -2.37
N PRO D 247 3.94 -6.29 -2.17
CA PRO D 247 2.61 -5.76 -2.51
C PRO D 247 2.30 -5.80 -4.00
N LEU D 248 3.20 -6.37 -4.80
CA LEU D 248 3.06 -6.36 -6.24
C LEU D 248 2.77 -7.72 -6.83
N PHE D 249 3.26 -8.79 -6.22
CA PHE D 249 2.98 -10.11 -6.75
C PHE D 249 1.52 -10.50 -6.61
N VAL D 250 0.74 -9.72 -5.86
CA VAL D 250 -0.69 -9.98 -5.78
C VAL D 250 -1.45 -9.25 -6.88
N PHE D 251 -0.88 -8.17 -7.39
CA PHE D 251 -1.61 -7.37 -8.38
C PHE D 251 -1.26 -7.79 -9.80
N LEU D 252 0.01 -7.69 -10.19
CA LEU D 252 0.35 -8.05 -11.56
C LEU D 252 0.23 -9.54 -11.83
N TYR D 253 -0.20 -10.33 -10.86
CA TYR D 253 -0.48 -11.73 -11.07
C TYR D 253 -1.97 -12.05 -11.05
N SER D 254 -2.79 -11.11 -10.61
CA SER D 254 -4.23 -11.21 -10.82
C SER D 254 -4.71 -10.28 -11.92
N TYR D 255 -4.24 -9.03 -11.94
CA TYR D 255 -4.51 -8.15 -13.06
C TYR D 255 -3.84 -8.61 -14.35
N MET D 256 -3.09 -9.69 -14.32
CA MET D 256 -2.65 -10.37 -15.52
C MET D 256 -3.39 -11.69 -15.70
N ALA D 257 -4.19 -12.08 -14.70
CA ALA D 257 -5.19 -13.13 -14.87
C ALA D 257 -6.51 -12.58 -15.34
N TYR D 258 -6.78 -11.32 -15.04
CA TYR D 258 -7.98 -10.67 -15.53
C TYR D 258 -7.84 -10.16 -16.95
N LEU D 259 -6.60 -10.07 -17.47
CA LEU D 259 -6.37 -9.66 -18.84
C LEU D 259 -5.99 -10.81 -19.75
N SER D 260 -5.46 -11.90 -19.21
CA SER D 260 -5.29 -13.10 -19.99
C SER D 260 -6.55 -13.94 -20.03
N ALA D 261 -7.60 -13.50 -19.34
CA ALA D 261 -8.90 -14.15 -19.43
C ALA D 261 -9.98 -13.20 -19.94
N GLU D 262 -9.68 -11.92 -20.14
CA GLU D 262 -10.61 -11.04 -20.86
C GLU D 262 -10.07 -10.99 -22.27
N LEU D 263 -8.81 -11.39 -22.48
CA LEU D 263 -8.29 -11.51 -23.83
C LEU D 263 -9.06 -12.57 -24.60
N PHE D 264 -9.01 -13.81 -24.12
CA PHE D 264 -9.72 -14.92 -24.73
C PHE D 264 -11.22 -14.68 -24.80
N HIS D 265 -11.73 -13.64 -24.15
CA HIS D 265 -13.16 -13.37 -24.07
C HIS D 265 -13.81 -14.36 -23.12
N LEU D 266 -13.06 -14.86 -22.15
CA LEU D 266 -13.65 -15.51 -21.00
C LEU D 266 -14.21 -14.42 -20.09
N SER D 267 -14.77 -14.83 -18.95
CA SER D 267 -15.25 -13.86 -17.98
C SER D 267 -14.13 -13.43 -17.04
N GLY D 268 -13.68 -12.20 -17.19
CA GLY D 268 -12.64 -11.71 -16.30
C GLY D 268 -13.12 -11.54 -14.88
N ILE D 269 -14.37 -11.11 -14.69
CA ILE D 269 -14.88 -10.79 -13.36
C ILE D 269 -14.86 -11.99 -12.44
N MET D 270 -14.95 -13.20 -12.98
CA MET D 270 -14.92 -14.40 -12.16
C MET D 270 -13.55 -15.07 -12.14
N ALA D 271 -12.76 -14.94 -13.20
CA ALA D 271 -11.38 -15.42 -13.15
C ALA D 271 -10.57 -14.63 -12.15
N LEU D 272 -10.83 -13.34 -12.03
CA LEU D 272 -10.18 -12.52 -11.01
C LEU D 272 -10.57 -12.98 -9.61
N ILE D 273 -11.83 -13.37 -9.41
CA ILE D 273 -12.24 -13.92 -8.13
C ILE D 273 -11.49 -15.21 -7.85
N ALA D 274 -11.51 -16.14 -8.80
CA ALA D 274 -10.83 -17.42 -8.59
C ALA D 274 -9.35 -17.26 -8.37
N SER D 275 -8.74 -16.19 -8.89
CA SER D 275 -7.36 -15.87 -8.56
C SER D 275 -7.24 -15.00 -7.31
N GLY D 276 -8.34 -14.59 -6.72
CA GLY D 276 -8.31 -13.93 -5.44
C GLY D 276 -8.69 -14.83 -4.29
N VAL D 277 -8.92 -16.12 -4.54
CA VAL D 277 -9.24 -17.07 -3.50
C VAL D 277 -8.26 -18.22 -3.45
N VAL D 278 -7.37 -18.33 -4.44
CA VAL D 278 -6.30 -19.31 -4.44
C VAL D 278 -4.97 -18.68 -4.05
N MET D 279 -4.89 -17.36 -4.05
CA MET D 279 -3.73 -16.65 -3.55
C MET D 279 -3.77 -16.39 -2.06
N ARG D 280 -4.88 -15.94 -1.51
CA ARG D 280 -4.93 -15.58 -0.09
C ARG D 280 -4.45 -16.67 0.83
N PRO D 281 -4.84 -17.95 0.67
CA PRO D 281 -4.26 -18.98 1.56
C PRO D 281 -2.76 -19.10 1.47
N TYR D 282 -2.18 -18.90 0.27
CA TYR D 282 -0.75 -19.09 0.09
C TYR D 282 0.01 -17.80 -0.17
N VAL D 283 -0.60 -16.64 0.09
CA VAL D 283 0.09 -15.38 0.07
C VAL D 283 -0.14 -14.61 1.36
N GLU D 284 -1.14 -14.98 2.14
CA GLU D 284 -1.23 -14.53 3.51
C GLU D 284 -0.22 -15.23 4.40
N ALA D 285 0.32 -16.36 3.97
CA ALA D 285 1.21 -17.14 4.81
C ALA D 285 2.66 -16.72 4.68
N ASN D 286 3.25 -16.84 3.49
CA ASN D 286 4.69 -16.78 3.38
C ASN D 286 5.26 -15.38 3.16
N ILE D 287 4.44 -14.36 2.95
CA ILE D 287 4.97 -13.01 2.98
C ILE D 287 4.90 -12.48 4.41
N SER D 288 5.55 -11.36 4.67
CA SER D 288 5.65 -10.83 6.02
C SER D 288 4.30 -10.28 6.46
N HIS D 289 4.27 -9.62 7.62
CA HIS D 289 3.03 -9.08 8.17
C HIS D 289 2.82 -7.62 7.85
N LYS D 290 3.85 -6.89 7.44
CA LYS D 290 3.65 -5.51 7.04
C LYS D 290 3.33 -5.39 5.57
N SER D 291 3.92 -6.26 4.75
CA SER D 291 3.51 -6.32 3.35
C SER D 291 2.05 -6.69 3.25
N HIS D 292 1.55 -7.50 4.18
CA HIS D 292 0.15 -7.89 4.11
C HIS D 292 -0.77 -6.76 4.55
N THR D 293 -0.39 -6.03 5.59
CA THR D 293 -1.15 -4.84 5.95
C THR D 293 -0.99 -3.76 4.89
N THR D 294 -0.05 -3.90 3.97
CA THR D 294 -0.03 -3.02 2.81
C THR D 294 -1.00 -3.50 1.74
N ILE D 295 -0.97 -4.79 1.42
CA ILE D 295 -1.86 -5.31 0.39
C ILE D 295 -3.32 -5.06 0.78
N LYS D 296 -3.66 -5.36 2.02
CA LYS D 296 -5.05 -5.23 2.46
C LYS D 296 -5.49 -3.78 2.49
N TYR D 297 -4.72 -2.93 3.13
CA TYR D 297 -5.09 -1.53 3.26
C TYR D 297 -4.86 -0.74 1.99
N PHE D 298 -4.29 -1.35 0.96
CA PHE D 298 -4.27 -0.72 -0.34
C PHE D 298 -5.38 -1.21 -1.24
N LEU D 299 -5.73 -2.49 -1.18
CA LEU D 299 -6.89 -2.95 -1.94
C LEU D 299 -8.15 -2.26 -1.47
N LYS D 300 -8.26 -2.02 -0.16
CA LYS D 300 -9.43 -1.28 0.32
C LYS D 300 -9.48 0.12 -0.28
N MET D 301 -8.33 0.79 -0.38
CA MET D 301 -8.35 2.13 -0.94
C MET D 301 -8.62 2.10 -2.44
N TRP D 302 -7.97 1.19 -3.16
CA TRP D 302 -8.32 0.95 -4.56
C TRP D 302 -9.82 0.87 -4.73
N SER D 303 -10.46 -0.08 -4.07
CA SER D 303 -11.86 -0.34 -4.35
C SER D 303 -12.73 0.83 -3.93
N SER D 304 -12.43 1.46 -2.79
CA SER D 304 -13.24 2.59 -2.39
C SER D 304 -13.17 3.70 -3.43
N VAL D 305 -11.97 4.02 -3.91
CA VAL D 305 -11.83 5.08 -4.88
C VAL D 305 -12.42 4.67 -6.23
N SER D 306 -12.29 3.41 -6.61
CA SER D 306 -12.84 3.00 -7.90
C SER D 306 -14.36 3.02 -7.90
N GLU D 307 -14.99 2.55 -6.82
CA GLU D 307 -16.45 2.63 -6.79
C GLU D 307 -16.91 4.07 -6.78
N THR D 308 -16.22 4.94 -6.04
CA THR D 308 -16.61 6.34 -6.06
C THR D 308 -16.46 6.93 -7.45
N LEU D 309 -15.37 6.59 -8.14
CA LEU D 309 -15.18 7.12 -9.49
C LEU D 309 -16.25 6.63 -10.45
N ILE D 310 -16.59 5.35 -10.42
CA ILE D 310 -17.52 4.93 -11.46
C ILE D 310 -18.94 5.36 -11.12
N PHE D 311 -19.24 5.66 -9.87
CA PHE D 311 -20.54 6.29 -9.61
C PHE D 311 -20.53 7.75 -10.04
N ILE D 312 -19.44 8.48 -9.79
CA ILE D 312 -19.35 9.83 -10.33
C ILE D 312 -19.42 9.79 -11.84
N PHE D 313 -18.98 8.70 -12.46
CA PHE D 313 -18.95 8.64 -13.91
C PHE D 313 -20.29 8.24 -14.51
N LEU D 314 -21.06 7.38 -13.84
CA LEU D 314 -22.44 7.21 -14.26
C LEU D 314 -23.22 8.50 -14.05
N GLY D 315 -22.78 9.32 -13.10
CA GLY D 315 -23.38 10.64 -12.95
C GLY D 315 -23.04 11.58 -14.08
N VAL D 316 -21.76 11.63 -14.47
CA VAL D 316 -21.32 12.59 -15.47
C VAL D 316 -21.58 12.11 -16.89
N SER D 317 -21.89 10.83 -17.07
CA SER D 317 -22.26 10.31 -18.38
C SER D 317 -23.77 10.14 -18.55
N THR D 318 -24.57 10.57 -17.58
CA THR D 318 -26.00 10.68 -17.77
C THR D 318 -26.43 12.08 -18.15
N VAL D 319 -25.51 13.03 -18.13
CA VAL D 319 -25.80 14.38 -18.62
C VAL D 319 -25.37 14.56 -20.05
N ALA D 320 -24.50 13.69 -20.57
CA ALA D 320 -24.08 13.73 -21.96
C ALA D 320 -24.23 12.39 -22.67
N GLY D 321 -24.76 11.36 -22.02
CA GLY D 321 -24.95 10.05 -22.60
C GLY D 321 -26.34 9.46 -22.49
N SER D 322 -27.34 10.26 -22.14
CA SER D 322 -28.73 9.82 -22.08
C SER D 322 -29.60 10.74 -22.93
N HIS D 323 -30.32 10.15 -23.86
CA HIS D 323 -31.11 10.91 -24.83
C HIS D 323 -32.03 9.92 -25.56
N HIS D 324 -32.88 10.47 -26.43
CA HIS D 324 -33.85 9.67 -27.18
C HIS D 324 -34.83 8.96 -26.24
N TRP D 325 -35.62 9.77 -25.54
CA TRP D 325 -36.59 9.25 -24.59
C TRP D 325 -37.80 8.68 -25.33
N ASN D 326 -38.20 7.47 -24.95
CA ASN D 326 -39.36 6.80 -25.52
C ASN D 326 -40.18 6.22 -24.36
N TRP D 327 -41.33 6.83 -24.07
CA TRP D 327 -42.06 6.48 -22.85
C TRP D 327 -42.40 5.00 -22.78
N THR D 328 -43.02 4.46 -23.83
CA THR D 328 -43.50 3.09 -23.73
C THR D 328 -42.36 2.13 -23.42
N PHE D 329 -41.22 2.30 -24.07
CA PHE D 329 -40.11 1.39 -23.86
C PHE D 329 -39.48 1.57 -22.49
N VAL D 330 -39.29 2.81 -22.04
CA VAL D 330 -38.67 3.05 -20.74
C VAL D 330 -39.53 2.49 -19.62
N ILE D 331 -40.82 2.84 -19.61
CA ILE D 331 -41.70 2.35 -18.58
C ILE D 331 -41.82 0.83 -18.66
N SER D 332 -41.83 0.29 -19.88
CA SER D 332 -41.91 -1.15 -20.03
C SER D 332 -40.67 -1.83 -19.47
N THR D 333 -39.48 -1.28 -19.69
CA THR D 333 -38.29 -1.96 -19.18
C THR D 333 -38.20 -1.85 -17.66
N LEU D 334 -38.62 -0.72 -17.10
CA LEU D 334 -38.71 -0.65 -15.64
C LEU D 334 -39.60 -1.74 -15.10
N LEU D 335 -40.87 -1.74 -15.52
CA LEU D 335 -41.80 -2.69 -14.95
C LEU D 335 -41.37 -4.12 -15.23
N PHE D 336 -40.77 -4.37 -16.38
CA PHE D 336 -40.51 -5.72 -16.82
C PHE D 336 -39.13 -6.21 -16.43
N CYS D 337 -38.31 -5.37 -15.80
CA CYS D 337 -37.18 -5.90 -15.04
C CYS D 337 -37.52 -6.06 -13.57
N LEU D 338 -38.35 -5.18 -13.01
CA LEU D 338 -38.73 -5.34 -11.60
C LEU D 338 -39.58 -6.58 -11.40
N ILE D 339 -40.66 -6.70 -12.18
CA ILE D 339 -41.52 -7.87 -12.11
C ILE D 339 -40.79 -9.12 -12.54
N ALA D 340 -39.81 -9.01 -13.43
CA ALA D 340 -38.99 -10.15 -13.78
C ALA D 340 -38.11 -10.59 -12.63
N ARG D 341 -37.47 -9.64 -11.97
CA ARG D 341 -36.56 -9.96 -10.89
C ARG D 341 -37.29 -10.61 -9.74
N VAL D 342 -38.39 -10.01 -9.30
CA VAL D 342 -39.09 -10.57 -8.15
C VAL D 342 -39.68 -11.93 -8.49
N LEU D 343 -40.16 -12.11 -9.72
CA LEU D 343 -40.76 -13.40 -10.05
C LEU D 343 -39.70 -14.47 -10.14
N GLY D 344 -38.56 -14.16 -10.74
CA GLY D 344 -37.47 -15.13 -10.78
C GLY D 344 -36.99 -15.51 -9.39
N VAL D 345 -36.89 -14.52 -8.51
CA VAL D 345 -36.46 -14.80 -7.14
C VAL D 345 -37.46 -15.70 -6.43
N LEU D 346 -38.75 -15.39 -6.52
CA LEU D 346 -39.73 -16.24 -5.85
C LEU D 346 -39.67 -17.66 -6.38
N GLY D 347 -39.61 -17.82 -7.70
CA GLY D 347 -39.54 -19.15 -8.26
C GLY D 347 -38.31 -19.92 -7.80
N LEU D 348 -37.14 -19.27 -7.88
CA LEU D 348 -35.92 -20.01 -7.57
C LEU D 348 -35.78 -20.27 -6.07
N THR D 349 -36.36 -19.43 -5.22
CA THR D 349 -36.32 -19.75 -3.81
C THR D 349 -37.28 -20.88 -3.48
N TRP D 350 -38.41 -20.96 -4.17
CA TRP D 350 -39.25 -22.15 -3.99
C TRP D 350 -38.49 -23.39 -4.41
N PHE D 351 -37.71 -23.28 -5.49
CA PHE D 351 -36.93 -24.43 -5.93
C PHE D 351 -35.87 -24.79 -4.88
N ILE D 352 -35.08 -23.81 -4.46
CA ILE D 352 -33.96 -24.06 -3.58
C ILE D 352 -34.41 -24.58 -2.23
N ASN D 353 -35.40 -23.93 -1.60
CA ASN D 353 -35.73 -24.28 -0.23
C ASN D 353 -36.18 -25.72 -0.08
N LYS D 354 -36.27 -26.45 -1.19
CA LYS D 354 -36.43 -27.89 -1.09
C LYS D 354 -35.08 -28.59 -0.96
N PHE D 355 -34.00 -27.81 -0.85
CA PHE D 355 -32.67 -28.41 -0.75
C PHE D 355 -31.79 -27.82 0.34
N ARG D 356 -31.93 -26.54 0.66
CA ARG D 356 -30.96 -25.94 1.57
C ARG D 356 -31.33 -26.16 3.03
N ILE D 357 -30.39 -25.80 3.89
CA ILE D 357 -30.52 -26.03 5.33
C ILE D 357 -31.34 -24.93 5.97
N VAL D 358 -30.81 -23.70 5.94
CA VAL D 358 -31.52 -22.55 6.45
C VAL D 358 -32.38 -21.97 5.32
N LYS D 359 -33.70 -22.14 5.45
CA LYS D 359 -34.60 -21.76 4.39
C LYS D 359 -34.58 -20.25 4.18
N LEU D 360 -34.84 -19.84 2.95
CA LEU D 360 -34.83 -18.42 2.60
C LEU D 360 -36.13 -17.79 3.06
N THR D 361 -36.09 -17.19 4.25
CA THR D 361 -37.25 -16.50 4.79
C THR D 361 -37.69 -15.43 3.80
N PRO D 362 -39.01 -15.22 3.65
CA PRO D 362 -39.47 -14.23 2.67
C PRO D 362 -38.86 -12.84 2.85
N LYS D 363 -38.37 -12.53 4.05
CA LYS D 363 -37.53 -11.34 4.18
C LYS D 363 -36.29 -11.46 3.31
N ASP D 364 -35.64 -12.62 3.33
CA ASP D 364 -34.47 -12.84 2.48
C ASP D 364 -34.84 -12.69 1.01
N GLN D 365 -35.94 -13.31 0.60
CA GLN D 365 -36.32 -13.25 -0.81
C GLN D 365 -36.61 -11.82 -1.22
N PHE D 366 -37.27 -11.04 -0.36
CA PHE D 366 -37.60 -9.68 -0.79
C PHE D 366 -36.39 -8.78 -0.79
N ILE D 367 -35.43 -9.00 0.11
CA ILE D 367 -34.25 -8.13 0.08
C ILE D 367 -33.29 -8.58 -1.00
N ILE D 368 -33.38 -9.84 -1.46
CA ILE D 368 -32.61 -10.24 -2.63
C ILE D 368 -33.22 -9.63 -3.88
N ALA D 369 -34.51 -9.87 -4.11
CA ALA D 369 -35.14 -9.40 -5.34
C ALA D 369 -35.15 -7.89 -5.41
N TYR D 370 -35.48 -7.23 -4.32
CA TYR D 370 -35.53 -5.77 -4.31
C TYR D 370 -34.15 -5.13 -4.20
N GLY D 371 -33.15 -5.90 -3.77
CA GLY D 371 -31.83 -5.35 -3.54
C GLY D 371 -30.81 -5.73 -4.59
N GLY D 372 -31.27 -6.26 -5.71
CA GLY D 372 -30.35 -6.51 -6.81
C GLY D 372 -30.23 -5.27 -7.66
N LEU D 373 -29.19 -4.50 -7.43
CA LEU D 373 -29.01 -3.20 -8.06
C LEU D 373 -28.35 -3.35 -9.42
N ARG D 374 -28.70 -2.45 -10.32
CA ARG D 374 -28.05 -2.38 -11.62
C ARG D 374 -27.02 -1.26 -11.57
N GLY D 375 -25.87 -1.50 -12.18
CA GLY D 375 -24.82 -0.51 -12.14
C GLY D 375 -24.07 -0.39 -13.44
N ALA D 376 -22.82 0.06 -13.38
CA ALA D 376 -22.11 0.52 -14.57
C ALA D 376 -21.84 -0.59 -15.59
N ILE D 377 -21.90 -1.86 -15.20
CA ILE D 377 -21.78 -2.93 -16.18
C ILE D 377 -23.05 -3.03 -17.03
N ALA D 378 -24.13 -2.37 -16.62
CA ALA D 378 -25.26 -2.18 -17.50
C ALA D 378 -25.12 -0.95 -18.39
N PHE D 379 -24.30 0.02 -17.98
CA PHE D 379 -24.11 1.19 -18.80
C PHE D 379 -22.95 1.00 -19.77
N SER D 380 -21.81 0.53 -19.27
CA SER D 380 -20.66 0.29 -20.12
C SER D 380 -20.84 -0.89 -21.06
N LEU D 381 -21.88 -1.70 -20.89
CA LEU D 381 -22.22 -2.71 -21.87
C LEU D 381 -23.29 -2.25 -22.84
N GLY D 382 -23.99 -1.17 -22.53
CA GLY D 382 -24.95 -0.60 -23.44
C GLY D 382 -24.29 0.49 -24.23
N TYR D 383 -22.98 0.64 -24.03
CA TYR D 383 -22.20 1.64 -24.74
C TYR D 383 -21.23 1.02 -25.73
N LEU D 384 -20.83 -0.25 -25.53
CA LEU D 384 -20.12 -1.02 -26.53
C LEU D 384 -20.98 -1.43 -27.71
N LEU D 385 -22.28 -1.26 -27.64
CA LEU D 385 -23.15 -1.65 -28.73
C LEU D 385 -23.06 -0.58 -29.80
N ASP D 386 -22.42 -0.90 -30.92
CA ASP D 386 -22.19 0.09 -31.94
C ASP D 386 -23.51 0.54 -32.56
N LYS D 387 -23.56 1.79 -32.98
CA LYS D 387 -24.75 2.38 -33.55
C LYS D 387 -24.98 1.95 -35.00
N LYS D 388 -24.05 1.19 -35.58
CA LYS D 388 -24.15 0.74 -36.96
C LYS D 388 -24.76 -0.66 -37.07
N HIS D 389 -24.30 -1.61 -36.26
CA HIS D 389 -24.93 -2.92 -36.23
C HIS D 389 -26.34 -2.83 -35.67
N PHE D 390 -26.49 -2.20 -34.51
CA PHE D 390 -27.80 -2.03 -33.86
C PHE D 390 -28.21 -0.58 -33.98
N PRO D 391 -29.11 -0.24 -34.90
CA PRO D 391 -29.50 1.16 -35.08
C PRO D 391 -30.43 1.70 -34.01
N MET D 392 -30.71 0.94 -32.96
CA MET D 392 -31.48 1.43 -31.82
C MET D 392 -30.58 1.35 -30.59
N CYS D 393 -29.73 2.35 -30.42
CA CYS D 393 -28.96 2.52 -29.20
C CYS D 393 -29.02 3.97 -28.74
N ASP D 394 -29.71 4.82 -29.49
CA ASP D 394 -30.18 6.08 -28.95
C ASP D 394 -31.13 5.84 -27.78
N LEU D 395 -31.88 4.73 -27.85
CA LEU D 395 -32.92 4.44 -26.87
C LEU D 395 -32.42 3.48 -25.81
N PHE D 396 -31.61 2.50 -26.18
CA PHE D 396 -31.09 1.56 -25.19
C PHE D 396 -30.35 2.30 -24.09
N LEU D 397 -29.60 3.34 -24.44
CA LEU D 397 -28.91 4.09 -23.40
C LEU D 397 -29.88 4.78 -22.46
N THR D 398 -30.96 5.37 -22.96
CA THR D 398 -31.83 6.07 -22.04
C THR D 398 -32.62 5.08 -21.18
N ALA D 399 -32.96 3.91 -21.73
CA ALA D 399 -33.59 2.90 -20.90
C ALA D 399 -32.64 2.40 -19.84
N ILE D 400 -31.38 2.14 -20.22
CA ILE D 400 -30.38 1.69 -19.25
C ILE D 400 -30.16 2.75 -18.20
N ILE D 401 -30.13 4.02 -18.59
CA ILE D 401 -29.87 5.09 -17.64
C ILE D 401 -31.02 5.27 -16.68
N THR D 402 -32.26 5.22 -17.17
CA THR D 402 -33.38 5.29 -16.24
C THR D 402 -33.39 4.08 -15.32
N VAL D 403 -33.01 2.90 -15.81
CA VAL D 403 -32.99 1.73 -14.94
C VAL D 403 -31.87 1.81 -13.91
N ILE D 404 -30.70 2.28 -14.31
CA ILE D 404 -29.62 2.51 -13.36
C ILE D 404 -30.08 3.49 -12.29
N PHE D 405 -30.72 4.58 -12.71
CA PHE D 405 -31.15 5.57 -11.75
C PHE D 405 -32.25 5.03 -10.85
N PHE D 406 -33.11 4.16 -11.37
CA PHE D 406 -34.17 3.63 -10.53
C PHE D 406 -33.64 2.63 -9.52
N THR D 407 -32.75 1.74 -9.95
CA THR D 407 -32.24 0.76 -9.02
C THR D 407 -31.08 1.28 -8.20
N VAL D 408 -30.66 2.51 -8.41
CA VAL D 408 -29.63 3.06 -7.53
C VAL D 408 -30.21 4.12 -6.62
N PHE D 409 -31.29 4.77 -7.04
CA PHE D 409 -31.94 5.76 -6.18
C PHE D 409 -33.09 5.14 -5.41
N VAL D 410 -34.12 4.70 -6.12
CA VAL D 410 -35.35 4.26 -5.46
C VAL D 410 -35.22 2.84 -4.93
N GLN D 411 -34.31 2.05 -5.46
CA GLN D 411 -33.89 0.84 -4.77
C GLN D 411 -32.61 1.06 -3.97
N GLY D 412 -32.15 2.30 -3.89
CA GLY D 412 -31.00 2.64 -3.07
C GLY D 412 -31.33 3.47 -1.84
N MET D 413 -32.21 4.47 -1.98
CA MET D 413 -32.55 5.24 -0.79
C MET D 413 -33.61 4.52 0.04
N THR D 414 -34.22 3.49 -0.52
CA THR D 414 -35.30 2.79 0.15
C THR D 414 -34.87 1.45 0.74
N ILE D 415 -33.80 0.84 0.21
CA ILE D 415 -33.29 -0.38 0.84
C ILE D 415 -32.84 -0.09 2.27
N ARG D 416 -32.45 1.16 2.56
CA ARG D 416 -32.11 1.53 3.94
C ARG D 416 -33.29 1.40 4.88
N PRO D 417 -34.40 2.14 4.72
CA PRO D 417 -35.52 1.94 5.63
C PRO D 417 -36.22 0.60 5.46
N LEU D 418 -36.00 -0.08 4.33
CA LEU D 418 -36.75 -1.31 4.08
C LEU D 418 -36.35 -2.41 5.05
N VAL D 419 -35.04 -2.59 5.27
CA VAL D 419 -34.61 -3.62 6.20
C VAL D 419 -35.05 -3.28 7.61
N ASP D 420 -35.06 -2.00 7.95
CA ASP D 420 -35.55 -1.58 9.26
C ASP D 420 -37.02 -1.93 9.43
N LEU D 421 -37.83 -1.67 8.41
CA LEU D 421 -39.26 -1.97 8.52
C LEU D 421 -39.50 -3.47 8.54
N LEU D 422 -38.84 -4.22 7.65
CA LEU D 422 -38.99 -5.67 7.64
C LEU D 422 -38.30 -6.33 8.82
N ALA D 423 -37.42 -5.62 9.52
CA ALA D 423 -36.72 -6.14 10.69
C ALA D 423 -35.97 -7.43 10.34
N VAL D 424 -34.98 -7.27 9.47
CA VAL D 424 -34.11 -8.35 9.11
C VAL D 424 -32.88 -8.30 10.01
N LYS D 425 -32.29 -9.46 10.25
CA LYS D 425 -31.10 -9.54 11.10
C LYS D 425 -29.95 -8.76 10.46
N LYS D 426 -29.30 -7.93 11.28
CA LYS D 426 -28.30 -6.99 10.80
C LYS D 426 -26.97 -7.28 11.47
N LYS D 427 -26.09 -8.00 10.76
CA LYS D 427 -24.67 -8.13 11.09
C LYS D 427 -24.44 -8.45 12.57
N GLN D 428 -24.89 -9.64 12.97
CA GLN D 428 -24.64 -10.09 14.34
C GLN D 428 -23.15 -10.32 14.58
N GLU D 429 -22.39 -10.52 13.51
CA GLU D 429 -21.01 -10.98 13.57
C GLU D 429 -19.99 -9.84 13.53
N THR D 430 -20.29 -8.69 14.13
CA THR D 430 -19.41 -7.53 14.05
C THR D 430 -17.99 -7.83 14.53
N LYS D 431 -17.86 -8.52 15.66
CA LYS D 431 -16.54 -8.77 16.25
C LYS D 431 -16.10 -10.22 16.01
N ARG D 432 -14.96 -10.59 16.59
CA ARG D 432 -14.36 -11.90 16.41
C ARG D 432 -13.81 -12.39 17.73
N SER D 433 -13.81 -13.70 17.93
CA SER D 433 -13.34 -14.32 19.15
C SER D 433 -12.41 -15.46 18.84
N ILE D 434 -11.91 -16.09 19.90
CA ILE D 434 -11.07 -17.28 19.74
C ILE D 434 -11.89 -18.54 19.94
N ASN D 435 -12.79 -18.54 20.93
CA ASN D 435 -13.60 -19.73 21.18
C ASN D 435 -14.51 -20.00 20.00
N GLU D 436 -15.04 -18.95 19.39
CA GLU D 436 -15.71 -19.06 18.10
C GLU D 436 -14.91 -19.92 17.15
N GLU D 437 -13.65 -19.57 16.94
CA GLU D 437 -12.85 -20.26 15.92
C GLU D 437 -12.61 -21.71 16.30
N ILE D 438 -12.21 -21.96 17.55
CA ILE D 438 -11.89 -23.33 17.94
C ILE D 438 -13.11 -24.22 17.83
N HIS D 439 -14.23 -23.79 18.41
CA HIS D 439 -15.41 -24.63 18.38
C HIS D 439 -15.97 -24.74 16.96
N THR D 440 -15.82 -23.69 16.15
CA THR D 440 -16.27 -23.78 14.77
C THR D 440 -15.53 -24.90 14.05
N GLN D 441 -14.22 -24.97 14.22
CA GLN D 441 -13.53 -26.06 13.54
C GLN D 441 -13.91 -27.40 14.15
N PHE D 442 -14.23 -27.43 15.44
CA PHE D 442 -14.69 -28.68 16.03
C PHE D 442 -15.97 -29.16 15.36
N LEU D 443 -16.94 -28.26 15.21
CA LEU D 443 -18.20 -28.64 14.57
C LEU D 443 -17.99 -29.03 13.12
N ASP D 444 -17.08 -28.34 12.43
CA ASP D 444 -16.79 -28.71 11.05
C ASP D 444 -16.27 -30.13 10.97
N HIS D 445 -15.35 -30.50 11.86
CA HIS D 445 -14.85 -31.88 11.84
C HIS D 445 -15.92 -32.87 12.24
N LEU D 446 -16.80 -32.48 13.17
CA LEU D 446 -17.91 -33.33 13.56
C LEU D 446 -18.77 -33.68 12.36
N LEU D 447 -19.20 -32.66 11.61
CA LEU D 447 -20.03 -32.92 10.45
C LEU D 447 -19.27 -33.69 9.38
N THR D 448 -17.99 -33.39 9.20
CA THR D 448 -17.22 -34.12 8.22
C THR D 448 -17.21 -35.61 8.54
N GLY D 449 -17.21 -35.95 9.83
CA GLY D 449 -17.37 -37.35 10.19
C GLY D 449 -18.77 -37.87 9.91
N ILE D 450 -19.78 -37.11 10.34
CA ILE D 450 -21.15 -37.60 10.30
C ILE D 450 -21.60 -37.83 8.86
N GLU D 451 -21.33 -36.88 7.98
CA GLU D 451 -21.80 -36.98 6.61
C GLU D 451 -21.23 -38.20 5.91
N ASP D 452 -19.97 -38.52 6.18
CA ASP D 452 -19.41 -39.74 5.62
C ASP D 452 -19.97 -40.98 6.30
N ILE D 453 -20.34 -40.89 7.58
CA ILE D 453 -21.02 -42.01 8.20
C ILE D 453 -22.33 -42.32 7.47
N CYS D 454 -23.12 -41.29 7.22
CA CYS D 454 -24.40 -41.47 6.55
C CYS D 454 -24.20 -41.94 5.11
N GLY D 455 -23.22 -41.38 4.43
CA GLY D 455 -23.09 -41.51 3.00
C GLY D 455 -23.48 -40.26 2.24
N HIS D 456 -24.03 -39.26 2.93
CA HIS D 456 -24.46 -38.02 2.30
C HIS D 456 -23.27 -37.18 1.89
N TYR D 457 -22.74 -37.43 0.70
CA TYR D 457 -21.58 -36.68 0.23
C TYR D 457 -21.99 -35.26 -0.11
N GLY D 458 -21.46 -34.30 0.63
CA GLY D 458 -21.90 -32.94 0.48
C GLY D 458 -20.75 -31.96 0.63
N HIS D 459 -21.10 -30.75 1.05
CA HIS D 459 -20.11 -29.68 1.11
C HIS D 459 -18.95 -30.04 2.04
N HIS D 460 -19.28 -30.59 3.21
CA HIS D 460 -18.21 -30.88 4.17
C HIS D 460 -17.27 -31.95 3.66
N HIS D 461 -17.79 -32.96 2.99
CA HIS D 461 -16.90 -34.02 2.49
C HIS D 461 -15.95 -33.48 1.43
N TRP D 462 -16.44 -32.60 0.55
CA TRP D 462 -15.55 -32.04 -0.45
C TRP D 462 -14.55 -31.09 0.18
N LYS D 463 -14.97 -30.30 1.17
CA LYS D 463 -14.00 -29.51 1.91
C LYS D 463 -12.94 -30.40 2.55
N ASP D 464 -13.34 -31.57 3.04
CA ASP D 464 -12.38 -32.49 3.63
C ASP D 464 -11.36 -32.96 2.61
N LYS D 465 -11.84 -33.43 1.45
CA LYS D 465 -10.91 -33.92 0.44
C LYS D 465 -9.99 -32.82 -0.04
N LEU D 466 -10.54 -31.63 -0.29
CA LEU D 466 -9.72 -30.52 -0.75
C LEU D 466 -8.70 -30.11 0.30
N ASN D 467 -9.09 -30.06 1.57
CA ASN D 467 -8.17 -29.62 2.61
C ASN D 467 -7.08 -30.65 2.85
N ARG D 468 -7.43 -31.94 2.86
CA ARG D 468 -6.38 -32.94 2.93
C ARG D 468 -5.45 -32.86 1.72
N PHE D 469 -6.01 -32.60 0.54
CA PHE D 469 -5.18 -32.52 -0.65
C PHE D 469 -4.19 -31.38 -0.54
N ASN D 470 -4.64 -30.16 -0.25
CA ASN D 470 -3.71 -29.06 -0.14
C ASN D 470 -3.13 -28.93 1.27
N LYS D 471 -3.19 -30.00 2.06
CA LYS D 471 -2.32 -30.16 3.21
C LYS D 471 -1.27 -31.23 3.00
N LYS D 472 -1.43 -32.08 1.99
CA LYS D 472 -0.39 -33.04 1.63
C LYS D 472 0.43 -32.58 0.43
N TYR D 473 -0.22 -32.37 -0.71
CA TYR D 473 0.49 -32.16 -1.96
C TYR D 473 0.78 -30.69 -2.23
N VAL D 474 -0.08 -29.80 -1.78
CA VAL D 474 0.18 -28.37 -1.83
C VAL D 474 0.49 -27.97 -0.38
N LYS D 475 0.89 -26.71 -0.19
CA LYS D 475 1.16 -26.14 1.12
C LYS D 475 2.46 -26.72 1.67
N LYS D 476 3.03 -27.70 0.99
CA LYS D 476 4.42 -28.06 1.19
C LYS D 476 5.28 -27.76 -0.02
N CYS D 477 4.67 -27.71 -1.21
CA CYS D 477 5.34 -27.30 -2.43
C CYS D 477 4.87 -25.92 -2.89
N LEU D 478 4.22 -25.17 -2.03
CA LEU D 478 3.73 -23.85 -2.44
C LEU D 478 3.91 -22.75 -1.40
N ILE D 479 4.01 -23.06 -0.11
CA ILE D 479 4.16 -22.01 0.90
C ILE D 479 5.61 -21.87 1.34
N ALA D 480 6.18 -22.96 1.85
CA ALA D 480 7.60 -23.03 2.20
C ALA D 480 8.12 -21.78 2.91
N GLY D 481 7.28 -21.17 3.74
CA GLY D 481 7.71 -20.06 4.57
C GLY D 481 7.76 -20.51 6.02
N GLU D 482 8.16 -21.77 6.21
CA GLU D 482 8.23 -22.45 7.50
C GLU D 482 6.82 -22.76 8.01
N ARG D 483 5.80 -22.22 7.33
CA ARG D 483 4.41 -22.45 7.70
C ARG D 483 3.78 -23.55 6.86
N SER D 484 4.55 -24.55 6.47
CA SER D 484 4.03 -25.62 5.64
C SER D 484 3.09 -26.54 6.41
N LYS D 485 3.02 -26.41 7.73
CA LYS D 485 2.26 -27.37 8.52
C LYS D 485 1.48 -26.74 9.67
N GLU D 486 1.50 -25.43 9.82
CA GLU D 486 0.83 -24.80 10.95
C GLU D 486 -0.65 -24.65 10.67
N PRO D 487 -1.52 -25.30 11.44
CA PRO D 487 -2.96 -25.23 11.15
C PRO D 487 -3.51 -23.84 11.36
N GLN D 488 -4.78 -23.68 10.98
CA GLN D 488 -5.40 -22.37 11.09
C GLN D 488 -5.61 -21.95 12.54
N LEU D 489 -5.65 -22.89 13.48
CA LEU D 489 -5.74 -22.51 14.88
C LEU D 489 -4.56 -21.64 15.27
N ILE D 490 -3.35 -22.12 14.97
CA ILE D 490 -2.14 -21.41 15.36
C ILE D 490 -2.06 -20.06 14.67
N ALA D 491 -2.37 -20.03 13.37
CA ALA D 491 -2.31 -18.78 12.62
C ALA D 491 -3.32 -17.77 13.15
N PHE D 492 -4.53 -18.22 13.45
CA PHE D 492 -5.53 -17.31 14.00
C PHE D 492 -5.12 -16.81 15.38
N TYR D 493 -4.54 -17.68 16.20
CA TYR D 493 -4.07 -17.23 17.50
C TYR D 493 -3.02 -16.14 17.33
N HIS D 494 -2.07 -16.36 16.42
CA HIS D 494 -1.03 -15.34 16.20
C HIS D 494 -1.61 -14.04 15.69
N LYS D 495 -2.57 -14.12 14.76
CA LYS D 495 -3.19 -12.90 14.25
C LYS D 495 -3.88 -12.14 15.37
N MET D 496 -4.70 -12.82 16.16
CA MET D 496 -5.40 -12.13 17.24
C MET D 496 -4.43 -11.59 18.28
N GLU D 497 -3.40 -12.36 18.61
CA GLU D 497 -2.42 -11.91 19.59
C GLU D 497 -1.70 -10.66 19.12
N MET D 498 -1.27 -10.66 17.86
CA MET D 498 -0.63 -9.48 17.29
C MET D 498 -1.55 -8.27 17.36
N LYS D 499 -2.83 -8.48 16.99
CA LYS D 499 -3.77 -7.36 16.98
C LYS D 499 -3.97 -6.78 18.37
N GLN D 500 -4.21 -7.64 19.37
CA GLN D 500 -4.49 -7.10 20.70
C GLN D 500 -3.24 -6.47 21.29
N ALA D 501 -2.06 -7.02 21.00
CA ALA D 501 -0.83 -6.43 21.49
C ALA D 501 -0.61 -5.05 20.88
N ILE D 502 -0.85 -4.91 19.57
CA ILE D 502 -0.70 -3.61 18.93
C ILE D 502 -1.67 -2.61 19.55
N GLU D 503 -2.92 -3.03 19.76
CA GLU D 503 -3.90 -2.12 20.33
C GLU D 503 -3.53 -1.72 21.76
N LEU D 504 -3.03 -2.67 22.55
CA LEU D 504 -2.61 -2.35 23.91
C LEU D 504 -1.44 -1.36 23.91
N VAL D 505 -0.47 -1.57 23.01
CA VAL D 505 0.68 -0.66 22.97
C VAL D 505 0.26 0.72 22.50
N GLU D 506 -0.68 0.80 21.55
CA GLU D 506 -1.19 2.10 21.13
C GLU D 506 -1.84 2.84 22.29
N SER D 507 -2.58 2.11 23.13
CA SER D 507 -3.23 2.73 24.27
C SER D 507 -2.23 3.04 25.38
N GLY D 508 -1.23 3.86 25.07
CA GLY D 508 -0.29 4.28 26.08
C GLY D 508 -0.90 5.17 27.14
N GLY D 509 -1.86 6.02 26.75
CA GLY D 509 -2.51 6.92 27.68
C GLY D 509 -2.79 8.28 27.06
C48 PGT E . 2.33 -0.81 -8.36
C47 PGT E . 3.65 -0.90 -9.13
C46 PGT E . 3.71 0.20 -10.17
C45 PGT E . 4.84 -0.12 -11.14
C44 PGT E . 5.24 1.13 -11.90
C43 PGT E . 4.97 0.91 -13.39
C42 PGT E . 4.44 2.21 -13.99
C41 PGT E . 4.24 2.01 -15.49
C40 PGT E . 5.52 1.48 -16.12
C39 PGT E . 5.47 1.81 -17.60
C38 PGT E . 6.16 0.69 -18.38
C37 PGT E . 6.23 1.13 -19.84
C36 PGT E . 6.19 -0.08 -20.75
C35 PGT E . 6.59 0.35 -22.16
C34 PGT E . 6.28 -0.78 -23.14
C33 PGT E . 5.05 -0.40 -23.96
C48 PGT F . 3.20 8.83 -7.26
C47 PGT F . 2.27 8.91 -8.46
C46 PGT F . 2.34 7.63 -9.28
C45 PGT F . 2.10 7.97 -10.74
C44 PGT F . 1.87 6.68 -11.52
C43 PGT F . 0.78 6.88 -12.57
C42 PGT F . 0.20 5.54 -12.99
C41 PGT F . 1.31 4.64 -13.53
C40 PGT F . 0.74 3.64 -14.53
C39 PGT F . 0.56 4.30 -15.89
C38 PGT F . 1.66 3.83 -16.84
C37 PGT F . 1.31 4.17 -18.28
C36 PGT F . 2.32 3.49 -19.20
C35 PGT F . 1.99 3.78 -20.66
C34 PGT F . 2.99 3.06 -21.55
C33 PGT F . 2.63 3.29 -23.02
C1 HG0 G . 9.22 15.98 -21.36
C10 HG0 G . 6.21 18.28 -18.76
C11 HG0 G . 11.36 18.88 -16.77
C12 HG0 G . 12.51 16.98 -15.46
C2 HG0 G . 9.76 16.71 -20.15
C3 HG0 G . 8.95 17.10 -19.10
C4 HG0 G . 11.12 17.03 -20.10
C5 HG0 G . 10.20 15.53 -22.27
C6 HG0 G . 8.53 17.03 -22.22
C7 HG0 G . 9.52 17.78 -18.05
C8 HG0 G . 10.86 18.09 -17.99
C9 HG0 G . 11.67 17.72 -19.03
N1 HG0 G . 12.10 18.35 -15.63
N2 HG0 G . 13.14 16.68 -14.44
N3 HG0 G . 12.24 16.11 -16.32
O1 HG0 G . 6.59 16.15 -20.19
O2 HG0 G . 6.88 15.64 -18.14
O3 HG0 G . 11.11 20.04 -16.73
S1 HG0 G . 7.16 16.76 -19.02
C11 PGT H . -1.68 6.57 -6.35
C12 PGT H . -1.57 7.25 -7.70
C13 PGT H . -2.24 8.62 -7.64
C14 PGT H . -3.13 8.79 -8.85
C15 PGT H . -2.58 9.92 -9.71
C16 PGT H . -3.02 9.72 -11.15
C17 PGT H . -2.74 8.30 -11.61
C18 PGT H . -3.36 8.07 -12.98
C19 PGT H . -2.29 8.05 -14.06
C20 PGT H . -2.97 7.99 -15.43
C21 PGT H . -2.01 7.43 -16.48
C22 PGT H . -2.59 7.75 -17.86
C23 PGT H . -1.89 6.89 -18.91
C24 PGT H . -2.46 7.22 -20.29
C11 PGT I . -0.32 -2.50 -8.91
C12 PGT I . -0.80 -2.44 -10.36
C13 PGT I . -0.21 -3.62 -11.14
C14 PGT I . 0.34 -3.12 -12.45
C15 PGT I . -0.47 -3.71 -13.59
C16 PGT I . -0.38 -2.80 -14.82
C17 PGT I . -0.68 -1.36 -14.43
C18 PGT I . -0.39 -0.45 -15.61
C19 PGT I . -1.69 0.03 -16.25
C20 PGT I . -1.35 0.80 -17.53
C21 PGT I . -2.50 1.73 -17.91
C22 PGT I . -2.30 2.17 -19.36
C23 PGT I . -3.17 3.38 -19.65
C24 PGT I . -2.98 3.80 -21.11
C48 PGT J . -4.23 4.65 -6.07
C47 PGT J . -5.68 5.03 -6.35
C46 PGT J . -6.06 4.58 -7.75
C45 PGT J . -7.37 5.27 -8.12
C44 PGT J . -8.03 4.52 -9.28
C43 PGT J . -8.10 5.46 -10.48
C42 PGT J . -7.83 4.66 -11.75
C41 PGT J . -7.97 5.57 -12.95
C40 PGT J . -9.33 6.27 -12.92
C39 PGT J . -9.67 6.72 -14.33
C38 PGT J . -10.44 8.02 -14.27
C37 PGT J . -10.90 8.35 -15.68
C36 PGT J . -11.00 9.86 -15.87
C35 PGT J . -11.74 10.15 -17.16
C34 PGT J . -11.61 11.62 -17.50
C33 PGT J . -10.64 11.79 -18.67
C48 PGT K . -5.44 -4.32 -9.66
C47 PGT K . -4.83 -3.74 -10.93
C46 PGT K . -5.01 -2.23 -10.98
C45 PGT K . -5.15 -1.79 -12.43
C44 PGT K . -5.04 -0.28 -12.50
C43 PGT K . -4.25 0.13 -13.74
C42 PGT K . -3.69 1.54 -13.58
C41 PGT K . -4.85 2.52 -13.31
C40 PGT K . -4.46 3.92 -13.80
C39 PGT K . -4.66 4.02 -15.31
C38 PGT K . -5.92 4.82 -15.60
C37 PGT K . -5.96 5.26 -17.07
C36 PGT K . -7.12 6.24 -17.25
C35 PGT K . -7.16 6.72 -18.70
C34 PGT K . -8.30 7.72 -18.86
C33 PGT K . -8.33 8.26 -20.28
C1 HG0 L . -15.14 -3.99 -23.51
C10 HG0 L . -11.75 -7.08 -23.19
C11 HG0 L . -16.30 -8.90 -20.57
C12 HG0 L . -16.96 -7.96 -18.28
C2 HG0 L . -15.42 -5.26 -22.73
C3 HG0 L . -14.41 -6.05 -22.24
C4 HG0 L . -16.74 -5.64 -22.52
C5 HG0 L . -16.28 -3.21 -23.82
C6 HG0 L . -14.75 -4.44 -24.92
C7 HG0 L . -14.75 -7.20 -21.55
C8 HG0 L . -16.05 -7.59 -21.32
C9 HG0 L . -17.06 -6.79 -21.82
N1 HG0 L . -16.70 -9.05 -19.18
N2 HG0 L . -17.31 -8.24 -17.12
N3 HG0 L . -16.85 -6.77 -18.62
O1 HG0 L . -12.33 -4.55 -23.25
O2 HG0 L . -12.07 -5.12 -21.22
O3 HG0 L . -16.12 -9.91 -21.18
S1 HG0 L . -12.63 -5.70 -22.43
#